data_1CBY
# 
_entry.id   1CBY 
# 
_audit_conform.dict_name       mmcif_pdbx.dic 
_audit_conform.dict_version    5.385 
_audit_conform.dict_location   http://mmcif.pdb.org/dictionaries/ascii/mmcif_pdbx.dic 
# 
loop_
_database_2.database_id 
_database_2.database_code 
_database_2.pdbx_database_accession 
_database_2.pdbx_DOI 
PDB   1CBY         pdb_00001cby 10.2210/pdb1cby/pdb 
WWPDB D_1000172220 ?            ?                   
# 
loop_
_pdbx_audit_revision_history.ordinal 
_pdbx_audit_revision_history.data_content_type 
_pdbx_audit_revision_history.major_revision 
_pdbx_audit_revision_history.minor_revision 
_pdbx_audit_revision_history.revision_date 
1 'Structure model' 1 0 1996-10-14 
2 'Structure model' 1 1 2008-03-24 
3 'Structure model' 1 2 2011-07-13 
4 'Structure model' 1 3 2024-02-07 
# 
_pdbx_audit_revision_details.ordinal             1 
_pdbx_audit_revision_details.revision_ordinal    1 
_pdbx_audit_revision_details.data_content_type   'Structure model' 
_pdbx_audit_revision_details.provider            repository 
_pdbx_audit_revision_details.type                'Initial release' 
_pdbx_audit_revision_details.description         ? 
_pdbx_audit_revision_details.details             ? 
# 
loop_
_pdbx_audit_revision_group.ordinal 
_pdbx_audit_revision_group.revision_ordinal 
_pdbx_audit_revision_group.data_content_type 
_pdbx_audit_revision_group.group 
1 2 'Structure model' 'Version format compliance' 
2 3 'Structure model' 'Derived calculations'      
3 3 'Structure model' 'Version format compliance' 
4 4 'Structure model' 'Data collection'           
5 4 'Structure model' 'Database references'       
6 4 'Structure model' Other                       
# 
loop_
_pdbx_audit_revision_category.ordinal 
_pdbx_audit_revision_category.revision_ordinal 
_pdbx_audit_revision_category.data_content_type 
_pdbx_audit_revision_category.category 
1 4 'Structure model' chem_comp_atom       
2 4 'Structure model' chem_comp_bond       
3 4 'Structure model' database_2           
4 4 'Structure model' pdbx_database_status 
# 
loop_
_pdbx_audit_revision_item.ordinal 
_pdbx_audit_revision_item.revision_ordinal 
_pdbx_audit_revision_item.data_content_type 
_pdbx_audit_revision_item.item 
1 4 'Structure model' '_database_2.pdbx_DOI'                
2 4 'Structure model' '_database_2.pdbx_database_accession' 
3 4 'Structure model' '_pdbx_database_status.process_site'  
# 
_pdbx_database_status.status_code                     REL 
_pdbx_database_status.entry_id                        1CBY 
_pdbx_database_status.recvd_initial_deposition_date   1995-09-05 
_pdbx_database_status.deposit_site                    ? 
_pdbx_database_status.process_site                    BNL 
_pdbx_database_status.status_code_sf                  REL 
_pdbx_database_status.status_code_mr                  ? 
_pdbx_database_status.SG_entry                        ? 
_pdbx_database_status.pdb_format_compatible           Y 
_pdbx_database_status.status_code_cs                  ? 
_pdbx_database_status.status_code_nmr_data            ? 
_pdbx_database_status.methods_development_category    ? 
# 
_audit_author.name           'Li, J.' 
_audit_author.pdbx_ordinal   1 
# 
loop_
_citation.id 
_citation.title 
_citation.journal_abbrev 
_citation.journal_volume 
_citation.page_first 
_citation.page_last 
_citation.year 
_citation.journal_id_ASTM 
_citation.country 
_citation.journal_id_ISSN 
_citation.journal_id_CSD 
_citation.book_publisher 
_citation.pdbx_database_id_PubMed 
_citation.pdbx_database_id_DOI 
primary 
;Structure of the mosquitocidal delta-endotoxin CytB from Bacillus thuringiensis sp. kyushuensis and implications for membrane pore formation.
;
J.Mol.Biol.                     257 129  152 1996 JMOBAK UK 0022-2836 0070 ? 8632451 10.1006/jmbi.1996.0152 
1       
'Crystallization of a Membrane Pore-Forming Protein with Mosquitocidal Activity from Bacillus Thuringiensis Subsp. Kyushuensis' 
Proteins                        23  290  ?   1995 PSFGEY US 0887-3585 0867 ? ?       ?                      
2       'Biochemical Characterization of Bacillus Thuringiensis Cytolytic Delta-Endotoxins' 'Microbiology (Reading, Engl.)' 140 
1869 ?   1994 MROBEO UK 1350-0872 2076 ? ?       ?                      
3       'Cloning and Characterization of a Novel Bacillus Thuringiensis Cytolytic Delta-Endotoxin' J.Mol.Biol.                     
229 319  ?   1993 JMOBAK UK 0022-2836 0070 ? ?       ?                      
# 
loop_
_citation_author.citation_id 
_citation_author.name 
_citation_author.ordinal 
_citation_author.identifier_ORCID 
primary 'Li, J.'      1  ? 
primary 'Koni, P.A.'  2  ? 
primary 'Ellar, D.J.' 3  ? 
1       'Li, J.'      4  ? 
1       'Koni, P.A.'  5  ? 
1       'Ellar, D.J.' 6  ? 
2       'Koni, P.A.'  7  ? 
2       'Ellar, D.J.' 8  ? 
3       'Koni, P.A.'  9  ? 
3       'Ellar, D.J.' 10 ? 
# 
loop_
_entity.id 
_entity.type 
_entity.src_method 
_entity.pdbx_description 
_entity.formula_weight 
_entity.pdbx_number_of_molecules 
_entity.pdbx_ec 
_entity.pdbx_mutation 
_entity.pdbx_fragment 
_entity.details 
1 polymer man 'DELTA-ENDOTOXIN CYTB' 29260.270 1  ? ? ? ? 
2 water   nat water                  18.015    28 ? ? ? ? 
# 
_entity_poly.entity_id                      1 
_entity_poly.type                           'polypeptide(L)' 
_entity_poly.nstd_linkage                   no 
_entity_poly.nstd_monomer                   no 
_entity_poly.pdbx_seq_one_letter_code       
;MYTKNFSNSRMEVKGNNGCSAPIIRKPFKHIVLTVPSSDLDNFNTVFYVQPQYINQALHLANAFQGAIDPLNLNFNFEKA
LQIANGIPNSAIVKTLNQSVIQQTVEISVMVEQLKKIIQEVLGLVINSTSFWNSVEATIKGTFTNLDTQIDEAWIFWHSL
SAHNTSYYYNILFSIQNEDTGAVMAVLPLAFEVSVDVEKQKVLFFTIKDSARYEVKMKALTLVQALHSSNAPIVDIFNVN
NYNLYHSNHKIIQNLNLSN
;
_entity_poly.pdbx_seq_one_letter_code_can   
;MYTKNFSNSRMEVKGNNGCSAPIIRKPFKHIVLTVPSSDLDNFNTVFYVQPQYINQALHLANAFQGAIDPLNLNFNFEKA
LQIANGIPNSAIVKTLNQSVIQQTVEISVMVEQLKKIIQEVLGLVINSTSFWNSVEATIKGTFTNLDTQIDEAWIFWHSL
SAHNTSYYYNILFSIQNEDTGAVMAVLPLAFEVSVDVEKQKVLFFTIKDSARYEVKMKALTLVQALHSSNAPIVDIFNVN
NYNLYHSNHKIIQNLNLSN
;
_entity_poly.pdbx_strand_id                 A 
_entity_poly.pdbx_target_identifier         ? 
# 
_pdbx_entity_nonpoly.entity_id   2 
_pdbx_entity_nonpoly.name        water 
_pdbx_entity_nonpoly.comp_id     HOH 
# 
loop_
_entity_poly_seq.entity_id 
_entity_poly_seq.num 
_entity_poly_seq.mon_id 
_entity_poly_seq.hetero 
1 1   MET n 
1 2   TYR n 
1 3   THR n 
1 4   LYS n 
1 5   ASN n 
1 6   PHE n 
1 7   SER n 
1 8   ASN n 
1 9   SER n 
1 10  ARG n 
1 11  MET n 
1 12  GLU n 
1 13  VAL n 
1 14  LYS n 
1 15  GLY n 
1 16  ASN n 
1 17  ASN n 
1 18  GLY n 
1 19  CYS n 
1 20  SER n 
1 21  ALA n 
1 22  PRO n 
1 23  ILE n 
1 24  ILE n 
1 25  ARG n 
1 26  LYS n 
1 27  PRO n 
1 28  PHE n 
1 29  LYS n 
1 30  HIS n 
1 31  ILE n 
1 32  VAL n 
1 33  LEU n 
1 34  THR n 
1 35  VAL n 
1 36  PRO n 
1 37  SER n 
1 38  SER n 
1 39  ASP n 
1 40  LEU n 
1 41  ASP n 
1 42  ASN n 
1 43  PHE n 
1 44  ASN n 
1 45  THR n 
1 46  VAL n 
1 47  PHE n 
1 48  TYR n 
1 49  VAL n 
1 50  GLN n 
1 51  PRO n 
1 52  GLN n 
1 53  TYR n 
1 54  ILE n 
1 55  ASN n 
1 56  GLN n 
1 57  ALA n 
1 58  LEU n 
1 59  HIS n 
1 60  LEU n 
1 61  ALA n 
1 62  ASN n 
1 63  ALA n 
1 64  PHE n 
1 65  GLN n 
1 66  GLY n 
1 67  ALA n 
1 68  ILE n 
1 69  ASP n 
1 70  PRO n 
1 71  LEU n 
1 72  ASN n 
1 73  LEU n 
1 74  ASN n 
1 75  PHE n 
1 76  ASN n 
1 77  PHE n 
1 78  GLU n 
1 79  LYS n 
1 80  ALA n 
1 81  LEU n 
1 82  GLN n 
1 83  ILE n 
1 84  ALA n 
1 85  ASN n 
1 86  GLY n 
1 87  ILE n 
1 88  PRO n 
1 89  ASN n 
1 90  SER n 
1 91  ALA n 
1 92  ILE n 
1 93  VAL n 
1 94  LYS n 
1 95  THR n 
1 96  LEU n 
1 97  ASN n 
1 98  GLN n 
1 99  SER n 
1 100 VAL n 
1 101 ILE n 
1 102 GLN n 
1 103 GLN n 
1 104 THR n 
1 105 VAL n 
1 106 GLU n 
1 107 ILE n 
1 108 SER n 
1 109 VAL n 
1 110 MET n 
1 111 VAL n 
1 112 GLU n 
1 113 GLN n 
1 114 LEU n 
1 115 LYS n 
1 116 LYS n 
1 117 ILE n 
1 118 ILE n 
1 119 GLN n 
1 120 GLU n 
1 121 VAL n 
1 122 LEU n 
1 123 GLY n 
1 124 LEU n 
1 125 VAL n 
1 126 ILE n 
1 127 ASN n 
1 128 SER n 
1 129 THR n 
1 130 SER n 
1 131 PHE n 
1 132 TRP n 
1 133 ASN n 
1 134 SER n 
1 135 VAL n 
1 136 GLU n 
1 137 ALA n 
1 138 THR n 
1 139 ILE n 
1 140 LYS n 
1 141 GLY n 
1 142 THR n 
1 143 PHE n 
1 144 THR n 
1 145 ASN n 
1 146 LEU n 
1 147 ASP n 
1 148 THR n 
1 149 GLN n 
1 150 ILE n 
1 151 ASP n 
1 152 GLU n 
1 153 ALA n 
1 154 TRP n 
1 155 ILE n 
1 156 PHE n 
1 157 TRP n 
1 158 HIS n 
1 159 SER n 
1 160 LEU n 
1 161 SER n 
1 162 ALA n 
1 163 HIS n 
1 164 ASN n 
1 165 THR n 
1 166 SER n 
1 167 TYR n 
1 168 TYR n 
1 169 TYR n 
1 170 ASN n 
1 171 ILE n 
1 172 LEU n 
1 173 PHE n 
1 174 SER n 
1 175 ILE n 
1 176 GLN n 
1 177 ASN n 
1 178 GLU n 
1 179 ASP n 
1 180 THR n 
1 181 GLY n 
1 182 ALA n 
1 183 VAL n 
1 184 MET n 
1 185 ALA n 
1 186 VAL n 
1 187 LEU n 
1 188 PRO n 
1 189 LEU n 
1 190 ALA n 
1 191 PHE n 
1 192 GLU n 
1 193 VAL n 
1 194 SER n 
1 195 VAL n 
1 196 ASP n 
1 197 VAL n 
1 198 GLU n 
1 199 LYS n 
1 200 GLN n 
1 201 LYS n 
1 202 VAL n 
1 203 LEU n 
1 204 PHE n 
1 205 PHE n 
1 206 THR n 
1 207 ILE n 
1 208 LYS n 
1 209 ASP n 
1 210 SER n 
1 211 ALA n 
1 212 ARG n 
1 213 TYR n 
1 214 GLU n 
1 215 VAL n 
1 216 LYS n 
1 217 MET n 
1 218 LYS n 
1 219 ALA n 
1 220 LEU n 
1 221 THR n 
1 222 LEU n 
1 223 VAL n 
1 224 GLN n 
1 225 ALA n 
1 226 LEU n 
1 227 HIS n 
1 228 SER n 
1 229 SER n 
1 230 ASN n 
1 231 ALA n 
1 232 PRO n 
1 233 ILE n 
1 234 VAL n 
1 235 ASP n 
1 236 ILE n 
1 237 PHE n 
1 238 ASN n 
1 239 VAL n 
1 240 ASN n 
1 241 ASN n 
1 242 TYR n 
1 243 ASN n 
1 244 LEU n 
1 245 TYR n 
1 246 HIS n 
1 247 SER n 
1 248 ASN n 
1 249 HIS n 
1 250 LYS n 
1 251 ILE n 
1 252 ILE n 
1 253 GLN n 
1 254 ASN n 
1 255 LEU n 
1 256 ASN n 
1 257 LEU n 
1 258 SER n 
1 259 ASN n 
# 
_entity_src_gen.entity_id                          1 
_entity_src_gen.pdbx_src_id                        1 
_entity_src_gen.pdbx_alt_source_flag               sample 
_entity_src_gen.pdbx_seq_type                      ? 
_entity_src_gen.pdbx_beg_seq_num                   ? 
_entity_src_gen.pdbx_end_seq_num                   ? 
_entity_src_gen.gene_src_common_name               ? 
_entity_src_gen.gene_src_genus                     Bacillus 
_entity_src_gen.pdbx_gene_src_gene                 CYTB 
_entity_src_gen.gene_src_species                   'Bacillus thuringiensis' 
_entity_src_gen.gene_src_strain                    KYUSHUENSIS 
_entity_src_gen.gene_src_tissue                    ? 
_entity_src_gen.gene_src_tissue_fraction           ? 
_entity_src_gen.gene_src_details                   ? 
_entity_src_gen.pdbx_gene_src_fragment             ? 
_entity_src_gen.pdbx_gene_src_scientific_name      'Bacillus thuringiensis serovar kyushuensis' 
_entity_src_gen.pdbx_gene_src_ncbi_taxonomy_id     44161 
_entity_src_gen.pdbx_gene_src_variant              ? 
_entity_src_gen.pdbx_gene_src_cell_line            ? 
_entity_src_gen.pdbx_gene_src_atcc                 ? 
_entity_src_gen.pdbx_gene_src_organ                ? 
_entity_src_gen.pdbx_gene_src_organelle            ? 
_entity_src_gen.pdbx_gene_src_cell                 ? 
_entity_src_gen.pdbx_gene_src_cellular_location    ? 
_entity_src_gen.host_org_common_name               ? 
_entity_src_gen.pdbx_host_org_scientific_name      'Escherichia coli' 
_entity_src_gen.pdbx_host_org_ncbi_taxonomy_id     562 
_entity_src_gen.host_org_genus                     Escherichia 
_entity_src_gen.pdbx_host_org_gene                 CYTB 
_entity_src_gen.pdbx_host_org_organ                ? 
_entity_src_gen.host_org_species                   ? 
_entity_src_gen.pdbx_host_org_tissue               ? 
_entity_src_gen.pdbx_host_org_tissue_fraction      ? 
_entity_src_gen.pdbx_host_org_strain               ? 
_entity_src_gen.pdbx_host_org_variant              ? 
_entity_src_gen.pdbx_host_org_cell_line            ? 
_entity_src_gen.pdbx_host_org_atcc                 ? 
_entity_src_gen.pdbx_host_org_culture_collection   ? 
_entity_src_gen.pdbx_host_org_cell                 ? 
_entity_src_gen.pdbx_host_org_organelle            ? 
_entity_src_gen.pdbx_host_org_cellular_location    ? 
_entity_src_gen.pdbx_host_org_vector_type          ? 
_entity_src_gen.pdbx_host_org_vector               ? 
_entity_src_gen.host_org_details                   ? 
_entity_src_gen.expression_system_id               ? 
_entity_src_gen.plasmid_name                       PCYTB 
_entity_src_gen.plasmid_details                    ? 
_entity_src_gen.pdbx_description                   ? 
# 
loop_
_chem_comp.id 
_chem_comp.type 
_chem_comp.mon_nstd_flag 
_chem_comp.name 
_chem_comp.pdbx_synonyms 
_chem_comp.formula 
_chem_comp.formula_weight 
ALA 'L-peptide linking' y ALANINE         ? 'C3 H7 N O2'     89.093  
ARG 'L-peptide linking' y ARGININE        ? 'C6 H15 N4 O2 1' 175.209 
ASN 'L-peptide linking' y ASPARAGINE      ? 'C4 H8 N2 O3'    132.118 
ASP 'L-peptide linking' y 'ASPARTIC ACID' ? 'C4 H7 N O4'     133.103 
CYS 'L-peptide linking' y CYSTEINE        ? 'C3 H7 N O2 S'   121.158 
GLN 'L-peptide linking' y GLUTAMINE       ? 'C5 H10 N2 O3'   146.144 
GLU 'L-peptide linking' y 'GLUTAMIC ACID' ? 'C5 H9 N O4'     147.129 
GLY 'peptide linking'   y GLYCINE         ? 'C2 H5 N O2'     75.067  
HIS 'L-peptide linking' y HISTIDINE       ? 'C6 H10 N3 O2 1' 156.162 
HOH non-polymer         . WATER           ? 'H2 O'           18.015  
ILE 'L-peptide linking' y ISOLEUCINE      ? 'C6 H13 N O2'    131.173 
LEU 'L-peptide linking' y LEUCINE         ? 'C6 H13 N O2'    131.173 
LYS 'L-peptide linking' y LYSINE          ? 'C6 H15 N2 O2 1' 147.195 
MET 'L-peptide linking' y METHIONINE      ? 'C5 H11 N O2 S'  149.211 
PHE 'L-peptide linking' y PHENYLALANINE   ? 'C9 H11 N O2'    165.189 
PRO 'L-peptide linking' y PROLINE         ? 'C5 H9 N O2'     115.130 
SER 'L-peptide linking' y SERINE          ? 'C3 H7 N O3'     105.093 
THR 'L-peptide linking' y THREONINE       ? 'C4 H9 N O3'     119.119 
TRP 'L-peptide linking' y TRYPTOPHAN      ? 'C11 H12 N2 O2'  204.225 
TYR 'L-peptide linking' y TYROSINE        ? 'C9 H11 N O3'    181.189 
VAL 'L-peptide linking' y VALINE          ? 'C5 H11 N O2'    117.146 
# 
loop_
_pdbx_poly_seq_scheme.asym_id 
_pdbx_poly_seq_scheme.entity_id 
_pdbx_poly_seq_scheme.seq_id 
_pdbx_poly_seq_scheme.mon_id 
_pdbx_poly_seq_scheme.ndb_seq_num 
_pdbx_poly_seq_scheme.pdb_seq_num 
_pdbx_poly_seq_scheme.auth_seq_num 
_pdbx_poly_seq_scheme.pdb_mon_id 
_pdbx_poly_seq_scheme.auth_mon_id 
_pdbx_poly_seq_scheme.pdb_strand_id 
_pdbx_poly_seq_scheme.pdb_ins_code 
_pdbx_poly_seq_scheme.hetero 
A 1 1   MET 1   1   ?   ?   ?   A . n 
A 1 2   TYR 2   2   ?   ?   ?   A . n 
A 1 3   THR 3   3   ?   ?   ?   A . n 
A 1 4   LYS 4   4   ?   ?   ?   A . n 
A 1 5   ASN 5   5   ?   ?   ?   A . n 
A 1 6   PHE 6   6   ?   ?   ?   A . n 
A 1 7   SER 7   7   ?   ?   ?   A . n 
A 1 8   ASN 8   8   ?   ?   ?   A . n 
A 1 9   SER 9   9   ?   ?   ?   A . n 
A 1 10  ARG 10  10  ?   ?   ?   A . n 
A 1 11  MET 11  11  ?   ?   ?   A . n 
A 1 12  GLU 12  12  ?   ?   ?   A . n 
A 1 13  VAL 13  13  ?   ?   ?   A . n 
A 1 14  LYS 14  14  ?   ?   ?   A . n 
A 1 15  GLY 15  15  ?   ?   ?   A . n 
A 1 16  ASN 16  16  ?   ?   ?   A . n 
A 1 17  ASN 17  17  ?   ?   ?   A . n 
A 1 18  GLY 18  18  ?   ?   ?   A . n 
A 1 19  CYS 19  19  19  CYS CYS A . n 
A 1 20  SER 20  20  20  SER SER A . n 
A 1 21  ALA 21  21  21  ALA ALA A . n 
A 1 22  PRO 22  22  22  PRO PRO A . n 
A 1 23  ILE 23  23  23  ILE ILE A . n 
A 1 24  ILE 24  24  24  ILE ILE A . n 
A 1 25  ARG 25  25  25  ARG ARG A . n 
A 1 26  LYS 26  26  26  LYS LYS A . n 
A 1 27  PRO 27  27  27  PRO PRO A . n 
A 1 28  PHE 28  28  28  PHE PHE A . n 
A 1 29  LYS 29  29  29  LYS LYS A . n 
A 1 30  HIS 30  30  30  HIS HIS A . n 
A 1 31  ILE 31  31  31  ILE ILE A . n 
A 1 32  VAL 32  32  32  VAL VAL A . n 
A 1 33  LEU 33  33  33  LEU LEU A . n 
A 1 34  THR 34  34  34  THR THR A . n 
A 1 35  VAL 35  35  35  VAL VAL A . n 
A 1 36  PRO 36  36  36  PRO PRO A . n 
A 1 37  SER 37  37  37  SER SER A . n 
A 1 38  SER 38  38  38  SER SER A . n 
A 1 39  ASP 39  39  39  ASP ASP A . n 
A 1 40  LEU 40  40  40  LEU LEU A . n 
A 1 41  ASP 41  41  41  ASP ASP A . n 
A 1 42  ASN 42  42  42  ASN ASN A . n 
A 1 43  PHE 43  43  43  PHE PHE A . n 
A 1 44  ASN 44  44  44  ASN ASN A . n 
A 1 45  THR 45  45  45  THR THR A . n 
A 1 46  VAL 46  46  46  VAL VAL A . n 
A 1 47  PHE 47  47  47  PHE PHE A . n 
A 1 48  TYR 48  48  48  TYR TYR A . n 
A 1 49  VAL 49  49  49  VAL VAL A . n 
A 1 50  GLN 50  50  50  GLN GLN A . n 
A 1 51  PRO 51  51  51  PRO PRO A . n 
A 1 52  GLN 52  52  52  GLN GLN A . n 
A 1 53  TYR 53  53  53  TYR TYR A . n 
A 1 54  ILE 54  54  54  ILE ILE A . n 
A 1 55  ASN 55  55  55  ASN ASN A . n 
A 1 56  GLN 56  56  56  GLN GLN A . n 
A 1 57  ALA 57  57  57  ALA ALA A . n 
A 1 58  LEU 58  58  58  LEU LEU A . n 
A 1 59  HIS 59  59  59  HIS HIS A . n 
A 1 60  LEU 60  60  60  LEU LEU A . n 
A 1 61  ALA 61  61  61  ALA ALA A . n 
A 1 62  ASN 62  62  62  ASN ASN A . n 
A 1 63  ALA 63  63  63  ALA ALA A . n 
A 1 64  PHE 64  64  64  PHE PHE A . n 
A 1 65  GLN 65  65  65  GLN GLN A . n 
A 1 66  GLY 66  66  66  GLY GLY A . n 
A 1 67  ALA 67  67  67  ALA ALA A . n 
A 1 68  ILE 68  68  68  ILE ILE A . n 
A 1 69  ASP 69  69  69  ASP ASP A . n 
A 1 70  PRO 70  70  70  PRO PRO A . n 
A 1 71  LEU 71  71  71  LEU LEU A . n 
A 1 72  ASN 72  72  72  ASN ASN A . n 
A 1 73  LEU 73  73  73  LEU LEU A . n 
A 1 74  ASN 74  74  74  ASN ASN A . n 
A 1 75  PHE 75  75  75  PHE PHE A . n 
A 1 76  ASN 76  76  76  ASN ASN A . n 
A 1 77  PHE 77  77  77  PHE PHE A . n 
A 1 78  GLU 78  78  78  GLU GLU A . n 
A 1 79  LYS 79  79  79  LYS LYS A . n 
A 1 80  ALA 80  80  80  ALA ALA A . n 
A 1 81  LEU 81  81  81  LEU LEU A . n 
A 1 82  GLN 82  82  82  GLN GLN A . n 
A 1 83  ILE 83  83  83  ILE ILE A . n 
A 1 84  ALA 84  84  84  ALA ALA A . n 
A 1 85  ASN 85  85  85  ASN ASN A . n 
A 1 86  GLY 86  86  86  GLY GLY A . n 
A 1 87  ILE 87  87  87  ILE ILE A . n 
A 1 88  PRO 88  88  88  PRO PRO A . n 
A 1 89  ASN 89  89  89  ASN ASN A . n 
A 1 90  SER 90  90  90  SER SER A . n 
A 1 91  ALA 91  91  91  ALA ALA A . n 
A 1 92  ILE 92  92  92  ILE ILE A . n 
A 1 93  VAL 93  93  93  VAL VAL A . n 
A 1 94  LYS 94  94  94  LYS LYS A . n 
A 1 95  THR 95  95  95  THR THR A . n 
A 1 96  LEU 96  96  96  LEU LEU A . n 
A 1 97  ASN 97  97  97  ASN ASN A . n 
A 1 98  GLN 98  98  98  GLN GLN A . n 
A 1 99  SER 99  99  99  SER SER A . n 
A 1 100 VAL 100 100 100 VAL VAL A . n 
A 1 101 ILE 101 101 101 ILE ILE A . n 
A 1 102 GLN 102 102 102 GLN GLN A . n 
A 1 103 GLN 103 103 103 GLN GLN A . n 
A 1 104 THR 104 104 104 THR THR A . n 
A 1 105 VAL 105 105 105 VAL VAL A . n 
A 1 106 GLU 106 106 106 GLU GLU A . n 
A 1 107 ILE 107 107 107 ILE ILE A . n 
A 1 108 SER 108 108 108 SER SER A . n 
A 1 109 VAL 109 109 109 VAL VAL A . n 
A 1 110 MET 110 110 110 MET MET A . n 
A 1 111 VAL 111 111 111 VAL VAL A . n 
A 1 112 GLU 112 112 112 GLU GLU A . n 
A 1 113 GLN 113 113 113 GLN GLN A . n 
A 1 114 LEU 114 114 114 LEU LEU A . n 
A 1 115 LYS 115 115 115 LYS LYS A . n 
A 1 116 LYS 116 116 116 LYS LYS A . n 
A 1 117 ILE 117 117 117 ILE ILE A . n 
A 1 118 ILE 118 118 118 ILE ILE A . n 
A 1 119 GLN 119 119 119 GLN GLN A . n 
A 1 120 GLU 120 120 120 GLU GLU A . n 
A 1 121 VAL 121 121 121 VAL VAL A . n 
A 1 122 LEU 122 122 122 LEU LEU A . n 
A 1 123 GLY 123 123 123 GLY GLY A . n 
A 1 124 LEU 124 124 124 LEU LEU A . n 
A 1 125 VAL 125 125 125 VAL VAL A . n 
A 1 126 ILE 126 126 126 ILE ILE A . n 
A 1 127 ASN 127 127 127 ASN ASN A . n 
A 1 128 SER 128 128 128 SER SER A . n 
A 1 129 THR 129 129 129 THR THR A . n 
A 1 130 SER 130 130 130 SER SER A . n 
A 1 131 PHE 131 131 131 PHE PHE A . n 
A 1 132 TRP 132 132 132 TRP TRP A . n 
A 1 133 ASN 133 133 133 ASN ASN A . n 
A 1 134 SER 134 134 134 SER SER A . n 
A 1 135 VAL 135 135 135 VAL VAL A . n 
A 1 136 GLU 136 136 136 GLU GLU A . n 
A 1 137 ALA 137 137 137 ALA ALA A . n 
A 1 138 THR 138 138 138 THR THR A . n 
A 1 139 ILE 139 139 139 ILE ILE A . n 
A 1 140 LYS 140 140 140 LYS LYS A . n 
A 1 141 GLY 141 141 141 GLY GLY A . n 
A 1 142 THR 142 142 142 THR THR A . n 
A 1 143 PHE 143 143 143 PHE PHE A . n 
A 1 144 THR 144 144 144 THR THR A . n 
A 1 145 ASN 145 145 145 ASN ASN A . n 
A 1 146 LEU 146 146 146 LEU LEU A . n 
A 1 147 ASP 147 147 147 ASP ASP A . n 
A 1 148 THR 148 148 148 THR THR A . n 
A 1 149 GLN 149 149 149 GLN GLN A . n 
A 1 150 ILE 150 150 150 ILE ILE A . n 
A 1 151 ASP 151 151 151 ASP ASP A . n 
A 1 152 GLU 152 152 152 GLU GLU A . n 
A 1 153 ALA 153 153 153 ALA ALA A . n 
A 1 154 TRP 154 154 154 TRP TRP A . n 
A 1 155 ILE 155 155 155 ILE ILE A . n 
A 1 156 PHE 156 156 156 PHE PHE A . n 
A 1 157 TRP 157 157 157 TRP TRP A . n 
A 1 158 HIS 158 158 158 HIS HIS A . n 
A 1 159 SER 159 159 159 SER SER A . n 
A 1 160 LEU 160 160 160 LEU LEU A . n 
A 1 161 SER 161 161 161 SER SER A . n 
A 1 162 ALA 162 162 162 ALA ALA A . n 
A 1 163 HIS 163 163 163 HIS HIS A . n 
A 1 164 ASN 164 164 164 ASN ASN A . n 
A 1 165 THR 165 165 165 THR THR A . n 
A 1 166 SER 166 166 166 SER SER A . n 
A 1 167 TYR 167 167 167 TYR TYR A . n 
A 1 168 TYR 168 168 168 TYR TYR A . n 
A 1 169 TYR 169 169 169 TYR TYR A . n 
A 1 170 ASN 170 170 170 ASN ASN A . n 
A 1 171 ILE 171 171 171 ILE ILE A . n 
A 1 172 LEU 172 172 172 LEU LEU A . n 
A 1 173 PHE 173 173 173 PHE PHE A . n 
A 1 174 SER 174 174 174 SER SER A . n 
A 1 175 ILE 175 175 175 ILE ILE A . n 
A 1 176 GLN 176 176 176 GLN GLN A . n 
A 1 177 ASN 177 177 177 ASN ASN A . n 
A 1 178 GLU 178 178 178 GLU GLU A . n 
A 1 179 ASP 179 179 179 ASP ASP A . n 
A 1 180 THR 180 180 180 THR THR A . n 
A 1 181 GLY 181 181 181 GLY GLY A . n 
A 1 182 ALA 182 182 182 ALA ALA A . n 
A 1 183 VAL 183 183 183 VAL VAL A . n 
A 1 184 MET 184 184 184 MET MET A . n 
A 1 185 ALA 185 185 185 ALA ALA A . n 
A 1 186 VAL 186 186 186 VAL VAL A . n 
A 1 187 LEU 187 187 187 LEU LEU A . n 
A 1 188 PRO 188 188 188 PRO PRO A . n 
A 1 189 LEU 189 189 189 LEU LEU A . n 
A 1 190 ALA 190 190 190 ALA ALA A . n 
A 1 191 PHE 191 191 191 PHE PHE A . n 
A 1 192 GLU 192 192 192 GLU GLU A . n 
A 1 193 VAL 193 193 193 VAL VAL A . n 
A 1 194 SER 194 194 194 SER SER A . n 
A 1 195 VAL 195 195 195 VAL VAL A . n 
A 1 196 ASP 196 196 196 ASP ASP A . n 
A 1 197 VAL 197 197 197 VAL VAL A . n 
A 1 198 GLU 198 198 198 GLU GLU A . n 
A 1 199 LYS 199 199 199 LYS LYS A . n 
A 1 200 GLN 200 200 200 GLN GLN A . n 
A 1 201 LYS 201 201 201 LYS LYS A . n 
A 1 202 VAL 202 202 202 VAL VAL A . n 
A 1 203 LEU 203 203 203 LEU LEU A . n 
A 1 204 PHE 204 204 204 PHE PHE A . n 
A 1 205 PHE 205 205 205 PHE PHE A . n 
A 1 206 THR 206 206 206 THR THR A . n 
A 1 207 ILE 207 207 207 ILE ILE A . n 
A 1 208 LYS 208 208 208 LYS LYS A . n 
A 1 209 ASP 209 209 209 ASP ASP A . n 
A 1 210 SER 210 210 210 SER SER A . n 
A 1 211 ALA 211 211 211 ALA ALA A . n 
A 1 212 ARG 212 212 212 ARG ARG A . n 
A 1 213 TYR 213 213 213 TYR TYR A . n 
A 1 214 GLU 214 214 214 GLU GLU A . n 
A 1 215 VAL 215 215 215 VAL VAL A . n 
A 1 216 LYS 216 216 216 LYS LYS A . n 
A 1 217 MET 217 217 217 MET MET A . n 
A 1 218 LYS 218 218 218 LYS LYS A . n 
A 1 219 ALA 219 219 219 ALA ALA A . n 
A 1 220 LEU 220 220 220 LEU LEU A . n 
A 1 221 THR 221 221 221 THR THR A . n 
A 1 222 LEU 222 222 222 LEU LEU A . n 
A 1 223 VAL 223 223 223 VAL VAL A . n 
A 1 224 GLN 224 224 224 GLN GLN A . n 
A 1 225 ALA 225 225 225 ALA ALA A . n 
A 1 226 LEU 226 226 226 LEU LEU A . n 
A 1 227 HIS 227 227 227 HIS HIS A . n 
A 1 228 SER 228 228 228 SER SER A . n 
A 1 229 SER 229 229 229 SER SER A . n 
A 1 230 ASN 230 230 230 ASN ASN A . n 
A 1 231 ALA 231 231 231 ALA ALA A . n 
A 1 232 PRO 232 232 232 PRO PRO A . n 
A 1 233 ILE 233 233 233 ILE ILE A . n 
A 1 234 VAL 234 234 234 VAL VAL A . n 
A 1 235 ASP 235 235 235 ASP ASP A . n 
A 1 236 ILE 236 236 236 ILE ILE A . n 
A 1 237 PHE 237 237 237 PHE PHE A . n 
A 1 238 ASN 238 238 238 ASN ASN A . n 
A 1 239 VAL 239 239 239 VAL VAL A . n 
A 1 240 ASN 240 240 240 ASN ASN A . n 
A 1 241 ASN 241 241 241 ASN ASN A . n 
A 1 242 TYR 242 242 242 TYR TYR A . n 
A 1 243 ASN 243 243 243 ASN ASN A . n 
A 1 244 LEU 244 244 244 LEU LEU A . n 
A 1 245 TYR 245 245 245 TYR TYR A . n 
A 1 246 HIS 246 246 ?   ?   ?   A . n 
A 1 247 SER 247 247 ?   ?   ?   A . n 
A 1 248 ASN 248 248 ?   ?   ?   A . n 
A 1 249 HIS 249 249 ?   ?   ?   A . n 
A 1 250 LYS 250 250 ?   ?   ?   A . n 
A 1 251 ILE 251 251 ?   ?   ?   A . n 
A 1 252 ILE 252 252 ?   ?   ?   A . n 
A 1 253 GLN 253 253 ?   ?   ?   A . n 
A 1 254 ASN 254 254 ?   ?   ?   A . n 
A 1 255 LEU 255 255 ?   ?   ?   A . n 
A 1 256 ASN 256 256 ?   ?   ?   A . n 
A 1 257 LEU 257 257 ?   ?   ?   A . n 
A 1 258 SER 258 258 ?   ?   ?   A . n 
A 1 259 ASN 259 259 ?   ?   ?   A . n 
# 
loop_
_pdbx_nonpoly_scheme.asym_id 
_pdbx_nonpoly_scheme.entity_id 
_pdbx_nonpoly_scheme.mon_id 
_pdbx_nonpoly_scheme.ndb_seq_num 
_pdbx_nonpoly_scheme.pdb_seq_num 
_pdbx_nonpoly_scheme.auth_seq_num 
_pdbx_nonpoly_scheme.pdb_mon_id 
_pdbx_nonpoly_scheme.auth_mon_id 
_pdbx_nonpoly_scheme.pdb_strand_id 
_pdbx_nonpoly_scheme.pdb_ins_code 
B 2 HOH 1  260 1  HOH HOH A . 
B 2 HOH 2  261 2  HOH HOH A . 
B 2 HOH 3  262 3  HOH HOH A . 
B 2 HOH 4  263 4  HOH HOH A . 
B 2 HOH 5  264 5  HOH HOH A . 
B 2 HOH 6  265 6  HOH HOH A . 
B 2 HOH 7  266 7  HOH HOH A . 
B 2 HOH 8  267 8  HOH HOH A . 
B 2 HOH 9  268 9  HOH HOH A . 
B 2 HOH 10 269 10 HOH HOH A . 
B 2 HOH 11 270 11 HOH HOH A . 
B 2 HOH 12 271 12 HOH HOH A . 
B 2 HOH 13 272 13 HOH HOH A . 
B 2 HOH 14 273 14 HOH HOH A . 
B 2 HOH 15 274 15 HOH HOH A . 
B 2 HOH 16 275 16 HOH HOH A . 
B 2 HOH 17 276 17 HOH HOH A . 
B 2 HOH 18 277 18 HOH HOH A . 
B 2 HOH 19 278 19 HOH HOH A . 
B 2 HOH 20 279 20 HOH HOH A . 
B 2 HOH 21 280 21 HOH HOH A . 
B 2 HOH 22 281 22 HOH HOH A . 
B 2 HOH 23 282 23 HOH HOH A . 
B 2 HOH 24 283 24 HOH HOH A . 
B 2 HOH 25 284 25 HOH HOH A . 
B 2 HOH 26 285 26 HOH HOH A . 
B 2 HOH 27 286 27 HOH HOH A . 
B 2 HOH 28 287 28 HOH HOH A . 
# 
loop_
_software.name 
_software.classification 
_software.version 
_software.citation_id 
_software.pdbx_ordinal 
X-PLOR 'model building' 3.1 ? 1 
X-PLOR refinement       3.1 ? 2 
MOSFLM 'data reduction' .   ? 3 
X-PLOR phasing          3.1 ? 4 
# 
_cell.entry_id           1CBY 
_cell.length_a           66.810 
_cell.length_b           66.810 
_cell.length_c           170.790 
_cell.angle_alpha        90.00 
_cell.angle_beta         90.00 
_cell.angle_gamma        120.00 
_cell.Z_PDB              12 
_cell.pdbx_unique_axis   ? 
# 
_symmetry.entry_id                         1CBY 
_symmetry.space_group_name_H-M             'P 61 2 2' 
_symmetry.pdbx_full_space_group_name_H-M   ? 
_symmetry.cell_setting                     ? 
_symmetry.Int_Tables_number                178 
# 
_exptl.entry_id          1CBY 
_exptl.method            'X-RAY DIFFRACTION' 
_exptl.crystals_number   ? 
# 
_exptl_crystal.id                    1 
_exptl_crystal.density_meas          ? 
_exptl_crystal.density_Matthews      1.88 
_exptl_crystal.density_percent_sol   33.0 
_exptl_crystal.description           ? 
# 
_diffrn.id                     1 
_diffrn.ambient_temp           293 
_diffrn.ambient_temp_details   ? 
_diffrn.crystal_id             1 
# 
_diffrn_detector.diffrn_id              1 
_diffrn_detector.detector               'IMAGE PLATE' 
_diffrn_detector.type                   MARRESEARCH 
_diffrn_detector.pdbx_collection_date   1993-10-25 
_diffrn_detector.details                ? 
# 
_diffrn_radiation.diffrn_id                        1 
_diffrn_radiation.wavelength_id                    1 
_diffrn_radiation.pdbx_monochromatic_or_laue_m_l   M 
_diffrn_radiation.monochromator                    ? 
_diffrn_radiation.pdbx_diffrn_protocol             ? 
_diffrn_radiation.pdbx_scattering_type             x-ray 
# 
_diffrn_radiation_wavelength.id           1 
_diffrn_radiation_wavelength.wavelength   0.87 
_diffrn_radiation_wavelength.wt           1.0 
# 
_diffrn_source.diffrn_id                   1 
_diffrn_source.source                      SYNCHROTRON 
_diffrn_source.type                        'SRS BEAMLINE PX9.6' 
_diffrn_source.pdbx_synchrotron_site       SRS 
_diffrn_source.pdbx_synchrotron_beamline   PX9.6 
_diffrn_source.pdbx_wavelength             0.87 
_diffrn_source.pdbx_wavelength_list        ? 
# 
_reflns.entry_id                     1CBY 
_reflns.observed_criterion_sigma_I   0.0 
_reflns.observed_criterion_sigma_F   ? 
_reflns.d_resolution_low             19.0 
_reflns.d_resolution_high            2.6 
_reflns.number_obs                   7235 
_reflns.number_all                   ? 
_reflns.percent_possible_obs         96.2 
_reflns.pdbx_Rmerge_I_obs            0.0710000 
_reflns.pdbx_Rsym_value              ? 
_reflns.pdbx_netI_over_sigmaI        ? 
_reflns.B_iso_Wilson_estimate        ? 
_reflns.pdbx_redundancy              5.8 
_reflns.pdbx_ordinal                 1 
_reflns.pdbx_diffrn_id               1 
# 
_refine.entry_id                                 1CBY 
_refine.ls_number_reflns_obs                     7218 
_refine.ls_number_reflns_all                     ? 
_refine.pdbx_ls_sigma_I                          ? 
_refine.pdbx_ls_sigma_F                          0.0 
_refine.pdbx_data_cutoff_high_absF               ? 
_refine.pdbx_data_cutoff_low_absF                ? 
_refine.pdbx_data_cutoff_high_rms_absF           ? 
_refine.ls_d_res_low                             19.0 
_refine.ls_d_res_high                            2.6 
_refine.ls_percent_reflns_obs                    96.2 
_refine.ls_R_factor_obs                          0.1970000 
_refine.ls_R_factor_all                          ? 
_refine.ls_R_factor_R_work                       0.1970000 
_refine.ls_R_factor_R_free                       0.2610000 
_refine.ls_R_factor_R_free_error                 ? 
_refine.ls_R_factor_R_free_error_details         ? 
_refine.ls_percent_reflns_R_free                 5.0 
_refine.ls_number_reflns_R_free                  ? 
_refine.ls_number_parameters                     ? 
_refine.ls_number_restraints                     ? 
_refine.occupancy_min                            ? 
_refine.occupancy_max                            ? 
_refine.B_iso_mean                               32. 
_refine.aniso_B[1][1]                            ? 
_refine.aniso_B[2][2]                            ? 
_refine.aniso_B[3][3]                            ? 
_refine.aniso_B[1][2]                            ? 
_refine.aniso_B[1][3]                            ? 
_refine.aniso_B[2][3]                            ? 
_refine.solvent_model_details                    ? 
_refine.solvent_model_param_ksol                 ? 
_refine.solvent_model_param_bsol                 ? 
_refine.pdbx_ls_cross_valid_method               ? 
_refine.details                                  ? 
_refine.pdbx_starting_model                      ? 
_refine.pdbx_method_to_determine_struct          ? 
_refine.pdbx_isotropic_thermal_model             ? 
_refine.pdbx_stereochemistry_target_values       ? 
_refine.pdbx_stereochem_target_val_spec_case     ? 
_refine.pdbx_R_Free_selection_details            ? 
_refine.pdbx_overall_ESU_R                       ? 
_refine.pdbx_overall_ESU_R_Free                  ? 
_refine.overall_SU_ML                            ? 
_refine.overall_SU_B                             ? 
_refine.pdbx_refine_id                           'X-RAY DIFFRACTION' 
_refine.pdbx_diffrn_id                           1 
_refine.pdbx_TLS_residual_ADP_flag               ? 
_refine.correlation_coeff_Fo_to_Fc               ? 
_refine.correlation_coeff_Fo_to_Fc_free          ? 
_refine.pdbx_solvent_vdw_probe_radii             ? 
_refine.pdbx_solvent_ion_probe_radii             ? 
_refine.pdbx_solvent_shrinkage_radii             ? 
_refine.pdbx_overall_phase_error                 ? 
_refine.overall_SU_R_Cruickshank_DPI             ? 
_refine.pdbx_overall_SU_R_free_Cruickshank_DPI   ? 
_refine.pdbx_overall_SU_R_Blow_DPI               ? 
_refine.pdbx_overall_SU_R_free_Blow_DPI          ? 
# 
_refine_analyze.entry_id                        1CBY 
_refine_analyze.Luzzati_coordinate_error_obs    0.23 
_refine_analyze.Luzzati_sigma_a_obs             ? 
_refine_analyze.Luzzati_d_res_low_obs           ? 
_refine_analyze.Luzzati_coordinate_error_free   ? 
_refine_analyze.Luzzati_sigma_a_free            ? 
_refine_analyze.Luzzati_d_res_low_free          ? 
_refine_analyze.number_disordered_residues      ? 
_refine_analyze.occupancy_sum_hydrogen          ? 
_refine_analyze.occupancy_sum_non_hydrogen      ? 
_refine_analyze.pdbx_refine_id                  'X-RAY DIFFRACTION' 
# 
_refine_hist.pdbx_refine_id                   'X-RAY DIFFRACTION' 
_refine_hist.cycle_id                         LAST 
_refine_hist.pdbx_number_atoms_protein        1807 
_refine_hist.pdbx_number_atoms_nucleic_acid   0 
_refine_hist.pdbx_number_atoms_ligand         0 
_refine_hist.number_atoms_solvent             28 
_refine_hist.number_atoms_total               1835 
_refine_hist.d_res_high                       2.6 
_refine_hist.d_res_low                        19.0 
# 
loop_
_refine_ls_restr.type 
_refine_ls_restr.dev_ideal 
_refine_ls_restr.dev_ideal_target 
_refine_ls_restr.weight 
_refine_ls_restr.number 
_refine_ls_restr.pdbx_refine_id 
_refine_ls_restr.pdbx_restraint_function 
x_bond_d                0.005 ? ? ? 'X-RAY DIFFRACTION' ? 
x_bond_d_na             ?     ? ? ? 'X-RAY DIFFRACTION' ? 
x_bond_d_prot           ?     ? ? ? 'X-RAY DIFFRACTION' ? 
x_angle_d               ?     ? ? ? 'X-RAY DIFFRACTION' ? 
x_angle_d_na            ?     ? ? ? 'X-RAY DIFFRACTION' ? 
x_angle_d_prot          ?     ? ? ? 'X-RAY DIFFRACTION' ? 
x_angle_deg             1.494 ? ? ? 'X-RAY DIFFRACTION' ? 
x_angle_deg_na          ?     ? ? ? 'X-RAY DIFFRACTION' ? 
x_angle_deg_prot        ?     ? ? ? 'X-RAY DIFFRACTION' ? 
x_dihedral_angle_d      24.14 ? ? ? 'X-RAY DIFFRACTION' ? 
x_dihedral_angle_d_na   ?     ? ? ? 'X-RAY DIFFRACTION' ? 
x_dihedral_angle_d_prot ?     ? ? ? 'X-RAY DIFFRACTION' ? 
x_improper_angle_d      1.068 ? ? ? 'X-RAY DIFFRACTION' ? 
x_improper_angle_d_na   ?     ? ? ? 'X-RAY DIFFRACTION' ? 
x_improper_angle_d_prot ?     ? ? ? 'X-RAY DIFFRACTION' ? 
x_mcbond_it             1.5   ? ? ? 'X-RAY DIFFRACTION' ? 
x_mcangle_it            2.0   ? ? ? 'X-RAY DIFFRACTION' ? 
x_scbond_it             2.0   ? ? ? 'X-RAY DIFFRACTION' ? 
x_scangle_it            2.5   ? ? ? 'X-RAY DIFFRACTION' ? 
# 
_struct.entry_id                  1CBY 
_struct.title                     DELTA-ENDOTOXIN 
_struct.pdbx_model_details        ? 
_struct.pdbx_CASP_flag            ? 
_struct.pdbx_model_type_details   ? 
# 
_struct_keywords.entry_id        1CBY 
_struct_keywords.pdbx_keywords   TOXIN 
_struct_keywords.text            'MOSQUITOCIDAL, MEMBRANE PORE, CYTOLYTIC, TOXIN' 
# 
loop_
_struct_asym.id 
_struct_asym.pdbx_blank_PDB_chainid_flag 
_struct_asym.pdbx_modified 
_struct_asym.entity_id 
_struct_asym.details 
A N N 1 ? 
B N N 2 ? 
# 
_struct_ref.id                         1 
_struct_ref.db_name                    UNP 
_struct_ref.db_code                    CT2AA_BACTY 
_struct_ref.entity_id                  1 
_struct_ref.pdbx_db_accession          Q04470 
_struct_ref.pdbx_align_begin           1 
_struct_ref.pdbx_seq_one_letter_code   
;MYTKNFSNSRMEVKGNNGCSAPIIRKPFKHIVLTVPSSDLDNFNTVFYVQPQYINQALHLANAFQGAIDPLNLNFNFEKA
LQIANGIPNSAIVKTLNQSVIQQTVEISVMVEQLKKIIQEVLGLVINSTSFWNSVEATIKGTFTNLDTQIDEAWIFWHSL
SAHNTSYYYNILFSIQNEDTGAVMAVLPLAFEVSVDVEKQKVLFFTIKDSARYEVKMKALTLVQALHSSNAPIVDIFNVN
NYNLYHSNHKIIQNLNLSN
;
_struct_ref.pdbx_db_isoform            ? 
# 
_struct_ref_seq.align_id                      1 
_struct_ref_seq.ref_id                        1 
_struct_ref_seq.pdbx_PDB_id_code              1CBY 
_struct_ref_seq.pdbx_strand_id                A 
_struct_ref_seq.seq_align_beg                 1 
_struct_ref_seq.pdbx_seq_align_beg_ins_code   ? 
_struct_ref_seq.seq_align_end                 259 
_struct_ref_seq.pdbx_seq_align_end_ins_code   ? 
_struct_ref_seq.pdbx_db_accession             Q04470 
_struct_ref_seq.db_align_beg                  1 
_struct_ref_seq.pdbx_db_align_beg_ins_code    ? 
_struct_ref_seq.db_align_end                  259 
_struct_ref_seq.pdbx_db_align_end_ins_code    ? 
_struct_ref_seq.pdbx_auth_seq_align_beg       1 
_struct_ref_seq.pdbx_auth_seq_align_end       259 
# 
_pdbx_struct_assembly.id                   1 
_pdbx_struct_assembly.details              author_and_software_defined_assembly 
_pdbx_struct_assembly.method_details       PISA,PQS 
_pdbx_struct_assembly.oligomeric_details   dimeric 
_pdbx_struct_assembly.oligomeric_count     2 
# 
loop_
_pdbx_struct_assembly_prop.biol_id 
_pdbx_struct_assembly_prop.type 
_pdbx_struct_assembly_prop.value 
_pdbx_struct_assembly_prop.details 
1 'ABSA (A^2)' 6170  ? 
1 MORE         -30   ? 
1 'SSA (A^2)'  18680 ? 
# 
_pdbx_struct_assembly_gen.assembly_id       1 
_pdbx_struct_assembly_gen.oper_expression   1,2 
_pdbx_struct_assembly_gen.asym_id_list      A,B 
# 
loop_
_pdbx_struct_oper_list.id 
_pdbx_struct_oper_list.type 
_pdbx_struct_oper_list.name 
_pdbx_struct_oper_list.symmetry_operation 
_pdbx_struct_oper_list.matrix[1][1] 
_pdbx_struct_oper_list.matrix[1][2] 
_pdbx_struct_oper_list.matrix[1][3] 
_pdbx_struct_oper_list.vector[1] 
_pdbx_struct_oper_list.matrix[2][1] 
_pdbx_struct_oper_list.matrix[2][2] 
_pdbx_struct_oper_list.matrix[2][3] 
_pdbx_struct_oper_list.vector[2] 
_pdbx_struct_oper_list.matrix[3][1] 
_pdbx_struct_oper_list.matrix[3][2] 
_pdbx_struct_oper_list.matrix[3][3] 
_pdbx_struct_oper_list.vector[3] 
1 'identity operation'         1_555  x,y,z            1.0000000000  0.0000000000 0.0000000000  0.0000000000   0.0000000000 1.0000000000 0.0000000000  0.0000000000 0.0000000000  0.0000000000  1.0000000000  0.0000000000 
2 'crystal symmetry operation' 10_665 -y+1,-x+1,-z+5/6 -0.9747401320 0.1820669085 -0.1293573184 -19.3546265613 0.1820669085 0.3122934458 -0.9323756992 9.4269766682 -0.1293573184 -0.9323756992 -0.3375533138 9.4887958573 
# 
_struct_biol.id   1 
# 
loop_
_struct_conf.conf_type_id 
_struct_conf.id 
_struct_conf.pdbx_PDB_helix_id 
_struct_conf.beg_label_comp_id 
_struct_conf.beg_label_asym_id 
_struct_conf.beg_label_seq_id 
_struct_conf.pdbx_beg_PDB_ins_code 
_struct_conf.end_label_comp_id 
_struct_conf.end_label_asym_id 
_struct_conf.end_label_seq_id 
_struct_conf.pdbx_end_PDB_ins_code 
_struct_conf.beg_auth_comp_id 
_struct_conf.beg_auth_asym_id 
_struct_conf.beg_auth_seq_id 
_struct_conf.end_auth_comp_id 
_struct_conf.end_auth_asym_id 
_struct_conf.end_auth_seq_id 
_struct_conf.pdbx_PDB_helix_class 
_struct_conf.details 
_struct_conf.pdbx_PDB_helix_length 
HELX_P HELX_P1 1 PRO A 51  ? ALA A 67  ? PRO A 51  ALA A 67  5 ? 17 
HELX_P HELX_P2 2 PHE A 77  ? GLY A 86  ? PHE A 77  GLY A 86  1 ? 10 
HELX_P HELX_P3 3 ILE A 107 ? LEU A 122 ? ILE A 107 LEU A 122 1 ? 16 
HELX_P HELX_P4 4 THR A 129 ? THR A 142 ? THR A 129 THR A 142 1 ? 14 
HELX_P HELX_P5 5 LEU A 146 ? GLN A 149 ? LEU A 146 GLN A 149 5 ? 4  
HELX_P HELX_P6 6 LYS A 199 ? PHE A 204 ? LYS A 199 PHE A 204 1 ? 6  
HELX_P HELX_P7 7 ILE A 233 ? ASN A 238 ? ILE A 233 ASN A 238 1 ? 6  
# 
_struct_conf_type.id          HELX_P 
_struct_conf_type.criteria    ? 
_struct_conf_type.reference   ? 
# 
loop_
_struct_sheet.id 
_struct_sheet.type 
_struct_sheet.number_strands 
_struct_sheet.details 
A ? 5 ? 
B ? 2 ? 
C ? 2 ? 
# 
loop_
_struct_sheet_order.sheet_id 
_struct_sheet_order.range_id_1 
_struct_sheet_order.range_id_2 
_struct_sheet_order.offset 
_struct_sheet_order.sense 
A 1 2 ? parallel      
A 2 3 ? anti-parallel 
A 3 4 ? anti-parallel 
A 4 5 ? anti-parallel 
B 1 2 ? anti-parallel 
C 1 2 ? anti-parallel 
# 
loop_
_struct_sheet_range.sheet_id 
_struct_sheet_range.id 
_struct_sheet_range.beg_label_comp_id 
_struct_sheet_range.beg_label_asym_id 
_struct_sheet_range.beg_label_seq_id 
_struct_sheet_range.pdbx_beg_PDB_ins_code 
_struct_sheet_range.end_label_comp_id 
_struct_sheet_range.end_label_asym_id 
_struct_sheet_range.end_label_seq_id 
_struct_sheet_range.pdbx_end_PDB_ins_code 
_struct_sheet_range.beg_auth_comp_id 
_struct_sheet_range.beg_auth_asym_id 
_struct_sheet_range.beg_auth_seq_id 
_struct_sheet_range.end_auth_comp_id 
_struct_sheet_range.end_auth_asym_id 
_struct_sheet_range.end_auth_seq_id 
A 1 ASN A 44  ? TYR A 48  ? ASN A 44  TYR A 48  
A 2 THR A 165 ? ILE A 175 ? THR A 165 ILE A 175 
A 3 VAL A 183 ? VAL A 195 ? VAL A 183 VAL A 195 
A 4 SER A 210 ? ALA A 225 ? SER A 210 ALA A 225 
A 5 ILE A 101 ? GLU A 106 ? ILE A 101 GLU A 106 
B 1 ILE A 155 ? HIS A 158 ? ILE A 155 HIS A 158 
B 2 SER A 166 ? TYR A 169 ? SER A 166 TYR A 169 
C 1 SER A 90  ? SER A 99  ? SER A 90  SER A 99  
C 2 LYS A 216 ? GLN A 224 ? LYS A 216 GLN A 224 
# 
loop_
_pdbx_struct_sheet_hbond.sheet_id 
_pdbx_struct_sheet_hbond.range_id_1 
_pdbx_struct_sheet_hbond.range_id_2 
_pdbx_struct_sheet_hbond.range_1_label_atom_id 
_pdbx_struct_sheet_hbond.range_1_label_comp_id 
_pdbx_struct_sheet_hbond.range_1_label_asym_id 
_pdbx_struct_sheet_hbond.range_1_label_seq_id 
_pdbx_struct_sheet_hbond.range_1_PDB_ins_code 
_pdbx_struct_sheet_hbond.range_1_auth_atom_id 
_pdbx_struct_sheet_hbond.range_1_auth_comp_id 
_pdbx_struct_sheet_hbond.range_1_auth_asym_id 
_pdbx_struct_sheet_hbond.range_1_auth_seq_id 
_pdbx_struct_sheet_hbond.range_2_label_atom_id 
_pdbx_struct_sheet_hbond.range_2_label_comp_id 
_pdbx_struct_sheet_hbond.range_2_label_asym_id 
_pdbx_struct_sheet_hbond.range_2_label_seq_id 
_pdbx_struct_sheet_hbond.range_2_PDB_ins_code 
_pdbx_struct_sheet_hbond.range_2_auth_atom_id 
_pdbx_struct_sheet_hbond.range_2_auth_comp_id 
_pdbx_struct_sheet_hbond.range_2_auth_asym_id 
_pdbx_struct_sheet_hbond.range_2_auth_seq_id 
A 1 2 O ASN A 44  ? O ASN A 44  N LEU A 172 ? N LEU A 172 
A 2 3 O THR A 165 ? O THR A 165 N VAL A 195 ? N VAL A 195 
A 3 4 O MET A 184 ? O MET A 184 N GLN A 224 ? N GLN A 224 
A 4 5 O ALA A 211 ? O ALA A 211 N VAL A 105 ? N VAL A 105 
B 1 2 O PHE A 156 ? O PHE A 156 N TYR A 168 ? N TYR A 168 
C 1 2 O ALA A 91  ? O ALA A 91  N VAL A 223 ? N VAL A 223 
# 
loop_
_struct_site.id 
_struct_site.pdbx_evidence_code 
_struct_site.pdbx_auth_asym_id 
_struct_site.pdbx_auth_comp_id 
_struct_site.pdbx_auth_seq_id 
_struct_site.pdbx_auth_ins_code 
_struct_site.pdbx_num_residues 
_struct_site.details 
NPS Unknown ? ? ? ? 1 
;N-TERMINAL PROTEOLYTIC PROCESSING STOP. THE COORDINATES OF CYTB IS THAT OF THE INACTIVE PROTOXIN, WHICH EXISTS AS A DIMER IN THE CRYSTAL AND IN SOLUTION. THE N-TERMINAL ARMS OF TWO MONOMERS ARE INTERTWINED IN FORMING THE CENTRAL PAIR OF STRANDS IN A 12-STRANDED SHEET OF THE DIMER. PROTEOLYTIC PROCESSING CLEAVES THIS PAIR OF STRANDS TO RELEASE THE ACTIVE TOXIN AS A MONOMER, WHICH EXTENDS FROM THE NPS SITE TO THE CPS SITE WHEN PROTEINASE K IS USED FOR THE PROCESSING.
;
CPS Unknown ? ? ? ? 1 'C-TERMINAL PROTEOLYTIC PROCESSING STOP. SEE REMARK FOR THE NPS SITE ABOVE.' 
# 
loop_
_struct_site_gen.id 
_struct_site_gen.site_id 
_struct_site_gen.pdbx_num_res 
_struct_site_gen.label_comp_id 
_struct_site_gen.label_asym_id 
_struct_site_gen.label_seq_id 
_struct_site_gen.pdbx_auth_ins_code 
_struct_site_gen.auth_comp_id 
_struct_site_gen.auth_asym_id 
_struct_site_gen.auth_seq_id 
_struct_site_gen.label_atom_id 
_struct_site_gen.label_alt_id 
_struct_site_gen.symmetry 
_struct_site_gen.details 
1 NPS 1 SER A 38  ? SER A 38  . ? 1_555 ? 
2 CPS 1 SER A 228 ? SER A 228 . ? 1_555 ? 
# 
loop_
_pdbx_validate_torsion.id 
_pdbx_validate_torsion.PDB_model_num 
_pdbx_validate_torsion.auth_comp_id 
_pdbx_validate_torsion.auth_asym_id 
_pdbx_validate_torsion.auth_seq_id 
_pdbx_validate_torsion.PDB_ins_code 
_pdbx_validate_torsion.label_alt_id 
_pdbx_validate_torsion.phi 
_pdbx_validate_torsion.psi 
1 1 ASN A 97  ? ? -166.30 90.81   
2 1 SER A 128 ? ? -165.38 117.36  
3 1 ASP A 151 ? ? 84.65   14.78   
4 1 SER A 159 ? ? 46.95   22.39   
5 1 ASN A 177 ? ? -162.17 -165.44 
6 1 ASP A 196 ? ? -79.32  34.86   
7 1 ASN A 241 ? ? -92.77  33.02   
8 1 ASN A 243 ? ? 60.36   63.99   
# 
loop_
_pdbx_unobs_or_zero_occ_residues.id 
_pdbx_unobs_or_zero_occ_residues.PDB_model_num 
_pdbx_unobs_or_zero_occ_residues.polymer_flag 
_pdbx_unobs_or_zero_occ_residues.occupancy_flag 
_pdbx_unobs_or_zero_occ_residues.auth_asym_id 
_pdbx_unobs_or_zero_occ_residues.auth_comp_id 
_pdbx_unobs_or_zero_occ_residues.auth_seq_id 
_pdbx_unobs_or_zero_occ_residues.PDB_ins_code 
_pdbx_unobs_or_zero_occ_residues.label_asym_id 
_pdbx_unobs_or_zero_occ_residues.label_comp_id 
_pdbx_unobs_or_zero_occ_residues.label_seq_id 
1  1 Y 1 A MET 1   ? A MET 1   
2  1 Y 1 A TYR 2   ? A TYR 2   
3  1 Y 1 A THR 3   ? A THR 3   
4  1 Y 1 A LYS 4   ? A LYS 4   
5  1 Y 1 A ASN 5   ? A ASN 5   
6  1 Y 1 A PHE 6   ? A PHE 6   
7  1 Y 1 A SER 7   ? A SER 7   
8  1 Y 1 A ASN 8   ? A ASN 8   
9  1 Y 1 A SER 9   ? A SER 9   
10 1 Y 1 A ARG 10  ? A ARG 10  
11 1 Y 1 A MET 11  ? A MET 11  
12 1 Y 1 A GLU 12  ? A GLU 12  
13 1 Y 1 A VAL 13  ? A VAL 13  
14 1 Y 1 A LYS 14  ? A LYS 14  
15 1 Y 1 A GLY 15  ? A GLY 15  
16 1 Y 1 A ASN 16  ? A ASN 16  
17 1 Y 1 A ASN 17  ? A ASN 17  
18 1 Y 1 A GLY 18  ? A GLY 18  
19 1 Y 1 A HIS 246 ? A HIS 246 
20 1 Y 1 A SER 247 ? A SER 247 
21 1 Y 1 A ASN 248 ? A ASN 248 
22 1 Y 1 A HIS 249 ? A HIS 249 
23 1 Y 1 A LYS 250 ? A LYS 250 
24 1 Y 1 A ILE 251 ? A ILE 251 
25 1 Y 1 A ILE 252 ? A ILE 252 
26 1 Y 1 A GLN 253 ? A GLN 253 
27 1 Y 1 A ASN 254 ? A ASN 254 
28 1 Y 1 A LEU 255 ? A LEU 255 
29 1 Y 1 A ASN 256 ? A ASN 256 
30 1 Y 1 A LEU 257 ? A LEU 257 
31 1 Y 1 A SER 258 ? A SER 258 
32 1 Y 1 A ASN 259 ? A ASN 259 
# 
loop_
_chem_comp_atom.comp_id 
_chem_comp_atom.atom_id 
_chem_comp_atom.type_symbol 
_chem_comp_atom.pdbx_aromatic_flag 
_chem_comp_atom.pdbx_stereo_config 
_chem_comp_atom.pdbx_ordinal 
ALA N    N N N 1   
ALA CA   C N S 2   
ALA C    C N N 3   
ALA O    O N N 4   
ALA CB   C N N 5   
ALA OXT  O N N 6   
ALA H    H N N 7   
ALA H2   H N N 8   
ALA HA   H N N 9   
ALA HB1  H N N 10  
ALA HB2  H N N 11  
ALA HB3  H N N 12  
ALA HXT  H N N 13  
ARG N    N N N 14  
ARG CA   C N S 15  
ARG C    C N N 16  
ARG O    O N N 17  
ARG CB   C N N 18  
ARG CG   C N N 19  
ARG CD   C N N 20  
ARG NE   N N N 21  
ARG CZ   C N N 22  
ARG NH1  N N N 23  
ARG NH2  N N N 24  
ARG OXT  O N N 25  
ARG H    H N N 26  
ARG H2   H N N 27  
ARG HA   H N N 28  
ARG HB2  H N N 29  
ARG HB3  H N N 30  
ARG HG2  H N N 31  
ARG HG3  H N N 32  
ARG HD2  H N N 33  
ARG HD3  H N N 34  
ARG HE   H N N 35  
ARG HH11 H N N 36  
ARG HH12 H N N 37  
ARG HH21 H N N 38  
ARG HH22 H N N 39  
ARG HXT  H N N 40  
ASN N    N N N 41  
ASN CA   C N S 42  
ASN C    C N N 43  
ASN O    O N N 44  
ASN CB   C N N 45  
ASN CG   C N N 46  
ASN OD1  O N N 47  
ASN ND2  N N N 48  
ASN OXT  O N N 49  
ASN H    H N N 50  
ASN H2   H N N 51  
ASN HA   H N N 52  
ASN HB2  H N N 53  
ASN HB3  H N N 54  
ASN HD21 H N N 55  
ASN HD22 H N N 56  
ASN HXT  H N N 57  
ASP N    N N N 58  
ASP CA   C N S 59  
ASP C    C N N 60  
ASP O    O N N 61  
ASP CB   C N N 62  
ASP CG   C N N 63  
ASP OD1  O N N 64  
ASP OD2  O N N 65  
ASP OXT  O N N 66  
ASP H    H N N 67  
ASP H2   H N N 68  
ASP HA   H N N 69  
ASP HB2  H N N 70  
ASP HB3  H N N 71  
ASP HD2  H N N 72  
ASP HXT  H N N 73  
CYS N    N N N 74  
CYS CA   C N R 75  
CYS C    C N N 76  
CYS O    O N N 77  
CYS CB   C N N 78  
CYS SG   S N N 79  
CYS OXT  O N N 80  
CYS H    H N N 81  
CYS H2   H N N 82  
CYS HA   H N N 83  
CYS HB2  H N N 84  
CYS HB3  H N N 85  
CYS HG   H N N 86  
CYS HXT  H N N 87  
GLN N    N N N 88  
GLN CA   C N S 89  
GLN C    C N N 90  
GLN O    O N N 91  
GLN CB   C N N 92  
GLN CG   C N N 93  
GLN CD   C N N 94  
GLN OE1  O N N 95  
GLN NE2  N N N 96  
GLN OXT  O N N 97  
GLN H    H N N 98  
GLN H2   H N N 99  
GLN HA   H N N 100 
GLN HB2  H N N 101 
GLN HB3  H N N 102 
GLN HG2  H N N 103 
GLN HG3  H N N 104 
GLN HE21 H N N 105 
GLN HE22 H N N 106 
GLN HXT  H N N 107 
GLU N    N N N 108 
GLU CA   C N S 109 
GLU C    C N N 110 
GLU O    O N N 111 
GLU CB   C N N 112 
GLU CG   C N N 113 
GLU CD   C N N 114 
GLU OE1  O N N 115 
GLU OE2  O N N 116 
GLU OXT  O N N 117 
GLU H    H N N 118 
GLU H2   H N N 119 
GLU HA   H N N 120 
GLU HB2  H N N 121 
GLU HB3  H N N 122 
GLU HG2  H N N 123 
GLU HG3  H N N 124 
GLU HE2  H N N 125 
GLU HXT  H N N 126 
GLY N    N N N 127 
GLY CA   C N N 128 
GLY C    C N N 129 
GLY O    O N N 130 
GLY OXT  O N N 131 
GLY H    H N N 132 
GLY H2   H N N 133 
GLY HA2  H N N 134 
GLY HA3  H N N 135 
GLY HXT  H N N 136 
HIS N    N N N 137 
HIS CA   C N S 138 
HIS C    C N N 139 
HIS O    O N N 140 
HIS CB   C N N 141 
HIS CG   C Y N 142 
HIS ND1  N Y N 143 
HIS CD2  C Y N 144 
HIS CE1  C Y N 145 
HIS NE2  N Y N 146 
HIS OXT  O N N 147 
HIS H    H N N 148 
HIS H2   H N N 149 
HIS HA   H N N 150 
HIS HB2  H N N 151 
HIS HB3  H N N 152 
HIS HD1  H N N 153 
HIS HD2  H N N 154 
HIS HE1  H N N 155 
HIS HE2  H N N 156 
HIS HXT  H N N 157 
HOH O    O N N 158 
HOH H1   H N N 159 
HOH H2   H N N 160 
ILE N    N N N 161 
ILE CA   C N S 162 
ILE C    C N N 163 
ILE O    O N N 164 
ILE CB   C N S 165 
ILE CG1  C N N 166 
ILE CG2  C N N 167 
ILE CD1  C N N 168 
ILE OXT  O N N 169 
ILE H    H N N 170 
ILE H2   H N N 171 
ILE HA   H N N 172 
ILE HB   H N N 173 
ILE HG12 H N N 174 
ILE HG13 H N N 175 
ILE HG21 H N N 176 
ILE HG22 H N N 177 
ILE HG23 H N N 178 
ILE HD11 H N N 179 
ILE HD12 H N N 180 
ILE HD13 H N N 181 
ILE HXT  H N N 182 
LEU N    N N N 183 
LEU CA   C N S 184 
LEU C    C N N 185 
LEU O    O N N 186 
LEU CB   C N N 187 
LEU CG   C N N 188 
LEU CD1  C N N 189 
LEU CD2  C N N 190 
LEU OXT  O N N 191 
LEU H    H N N 192 
LEU H2   H N N 193 
LEU HA   H N N 194 
LEU HB2  H N N 195 
LEU HB3  H N N 196 
LEU HG   H N N 197 
LEU HD11 H N N 198 
LEU HD12 H N N 199 
LEU HD13 H N N 200 
LEU HD21 H N N 201 
LEU HD22 H N N 202 
LEU HD23 H N N 203 
LEU HXT  H N N 204 
LYS N    N N N 205 
LYS CA   C N S 206 
LYS C    C N N 207 
LYS O    O N N 208 
LYS CB   C N N 209 
LYS CG   C N N 210 
LYS CD   C N N 211 
LYS CE   C N N 212 
LYS NZ   N N N 213 
LYS OXT  O N N 214 
LYS H    H N N 215 
LYS H2   H N N 216 
LYS HA   H N N 217 
LYS HB2  H N N 218 
LYS HB3  H N N 219 
LYS HG2  H N N 220 
LYS HG3  H N N 221 
LYS HD2  H N N 222 
LYS HD3  H N N 223 
LYS HE2  H N N 224 
LYS HE3  H N N 225 
LYS HZ1  H N N 226 
LYS HZ2  H N N 227 
LYS HZ3  H N N 228 
LYS HXT  H N N 229 
MET N    N N N 230 
MET CA   C N S 231 
MET C    C N N 232 
MET O    O N N 233 
MET CB   C N N 234 
MET CG   C N N 235 
MET SD   S N N 236 
MET CE   C N N 237 
MET OXT  O N N 238 
MET H    H N N 239 
MET H2   H N N 240 
MET HA   H N N 241 
MET HB2  H N N 242 
MET HB3  H N N 243 
MET HG2  H N N 244 
MET HG3  H N N 245 
MET HE1  H N N 246 
MET HE2  H N N 247 
MET HE3  H N N 248 
MET HXT  H N N 249 
PHE N    N N N 250 
PHE CA   C N S 251 
PHE C    C N N 252 
PHE O    O N N 253 
PHE CB   C N N 254 
PHE CG   C Y N 255 
PHE CD1  C Y N 256 
PHE CD2  C Y N 257 
PHE CE1  C Y N 258 
PHE CE2  C Y N 259 
PHE CZ   C Y N 260 
PHE OXT  O N N 261 
PHE H    H N N 262 
PHE H2   H N N 263 
PHE HA   H N N 264 
PHE HB2  H N N 265 
PHE HB3  H N N 266 
PHE HD1  H N N 267 
PHE HD2  H N N 268 
PHE HE1  H N N 269 
PHE HE2  H N N 270 
PHE HZ   H N N 271 
PHE HXT  H N N 272 
PRO N    N N N 273 
PRO CA   C N S 274 
PRO C    C N N 275 
PRO O    O N N 276 
PRO CB   C N N 277 
PRO CG   C N N 278 
PRO CD   C N N 279 
PRO OXT  O N N 280 
PRO H    H N N 281 
PRO HA   H N N 282 
PRO HB2  H N N 283 
PRO HB3  H N N 284 
PRO HG2  H N N 285 
PRO HG3  H N N 286 
PRO HD2  H N N 287 
PRO HD3  H N N 288 
PRO HXT  H N N 289 
SER N    N N N 290 
SER CA   C N S 291 
SER C    C N N 292 
SER O    O N N 293 
SER CB   C N N 294 
SER OG   O N N 295 
SER OXT  O N N 296 
SER H    H N N 297 
SER H2   H N N 298 
SER HA   H N N 299 
SER HB2  H N N 300 
SER HB3  H N N 301 
SER HG   H N N 302 
SER HXT  H N N 303 
THR N    N N N 304 
THR CA   C N S 305 
THR C    C N N 306 
THR O    O N N 307 
THR CB   C N R 308 
THR OG1  O N N 309 
THR CG2  C N N 310 
THR OXT  O N N 311 
THR H    H N N 312 
THR H2   H N N 313 
THR HA   H N N 314 
THR HB   H N N 315 
THR HG1  H N N 316 
THR HG21 H N N 317 
THR HG22 H N N 318 
THR HG23 H N N 319 
THR HXT  H N N 320 
TRP N    N N N 321 
TRP CA   C N S 322 
TRP C    C N N 323 
TRP O    O N N 324 
TRP CB   C N N 325 
TRP CG   C Y N 326 
TRP CD1  C Y N 327 
TRP CD2  C Y N 328 
TRP NE1  N Y N 329 
TRP CE2  C Y N 330 
TRP CE3  C Y N 331 
TRP CZ2  C Y N 332 
TRP CZ3  C Y N 333 
TRP CH2  C Y N 334 
TRP OXT  O N N 335 
TRP H    H N N 336 
TRP H2   H N N 337 
TRP HA   H N N 338 
TRP HB2  H N N 339 
TRP HB3  H N N 340 
TRP HD1  H N N 341 
TRP HE1  H N N 342 
TRP HE3  H N N 343 
TRP HZ2  H N N 344 
TRP HZ3  H N N 345 
TRP HH2  H N N 346 
TRP HXT  H N N 347 
TYR N    N N N 348 
TYR CA   C N S 349 
TYR C    C N N 350 
TYR O    O N N 351 
TYR CB   C N N 352 
TYR CG   C Y N 353 
TYR CD1  C Y N 354 
TYR CD2  C Y N 355 
TYR CE1  C Y N 356 
TYR CE2  C Y N 357 
TYR CZ   C Y N 358 
TYR OH   O N N 359 
TYR OXT  O N N 360 
TYR H    H N N 361 
TYR H2   H N N 362 
TYR HA   H N N 363 
TYR HB2  H N N 364 
TYR HB3  H N N 365 
TYR HD1  H N N 366 
TYR HD2  H N N 367 
TYR HE1  H N N 368 
TYR HE2  H N N 369 
TYR HH   H N N 370 
TYR HXT  H N N 371 
VAL N    N N N 372 
VAL CA   C N S 373 
VAL C    C N N 374 
VAL O    O N N 375 
VAL CB   C N N 376 
VAL CG1  C N N 377 
VAL CG2  C N N 378 
VAL OXT  O N N 379 
VAL H    H N N 380 
VAL H2   H N N 381 
VAL HA   H N N 382 
VAL HB   H N N 383 
VAL HG11 H N N 384 
VAL HG12 H N N 385 
VAL HG13 H N N 386 
VAL HG21 H N N 387 
VAL HG22 H N N 388 
VAL HG23 H N N 389 
VAL HXT  H N N 390 
# 
loop_
_chem_comp_bond.comp_id 
_chem_comp_bond.atom_id_1 
_chem_comp_bond.atom_id_2 
_chem_comp_bond.value_order 
_chem_comp_bond.pdbx_aromatic_flag 
_chem_comp_bond.pdbx_stereo_config 
_chem_comp_bond.pdbx_ordinal 
ALA N   CA   sing N N 1   
ALA N   H    sing N N 2   
ALA N   H2   sing N N 3   
ALA CA  C    sing N N 4   
ALA CA  CB   sing N N 5   
ALA CA  HA   sing N N 6   
ALA C   O    doub N N 7   
ALA C   OXT  sing N N 8   
ALA CB  HB1  sing N N 9   
ALA CB  HB2  sing N N 10  
ALA CB  HB3  sing N N 11  
ALA OXT HXT  sing N N 12  
ARG N   CA   sing N N 13  
ARG N   H    sing N N 14  
ARG N   H2   sing N N 15  
ARG CA  C    sing N N 16  
ARG CA  CB   sing N N 17  
ARG CA  HA   sing N N 18  
ARG C   O    doub N N 19  
ARG C   OXT  sing N N 20  
ARG CB  CG   sing N N 21  
ARG CB  HB2  sing N N 22  
ARG CB  HB3  sing N N 23  
ARG CG  CD   sing N N 24  
ARG CG  HG2  sing N N 25  
ARG CG  HG3  sing N N 26  
ARG CD  NE   sing N N 27  
ARG CD  HD2  sing N N 28  
ARG CD  HD3  sing N N 29  
ARG NE  CZ   sing N N 30  
ARG NE  HE   sing N N 31  
ARG CZ  NH1  sing N N 32  
ARG CZ  NH2  doub N N 33  
ARG NH1 HH11 sing N N 34  
ARG NH1 HH12 sing N N 35  
ARG NH2 HH21 sing N N 36  
ARG NH2 HH22 sing N N 37  
ARG OXT HXT  sing N N 38  
ASN N   CA   sing N N 39  
ASN N   H    sing N N 40  
ASN N   H2   sing N N 41  
ASN CA  C    sing N N 42  
ASN CA  CB   sing N N 43  
ASN CA  HA   sing N N 44  
ASN C   O    doub N N 45  
ASN C   OXT  sing N N 46  
ASN CB  CG   sing N N 47  
ASN CB  HB2  sing N N 48  
ASN CB  HB3  sing N N 49  
ASN CG  OD1  doub N N 50  
ASN CG  ND2  sing N N 51  
ASN ND2 HD21 sing N N 52  
ASN ND2 HD22 sing N N 53  
ASN OXT HXT  sing N N 54  
ASP N   CA   sing N N 55  
ASP N   H    sing N N 56  
ASP N   H2   sing N N 57  
ASP CA  C    sing N N 58  
ASP CA  CB   sing N N 59  
ASP CA  HA   sing N N 60  
ASP C   O    doub N N 61  
ASP C   OXT  sing N N 62  
ASP CB  CG   sing N N 63  
ASP CB  HB2  sing N N 64  
ASP CB  HB3  sing N N 65  
ASP CG  OD1  doub N N 66  
ASP CG  OD2  sing N N 67  
ASP OD2 HD2  sing N N 68  
ASP OXT HXT  sing N N 69  
CYS N   CA   sing N N 70  
CYS N   H    sing N N 71  
CYS N   H2   sing N N 72  
CYS CA  C    sing N N 73  
CYS CA  CB   sing N N 74  
CYS CA  HA   sing N N 75  
CYS C   O    doub N N 76  
CYS C   OXT  sing N N 77  
CYS CB  SG   sing N N 78  
CYS CB  HB2  sing N N 79  
CYS CB  HB3  sing N N 80  
CYS SG  HG   sing N N 81  
CYS OXT HXT  sing N N 82  
GLN N   CA   sing N N 83  
GLN N   H    sing N N 84  
GLN N   H2   sing N N 85  
GLN CA  C    sing N N 86  
GLN CA  CB   sing N N 87  
GLN CA  HA   sing N N 88  
GLN C   O    doub N N 89  
GLN C   OXT  sing N N 90  
GLN CB  CG   sing N N 91  
GLN CB  HB2  sing N N 92  
GLN CB  HB3  sing N N 93  
GLN CG  CD   sing N N 94  
GLN CG  HG2  sing N N 95  
GLN CG  HG3  sing N N 96  
GLN CD  OE1  doub N N 97  
GLN CD  NE2  sing N N 98  
GLN NE2 HE21 sing N N 99  
GLN NE2 HE22 sing N N 100 
GLN OXT HXT  sing N N 101 
GLU N   CA   sing N N 102 
GLU N   H    sing N N 103 
GLU N   H2   sing N N 104 
GLU CA  C    sing N N 105 
GLU CA  CB   sing N N 106 
GLU CA  HA   sing N N 107 
GLU C   O    doub N N 108 
GLU C   OXT  sing N N 109 
GLU CB  CG   sing N N 110 
GLU CB  HB2  sing N N 111 
GLU CB  HB3  sing N N 112 
GLU CG  CD   sing N N 113 
GLU CG  HG2  sing N N 114 
GLU CG  HG3  sing N N 115 
GLU CD  OE1  doub N N 116 
GLU CD  OE2  sing N N 117 
GLU OE2 HE2  sing N N 118 
GLU OXT HXT  sing N N 119 
GLY N   CA   sing N N 120 
GLY N   H    sing N N 121 
GLY N   H2   sing N N 122 
GLY CA  C    sing N N 123 
GLY CA  HA2  sing N N 124 
GLY CA  HA3  sing N N 125 
GLY C   O    doub N N 126 
GLY C   OXT  sing N N 127 
GLY OXT HXT  sing N N 128 
HIS N   CA   sing N N 129 
HIS N   H    sing N N 130 
HIS N   H2   sing N N 131 
HIS CA  C    sing N N 132 
HIS CA  CB   sing N N 133 
HIS CA  HA   sing N N 134 
HIS C   O    doub N N 135 
HIS C   OXT  sing N N 136 
HIS CB  CG   sing N N 137 
HIS CB  HB2  sing N N 138 
HIS CB  HB3  sing N N 139 
HIS CG  ND1  sing Y N 140 
HIS CG  CD2  doub Y N 141 
HIS ND1 CE1  doub Y N 142 
HIS ND1 HD1  sing N N 143 
HIS CD2 NE2  sing Y N 144 
HIS CD2 HD2  sing N N 145 
HIS CE1 NE2  sing Y N 146 
HIS CE1 HE1  sing N N 147 
HIS NE2 HE2  sing N N 148 
HIS OXT HXT  sing N N 149 
HOH O   H1   sing N N 150 
HOH O   H2   sing N N 151 
ILE N   CA   sing N N 152 
ILE N   H    sing N N 153 
ILE N   H2   sing N N 154 
ILE CA  C    sing N N 155 
ILE CA  CB   sing N N 156 
ILE CA  HA   sing N N 157 
ILE C   O    doub N N 158 
ILE C   OXT  sing N N 159 
ILE CB  CG1  sing N N 160 
ILE CB  CG2  sing N N 161 
ILE CB  HB   sing N N 162 
ILE CG1 CD1  sing N N 163 
ILE CG1 HG12 sing N N 164 
ILE CG1 HG13 sing N N 165 
ILE CG2 HG21 sing N N 166 
ILE CG2 HG22 sing N N 167 
ILE CG2 HG23 sing N N 168 
ILE CD1 HD11 sing N N 169 
ILE CD1 HD12 sing N N 170 
ILE CD1 HD13 sing N N 171 
ILE OXT HXT  sing N N 172 
LEU N   CA   sing N N 173 
LEU N   H    sing N N 174 
LEU N   H2   sing N N 175 
LEU CA  C    sing N N 176 
LEU CA  CB   sing N N 177 
LEU CA  HA   sing N N 178 
LEU C   O    doub N N 179 
LEU C   OXT  sing N N 180 
LEU CB  CG   sing N N 181 
LEU CB  HB2  sing N N 182 
LEU CB  HB3  sing N N 183 
LEU CG  CD1  sing N N 184 
LEU CG  CD2  sing N N 185 
LEU CG  HG   sing N N 186 
LEU CD1 HD11 sing N N 187 
LEU CD1 HD12 sing N N 188 
LEU CD1 HD13 sing N N 189 
LEU CD2 HD21 sing N N 190 
LEU CD2 HD22 sing N N 191 
LEU CD2 HD23 sing N N 192 
LEU OXT HXT  sing N N 193 
LYS N   CA   sing N N 194 
LYS N   H    sing N N 195 
LYS N   H2   sing N N 196 
LYS CA  C    sing N N 197 
LYS CA  CB   sing N N 198 
LYS CA  HA   sing N N 199 
LYS C   O    doub N N 200 
LYS C   OXT  sing N N 201 
LYS CB  CG   sing N N 202 
LYS CB  HB2  sing N N 203 
LYS CB  HB3  sing N N 204 
LYS CG  CD   sing N N 205 
LYS CG  HG2  sing N N 206 
LYS CG  HG3  sing N N 207 
LYS CD  CE   sing N N 208 
LYS CD  HD2  sing N N 209 
LYS CD  HD3  sing N N 210 
LYS CE  NZ   sing N N 211 
LYS CE  HE2  sing N N 212 
LYS CE  HE3  sing N N 213 
LYS NZ  HZ1  sing N N 214 
LYS NZ  HZ2  sing N N 215 
LYS NZ  HZ3  sing N N 216 
LYS OXT HXT  sing N N 217 
MET N   CA   sing N N 218 
MET N   H    sing N N 219 
MET N   H2   sing N N 220 
MET CA  C    sing N N 221 
MET CA  CB   sing N N 222 
MET CA  HA   sing N N 223 
MET C   O    doub N N 224 
MET C   OXT  sing N N 225 
MET CB  CG   sing N N 226 
MET CB  HB2  sing N N 227 
MET CB  HB3  sing N N 228 
MET CG  SD   sing N N 229 
MET CG  HG2  sing N N 230 
MET CG  HG3  sing N N 231 
MET SD  CE   sing N N 232 
MET CE  HE1  sing N N 233 
MET CE  HE2  sing N N 234 
MET CE  HE3  sing N N 235 
MET OXT HXT  sing N N 236 
PHE N   CA   sing N N 237 
PHE N   H    sing N N 238 
PHE N   H2   sing N N 239 
PHE CA  C    sing N N 240 
PHE CA  CB   sing N N 241 
PHE CA  HA   sing N N 242 
PHE C   O    doub N N 243 
PHE C   OXT  sing N N 244 
PHE CB  CG   sing N N 245 
PHE CB  HB2  sing N N 246 
PHE CB  HB3  sing N N 247 
PHE CG  CD1  doub Y N 248 
PHE CG  CD2  sing Y N 249 
PHE CD1 CE1  sing Y N 250 
PHE CD1 HD1  sing N N 251 
PHE CD2 CE2  doub Y N 252 
PHE CD2 HD2  sing N N 253 
PHE CE1 CZ   doub Y N 254 
PHE CE1 HE1  sing N N 255 
PHE CE2 CZ   sing Y N 256 
PHE CE2 HE2  sing N N 257 
PHE CZ  HZ   sing N N 258 
PHE OXT HXT  sing N N 259 
PRO N   CA   sing N N 260 
PRO N   CD   sing N N 261 
PRO N   H    sing N N 262 
PRO CA  C    sing N N 263 
PRO CA  CB   sing N N 264 
PRO CA  HA   sing N N 265 
PRO C   O    doub N N 266 
PRO C   OXT  sing N N 267 
PRO CB  CG   sing N N 268 
PRO CB  HB2  sing N N 269 
PRO CB  HB3  sing N N 270 
PRO CG  CD   sing N N 271 
PRO CG  HG2  sing N N 272 
PRO CG  HG3  sing N N 273 
PRO CD  HD2  sing N N 274 
PRO CD  HD3  sing N N 275 
PRO OXT HXT  sing N N 276 
SER N   CA   sing N N 277 
SER N   H    sing N N 278 
SER N   H2   sing N N 279 
SER CA  C    sing N N 280 
SER CA  CB   sing N N 281 
SER CA  HA   sing N N 282 
SER C   O    doub N N 283 
SER C   OXT  sing N N 284 
SER CB  OG   sing N N 285 
SER CB  HB2  sing N N 286 
SER CB  HB3  sing N N 287 
SER OG  HG   sing N N 288 
SER OXT HXT  sing N N 289 
THR N   CA   sing N N 290 
THR N   H    sing N N 291 
THR N   H2   sing N N 292 
THR CA  C    sing N N 293 
THR CA  CB   sing N N 294 
THR CA  HA   sing N N 295 
THR C   O    doub N N 296 
THR C   OXT  sing N N 297 
THR CB  OG1  sing N N 298 
THR CB  CG2  sing N N 299 
THR CB  HB   sing N N 300 
THR OG1 HG1  sing N N 301 
THR CG2 HG21 sing N N 302 
THR CG2 HG22 sing N N 303 
THR CG2 HG23 sing N N 304 
THR OXT HXT  sing N N 305 
TRP N   CA   sing N N 306 
TRP N   H    sing N N 307 
TRP N   H2   sing N N 308 
TRP CA  C    sing N N 309 
TRP CA  CB   sing N N 310 
TRP CA  HA   sing N N 311 
TRP C   O    doub N N 312 
TRP C   OXT  sing N N 313 
TRP CB  CG   sing N N 314 
TRP CB  HB2  sing N N 315 
TRP CB  HB3  sing N N 316 
TRP CG  CD1  doub Y N 317 
TRP CG  CD2  sing Y N 318 
TRP CD1 NE1  sing Y N 319 
TRP CD1 HD1  sing N N 320 
TRP CD2 CE2  doub Y N 321 
TRP CD2 CE3  sing Y N 322 
TRP NE1 CE2  sing Y N 323 
TRP NE1 HE1  sing N N 324 
TRP CE2 CZ2  sing Y N 325 
TRP CE3 CZ3  doub Y N 326 
TRP CE3 HE3  sing N N 327 
TRP CZ2 CH2  doub Y N 328 
TRP CZ2 HZ2  sing N N 329 
TRP CZ3 CH2  sing Y N 330 
TRP CZ3 HZ3  sing N N 331 
TRP CH2 HH2  sing N N 332 
TRP OXT HXT  sing N N 333 
TYR N   CA   sing N N 334 
TYR N   H    sing N N 335 
TYR N   H2   sing N N 336 
TYR CA  C    sing N N 337 
TYR CA  CB   sing N N 338 
TYR CA  HA   sing N N 339 
TYR C   O    doub N N 340 
TYR C   OXT  sing N N 341 
TYR CB  CG   sing N N 342 
TYR CB  HB2  sing N N 343 
TYR CB  HB3  sing N N 344 
TYR CG  CD1  doub Y N 345 
TYR CG  CD2  sing Y N 346 
TYR CD1 CE1  sing Y N 347 
TYR CD1 HD1  sing N N 348 
TYR CD2 CE2  doub Y N 349 
TYR CD2 HD2  sing N N 350 
TYR CE1 CZ   doub Y N 351 
TYR CE1 HE1  sing N N 352 
TYR CE2 CZ   sing Y N 353 
TYR CE2 HE2  sing N N 354 
TYR CZ  OH   sing N N 355 
TYR OH  HH   sing N N 356 
TYR OXT HXT  sing N N 357 
VAL N   CA   sing N N 358 
VAL N   H    sing N N 359 
VAL N   H2   sing N N 360 
VAL CA  C    sing N N 361 
VAL CA  CB   sing N N 362 
VAL CA  HA   sing N N 363 
VAL C   O    doub N N 364 
VAL C   OXT  sing N N 365 
VAL CB  CG1  sing N N 366 
VAL CB  CG2  sing N N 367 
VAL CB  HB   sing N N 368 
VAL CG1 HG11 sing N N 369 
VAL CG1 HG12 sing N N 370 
VAL CG1 HG13 sing N N 371 
VAL CG2 HG21 sing N N 372 
VAL CG2 HG22 sing N N 373 
VAL CG2 HG23 sing N N 374 
VAL OXT HXT  sing N N 375 
# 
_atom_sites.entry_id                    1CBY 
_atom_sites.fract_transf_matrix[1][1]   -0.01167349 
_atom_sites.fract_transf_matrix[1][2]   0.01273054 
_atom_sites.fract_transf_matrix[1][3]   0.00062297 
_atom_sites.fract_transf_matrix[2][1]   -0.01361526 
_atom_sites.fract_transf_matrix[2][2]   -0.00126958 
_atom_sites.fract_transf_matrix[2][3]   0.01056953 
_atom_sites.fract_transf_matrix[3][1]   0.00306332 
_atom_sites.fract_transf_matrix[3][2]   0.00260057 
_atom_sites.fract_transf_matrix[3][3]   0.00425842 
_atom_sites.fract_transf_vector[1]      0.326513 
_atom_sites.fract_transf_vector[2]      0.321639 
_atom_sites.fract_transf_vector[3]      0.413840 
# 
loop_
_atom_type.symbol 
C 
N 
O 
S 
# 
loop_
_atom_site.group_PDB 
_atom_site.id 
_atom_site.type_symbol 
_atom_site.label_atom_id 
_atom_site.label_alt_id 
_atom_site.label_comp_id 
_atom_site.label_asym_id 
_atom_site.label_entity_id 
_atom_site.label_seq_id 
_atom_site.pdbx_PDB_ins_code 
_atom_site.Cartn_x 
_atom_site.Cartn_y 
_atom_site.Cartn_z 
_atom_site.occupancy 
_atom_site.B_iso_or_equiv 
_atom_site.pdbx_formal_charge 
_atom_site.auth_seq_id 
_atom_site.auth_comp_id 
_atom_site.auth_asym_id 
_atom_site.auth_atom_id 
_atom_site.pdbx_PDB_model_num 
ATOM   1    N N   . CYS A 1 19  ? -12.784 22.027  35.896  1.00 101.64 ? 19  CYS A N   1 
ATOM   2    C CA  . CYS A 1 19  ? -12.344 20.633  35.611  1.00 100.01 ? 19  CYS A CA  1 
ATOM   3    C C   . CYS A 1 19  ? -11.247 20.679  34.558  1.00 97.99  ? 19  CYS A C   1 
ATOM   4    O O   . CYS A 1 19  ? -10.853 21.761  34.119  1.00 96.44  ? 19  CYS A O   1 
ATOM   5    C CB  . CYS A 1 19  ? -13.526 19.791  35.120  1.00 99.69  ? 19  CYS A CB  1 
ATOM   6    S SG  . CYS A 1 19  ? -14.854 19.607  36.336  1.00 100.66 ? 19  CYS A SG  1 
ATOM   7    N N   . SER A 1 20  ? -10.748 19.510  34.169  1.00 94.22  ? 20  SER A N   1 
ATOM   8    C CA  . SER A 1 20  ? -9.690  19.420  33.173  1.00 89.29  ? 20  SER A CA  1 
ATOM   9    C C   . SER A 1 20  ? -10.188 19.712  31.759  1.00 85.75  ? 20  SER A C   1 
ATOM   10   O O   . SER A 1 20  ? -11.224 19.199  31.331  1.00 85.73  ? 20  SER A O   1 
ATOM   11   C CB  . SER A 1 20  ? -9.022  18.040  33.233  1.00 87.97  ? 20  SER A CB  1 
ATOM   12   O OG  . SER A 1 20  ? -9.958  17.024  33.556  1.00 87.37  ? 20  SER A OG  1 
ATOM   13   N N   . ALA A 1 21  ? -9.473  20.594  31.069  1.00 79.07  ? 21  ALA A N   1 
ATOM   14   C CA  . ALA A 1 21  ? -9.804  20.963  29.699  1.00 71.59  ? 21  ALA A CA  1 
ATOM   15   C C   . ALA A 1 21  ? -9.238  19.883  28.778  1.00 66.90  ? 21  ALA A C   1 
ATOM   16   O O   . ALA A 1 21  ? -8.171  19.327  29.053  1.00 69.49  ? 21  ALA A O   1 
ATOM   17   C CB  . ALA A 1 21  ? -9.196  22.310  29.365  1.00 72.98  ? 21  ALA A CB  1 
ATOM   18   N N   . PRO A 1 22  ? -9.939  19.574  27.672  1.00 57.38  ? 22  PRO A N   1 
ATOM   19   C CA  . PRO A 1 22  ? -9.491  18.552  26.720  1.00 49.84  ? 22  PRO A CA  1 
ATOM   20   C C   . PRO A 1 22  ? -8.132  18.854  26.093  1.00 44.84  ? 22  PRO A C   1 
ATOM   21   O O   . PRO A 1 22  ? -7.829  20.002  25.764  1.00 45.73  ? 22  PRO A O   1 
ATOM   22   C CB  . PRO A 1 22  ? -10.607 18.551  25.676  1.00 48.43  ? 22  PRO A CB  1 
ATOM   23   C CG  . PRO A 1 22  ? -11.087 19.964  25.702  1.00 47.36  ? 22  PRO A CG  1 
ATOM   24   C CD  . PRO A 1 22  ? -11.160 20.234  27.179  1.00 54.61  ? 22  PRO A CD  1 
ATOM   25   N N   . ILE A 1 23  ? -7.316  17.817  25.939  1.00 38.58  ? 23  ILE A N   1 
ATOM   26   C CA  . ILE A 1 23  ? -5.994  17.960  25.346  1.00 36.29  ? 23  ILE A CA  1 
ATOM   27   C C   . ILE A 1 23  ? -6.152  18.124  23.840  1.00 36.01  ? 23  ILE A C   1 
ATOM   28   O O   . ILE A 1 23  ? -6.887  17.373  23.209  1.00 43.95  ? 23  ILE A O   1 
ATOM   29   C CB  . ILE A 1 23  ? -5.106  16.745  25.676  1.00 34.41  ? 23  ILE A CB  1 
ATOM   30   C CG1 . ILE A 1 23  ? -4.859  16.693  27.188  1.00 32.12  ? 23  ILE A CG1 1 
ATOM   31   C CG2 . ILE A 1 23  ? -3.793  16.815  24.906  1.00 33.94  ? 23  ILE A CG2 1 
ATOM   32   C CD1 . ILE A 1 23  ? -4.056  15.495  27.652  1.00 37.83  ? 23  ILE A CD1 1 
ATOM   33   N N   . ILE A 1 24  ? -5.497  19.135  23.284  1.00 35.35  ? 24  ILE A N   1 
ATOM   34   C CA  . ILE A 1 24  ? -5.580  19.431  21.860  1.00 30.83  ? 24  ILE A CA  1 
ATOM   35   C C   . ILE A 1 24  ? -4.315  19.047  21.112  1.00 33.76  ? 24  ILE A C   1 
ATOM   36   O O   . ILE A 1 24  ? -3.213  19.163  21.647  1.00 38.27  ? 24  ILE A O   1 
ATOM   37   C CB  . ILE A 1 24  ? -5.854  20.931  21.645  1.00 35.42  ? 24  ILE A CB  1 
ATOM   38   C CG1 . ILE A 1 24  ? -7.075  21.345  22.461  1.00 40.18  ? 24  ILE A CG1 1 
ATOM   39   C CG2 . ILE A 1 24  ? -6.119  21.220  20.182  1.00 46.63  ? 24  ILE A CG2 1 
ATOM   40   C CD1 . ILE A 1 24  ? -8.322  20.518  22.165  1.00 42.24  ? 24  ILE A CD1 1 
ATOM   41   N N   . ARG A 1 25  ? -4.478  18.611  19.864  1.00 37.04  ? 25  ARG A N   1 
ATOM   42   C CA  . ARG A 1 25  ? -3.359  18.202  19.013  1.00 35.88  ? 25  ARG A CA  1 
ATOM   43   C C   . ARG A 1 25  ? -3.466  18.863  17.647  1.00 31.15  ? 25  ARG A C   1 
ATOM   44   O O   . ARG A 1 25  ? -4.525  19.381  17.289  1.00 29.43  ? 25  ARG A O   1 
ATOM   45   C CB  . ARG A 1 25  ? -3.345  16.681  18.857  1.00 42.81  ? 25  ARG A CB  1 
ATOM   46   C CG  . ARG A 1 25  ? -3.144  15.944  20.166  1.00 61.04  ? 25  ARG A CG  1 
ATOM   47   C CD  . ARG A 1 25  ? -3.185  14.448  19.981  1.00 73.68  ? 25  ARG A CD  1 
ATOM   48   N NE  . ARG A 1 25  ? -3.077  13.760  21.263  1.00 89.65  ? 25  ARG A NE  1 
ATOM   49   C CZ  . ARG A 1 25  ? -2.472  12.590  21.435  1.00 99.75  ? 25  ARG A CZ  1 
ATOM   50   N NH1 . ARG A 1 25  ? -1.914  11.969  20.403  1.00 104.20 ? 25  ARG A NH1 1 
ATOM   51   N NH2 . ARG A 1 25  ? -2.431  12.035  22.640  1.00 105.44 ? 25  ARG A NH2 1 
ATOM   52   N N   . LYS A 1 26  ? -2.372  18.857  16.887  1.00 29.81  ? 26  LYS A N   1 
ATOM   53   C CA  . LYS A 1 26  ? -2.375  19.471  15.563  1.00 32.40  ? 26  LYS A CA  1 
ATOM   54   C C   . LYS A 1 26  ? -3.445  18.787  14.728  1.00 30.77  ? 26  LYS A C   1 
ATOM   55   O O   . LYS A 1 26  ? -3.467  17.564  14.621  1.00 33.73  ? 26  LYS A O   1 
ATOM   56   C CB  . LYS A 1 26  ? -1.015  19.326  14.878  1.00 33.33  ? 26  LYS A CB  1 
ATOM   57   C CG  . LYS A 1 26  ? -0.644  20.535  14.028  1.00 45.94  ? 26  LYS A CG  1 
ATOM   58   C CD  . LYS A 1 26  ? 0.097   20.156  12.749  1.00 54.46  ? 26  LYS A CD  1 
ATOM   59   C CE  . LYS A 1 26  ? -0.860  19.655  11.669  1.00 52.60  ? 26  LYS A CE  1 
ATOM   60   N NZ  . LYS A 1 26  ? -1.845  20.695  11.241  1.00 51.20  ? 26  LYS A NZ  1 
ATOM   61   N N   . PRO A 1 27  ? -4.370  19.566  14.157  1.00 31.00  ? 27  PRO A N   1 
ATOM   62   C CA  . PRO A 1 27  ? -5.455  19.029  13.336  1.00 30.00  ? 27  PRO A CA  1 
ATOM   63   C C   . PRO A 1 27  ? -5.039  18.451  11.982  1.00 31.47  ? 27  PRO A C   1 
ATOM   64   O O   . PRO A 1 27  ? -4.220  19.021  11.258  1.00 33.27  ? 27  PRO A O   1 
ATOM   65   C CB  . PRO A 1 27  ? -6.384  20.228  13.185  1.00 31.76  ? 27  PRO A CB  1 
ATOM   66   C CG  . PRO A 1 27  ? -5.430  21.376  13.156  1.00 37.55  ? 27  PRO A CG  1 
ATOM   67   C CD  . PRO A 1 27  ? -4.478  21.031  14.277  1.00 36.50  ? 27  PRO A CD  1 
ATOM   68   N N   . PHE A 1 28  ? -5.629  17.308  11.655  1.00 33.12  ? 28  PHE A N   1 
ATOM   69   C CA  . PHE A 1 28  ? -5.380  16.609  10.404  1.00 29.32  ? 28  PHE A CA  1 
ATOM   70   C C   . PHE A 1 28  ? -6.732  16.125  9.917   1.00 24.81  ? 28  PHE A C   1 
ATOM   71   O O   . PHE A 1 28  ? -7.611  15.826  10.723  1.00 27.44  ? 28  PHE A O   1 
ATOM   72   C CB  . PHE A 1 28  ? -4.502  15.376  10.633  1.00 30.92  ? 28  PHE A CB  1 
ATOM   73   C CG  . PHE A 1 28  ? -3.041  15.673  10.740  1.00 32.80  ? 28  PHE A CG  1 
ATOM   74   C CD1 . PHE A 1 28  ? -2.471  15.998  11.962  1.00 37.83  ? 28  PHE A CD1 1 
ATOM   75   C CD2 . PHE A 1 28  ? -2.226  15.600  9.617   1.00 35.16  ? 28  PHE A CD2 1 
ATOM   76   C CE1 . PHE A 1 28  ? -1.109  16.246  12.066  1.00 42.55  ? 28  PHE A CE1 1 
ATOM   77   C CE2 . PHE A 1 28  ? -0.864  15.844  9.707   1.00 37.54  ? 28  PHE A CE2 1 
ATOM   78   C CZ  . PHE A 1 28  ? -0.302  16.169  10.936  1.00 42.09  ? 28  PHE A CZ  1 
ATOM   79   N N   . LYS A 1 29  ? -6.918  16.093  8.607   1.00 21.23  ? 29  LYS A N   1 
ATOM   80   C CA  . LYS A 1 29  ? -8.162  15.594  8.048   1.00 24.14  ? 29  LYS A CA  1 
ATOM   81   C C   . LYS A 1 29  ? -7.929  14.130  7.712   1.00 18.39  ? 29  LYS A C   1 
ATOM   82   O O   . LYS A 1 29  ? -6.842  13.754  7.271   1.00 24.38  ? 29  LYS A O   1 
ATOM   83   C CB  . LYS A 1 29  ? -8.547  16.368  6.786   1.00 26.36  ? 29  LYS A CB  1 
ATOM   84   C CG  . LYS A 1 29  ? -9.017  17.779  7.058   1.00 23.62  ? 29  LYS A CG  1 
ATOM   85   C CD  . LYS A 1 29  ? -9.593  18.418  5.813   1.00 28.58  ? 29  LYS A CD  1 
ATOM   86   C CE  . LYS A 1 29  ? -10.287 19.731  6.144   1.00 35.24  ? 29  LYS A CE  1 
ATOM   87   N NZ  . LYS A 1 29  ? -11.366 19.536  7.158   1.00 32.91  ? 29  LYS A NZ  1 
ATOM   88   N N   . HIS A 1 30  ? -8.914  13.298  8.009   1.00 13.41  ? 30  HIS A N   1 
ATOM   89   C CA  . HIS A 1 30  ? -8.832  11.876  7.713   1.00 20.76  ? 30  HIS A CA  1 
ATOM   90   C C   . HIS A 1 30  ? -9.993  11.588  6.777   1.00 23.67  ? 30  HIS A C   1 
ATOM   91   O O   . HIS A 1 30  ? -11.126 11.389  7.219   1.00 22.59  ? 30  HIS A O   1 
ATOM   92   C CB  . HIS A 1 30  ? -8.966  11.056  8.988   1.00 19.13  ? 30  HIS A CB  1 
ATOM   93   C CG  . HIS A 1 30  ? -8.669  9.605   8.797   1.00 19.17  ? 30  HIS A CG  1 
ATOM   94   N ND1 . HIS A 1 30  ? -9.673  8.673   8.709   1.00 20.67  ? 30  HIS A ND1 1 
ATOM   95   C CD2 . HIS A 1 30  ? -7.468  8.990   8.673   1.00 12.32  ? 30  HIS A CD2 1 
ATOM   96   C CE1 . HIS A 1 30  ? -9.066  7.514   8.536   1.00 21.21  ? 30  HIS A CE1 1 
ATOM   97   N NE2 . HIS A 1 30  ? -7.732  7.656   8.508   1.00 21.92  ? 30  HIS A NE2 1 
ATOM   98   N N   . ILE A 1 31  ? -9.713  11.617  5.480   1.00 24.45  ? 31  ILE A N   1 
ATOM   99   C CA  . ILE A 1 31  ? -10.733 11.409  4.460   1.00 23.78  ? 31  ILE A CA  1 
ATOM   100  C C   . ILE A 1 31  ? -10.541 10.144  3.634   1.00 21.11  ? 31  ILE A C   1 
ATOM   101  O O   . ILE A 1 31  ? -9.520  9.985   2.968   1.00 23.11  ? 31  ILE A O   1 
ATOM   102  C CB  . ILE A 1 31  ? -10.747 12.590  3.460   1.00 22.01  ? 31  ILE A CB  1 
ATOM   103  C CG1 . ILE A 1 31  ? -10.870 13.920  4.202   1.00 18.19  ? 31  ILE A CG1 1 
ATOM   104  C CG2 . ILE A 1 31  ? -11.891 12.428  2.466   1.00 28.36  ? 31  ILE A CG2 1 
ATOM   105  C CD1 . ILE A 1 31  ? -10.630 15.123  3.319   1.00 18.99  ? 31  ILE A CD1 1 
ATOM   106  N N   . VAL A 1 32  ? -11.510 9.239   3.682   1.00 21.91  ? 32  VAL A N   1 
ATOM   107  C CA  . VAL A 1 32  ? -11.436 8.037   2.861   1.00 20.23  ? 32  VAL A CA  1 
ATOM   108  C C   . VAL A 1 32  ? -12.115 8.473   1.568   1.00 20.71  ? 32  VAL A C   1 
ATOM   109  O O   . VAL A 1 32  ? -13.324 8.709   1.535   1.00 19.76  ? 32  VAL A O   1 
ATOM   110  C CB  . VAL A 1 32  ? -12.197 6.854   3.477   1.00 21.24  ? 32  VAL A CB  1 
ATOM   111  C CG1 . VAL A 1 32  ? -11.979 5.608   2.633   1.00 20.31  ? 32  VAL A CG1 1 
ATOM   112  C CG2 . VAL A 1 32  ? -11.726 6.614   4.892   1.00 19.54  ? 32  VAL A CG2 1 
ATOM   113  N N   . LEU A 1 33  ? -11.309 8.675   0.537   1.00 21.62  ? 33  LEU A N   1 
ATOM   114  C CA  . LEU A 1 33  ? -11.791 9.125   -0.758  1.00 23.81  ? 33  LEU A CA  1 
ATOM   115  C C   . LEU A 1 33  ? -11.996 8.006   -1.767  1.00 28.55  ? 33  LEU A C   1 
ATOM   116  O O   . LEU A 1 33  ? -11.066 7.254   -2.078  1.00 20.38  ? 33  LEU A O   1 
ATOM   117  C CB  . LEU A 1 33  ? -10.799 10.118  -1.364  1.00 23.05  ? 33  LEU A CB  1 
ATOM   118  C CG  . LEU A 1 33  ? -11.258 11.529  -1.729  1.00 20.89  ? 33  LEU A CG  1 
ATOM   119  C CD1 . LEU A 1 33  ? -10.194 12.150  -2.620  1.00 23.59  ? 33  LEU A CD1 1 
ATOM   120  C CD2 . LEU A 1 33  ? -12.598 11.512  -2.444  1.00 13.58  ? 33  LEU A CD2 1 
ATOM   121  N N   . THR A 1 34  ? -13.215 7.911   -2.281  1.00 31.95  ? 34  THR A N   1 
ATOM   122  C CA  . THR A 1 34  ? -13.540 6.939   -3.310  1.00 29.09  ? 34  THR A CA  1 
ATOM   123  C C   . THR A 1 34  ? -14.108 7.821   -4.412  1.00 27.39  ? 34  THR A C   1 
ATOM   124  O O   . THR A 1 34  ? -15.209 8.361   -4.293  1.00 27.38  ? 34  THR A O   1 
ATOM   125  C CB  . THR A 1 34  ? -14.561 5.906   -2.840  1.00 27.27  ? 34  THR A CB  1 
ATOM   126  O OG1 . THR A 1 34  ? -14.106 5.318   -1.616  1.00 36.61  ? 34  THR A OG1 1 
ATOM   127  C CG2 . THR A 1 34  ? -14.703 4.806   -3.882  1.00 29.13  ? 34  THR A CG2 1 
ATOM   128  N N   . VAL A 1 35  ? -13.298 8.039   -5.436  1.00 24.64  ? 35  VAL A N   1 
ATOM   129  C CA  . VAL A 1 35  ? -13.664 8.893   -6.551  1.00 26.19  ? 35  VAL A CA  1 
ATOM   130  C C   . VAL A 1 35  ? -13.428 8.128   -7.862  1.00 29.20  ? 35  VAL A C   1 
ATOM   131  O O   . VAL A 1 35  ? -12.470 7.360   -7.963  1.00 31.01  ? 35  VAL A O   1 
ATOM   132  C CB  . VAL A 1 35  ? -12.800 10.184  -6.509  1.00 19.26  ? 35  VAL A CB  1 
ATOM   133  C CG1 . VAL A 1 35  ? -11.345 9.876   -6.821  1.00 22.37  ? 35  VAL A CG1 1 
ATOM   134  C CG2 . VAL A 1 35  ? -13.323 11.203  -7.450  1.00 24.18  ? 35  VAL A CG2 1 
ATOM   135  N N   . PRO A 1 36  ? -14.344 8.259   -8.847  1.00 31.03  ? 36  PRO A N   1 
ATOM   136  C CA  . PRO A 1 36  ? -14.188 7.564   -10.133 1.00 29.59  ? 36  PRO A CA  1 
ATOM   137  C C   . PRO A 1 36  ? -12.884 7.932   -10.842 1.00 26.59  ? 36  PRO A C   1 
ATOM   138  O O   . PRO A 1 36  ? -12.574 9.108   -11.012 1.00 29.91  ? 36  PRO A O   1 
ATOM   139  C CB  . PRO A 1 36  ? -15.434 7.998   -10.917 1.00 22.97  ? 36  PRO A CB  1 
ATOM   140  C CG  . PRO A 1 36  ? -15.899 9.243   -10.220 1.00 26.99  ? 36  PRO A CG  1 
ATOM   141  C CD  . PRO A 1 36  ? -15.647 8.941   -8.782  1.00 28.35  ? 36  PRO A CD  1 
ATOM   142  N N   . SER A 1 37  ? -12.132 6.911   -11.243 1.00 27.72  ? 37  SER A N   1 
ATOM   143  C CA  . SER A 1 37  ? -10.837 7.093   -11.894 1.00 29.03  ? 37  SER A CA  1 
ATOM   144  C C   . SER A 1 37  ? -10.907 7.203   -13.414 1.00 31.31  ? 37  SER A C   1 
ATOM   145  O O   . SER A 1 37  ? -11.815 6.664   -14.048 1.00 36.65  ? 37  SER A O   1 
ATOM   146  C CB  . SER A 1 37  ? -9.902  5.938   -11.508 1.00 23.13  ? 37  SER A CB  1 
ATOM   147  O OG  . SER A 1 37  ? -8.588  6.133   -12.007 1.00 20.83  ? 37  SER A OG  1 
ATOM   148  N N   . SER A 1 38  ? -9.930  7.902   -13.987 1.00 32.40  ? 38  SER A N   1 
ATOM   149  C CA  . SER A 1 38  ? -9.834  8.082   -15.431 1.00 32.65  ? 38  SER A CA  1 
ATOM   150  C C   . SER A 1 38  ? -9.143  6.885   -16.079 1.00 30.96  ? 38  SER A C   1 
ATOM   151  O O   . SER A 1 38  ? -9.222  6.694   -17.292 1.00 35.18  ? 38  SER A O   1 
ATOM   152  C CB  . SER A 1 38  ? -9.057  9.361   -15.763 1.00 36.64  ? 38  SER A CB  1 
ATOM   153  O OG  . SER A 1 38  ? -9.828  10.523  -15.492 1.00 50.73  ? 38  SER A OG  1 
ATOM   154  N N   . ASP A 1 39  ? -8.476  6.074   -15.266 1.00 27.66  ? 39  ASP A N   1 
ATOM   155  C CA  . ASP A 1 39  ? -7.769  4.904   -15.759 1.00 24.75  ? 39  ASP A CA  1 
ATOM   156  C C   . ASP A 1 39  ? -7.885  3.789   -14.719 1.00 27.46  ? 39  ASP A C   1 
ATOM   157  O O   . ASP A 1 39  ? -8.459  3.989   -13.646 1.00 31.03  ? 39  ASP A O   1 
ATOM   158  C CB  . ASP A 1 39  ? -6.304  5.255   -16.021 1.00 26.53  ? 39  ASP A CB  1 
ATOM   159  C CG  . ASP A 1 39  ? -5.755  4.602   -17.281 1.00 32.37  ? 39  ASP A CG  1 
ATOM   160  O OD1 . ASP A 1 39  ? -6.057  3.416   -17.520 1.00 37.69  ? 39  ASP A OD1 1 
ATOM   161  O OD2 . ASP A 1 39  ? -5.016  5.274   -18.033 1.00 31.79  ? 39  ASP A OD2 1 
ATOM   162  N N   . LEU A 1 40  ? -7.337  2.621   -15.028 1.00 22.18  ? 40  LEU A N   1 
ATOM   163  C CA  . LEU A 1 40  ? -7.416  1.482   -14.130 1.00 19.07  ? 40  LEU A CA  1 
ATOM   164  C C   . LEU A 1 40  ? -6.632  1.713   -12.845 1.00 23.66  ? 40  LEU A C   1 
ATOM   165  O O   . LEU A 1 40  ? -5.550  2.296   -12.869 1.00 26.38  ? 40  LEU A O   1 
ATOM   166  C CB  . LEU A 1 40  ? -6.932  0.220   -14.850 1.00 23.30  ? 40  LEU A CB  1 
ATOM   167  C CG  . LEU A 1 40  ? -7.680  -0.137  -16.146 1.00 24.11  ? 40  LEU A CG  1 
ATOM   168  C CD1 . LEU A 1 40  ? -7.133  -1.416  -16.755 1.00 23.56  ? 40  LEU A CD1 1 
ATOM   169  C CD2 . LEU A 1 40  ? -9.160  -0.298  -15.863 1.00 28.58  ? 40  LEU A CD2 1 
ATOM   170  N N   . ASP A 1 41  ? -7.197  1.274   -11.722 1.00 25.17  ? 41  ASP A N   1 
ATOM   171  C CA  . ASP A 1 41  ? -6.558  1.430   -10.417 1.00 21.63  ? 41  ASP A CA  1 
ATOM   172  C C   . ASP A 1 41  ? -6.716  0.155   -9.587  1.00 20.02  ? 41  ASP A C   1 
ATOM   173  O O   . ASP A 1 41  ? -7.800  -0.142  -9.090  1.00 17.74  ? 41  ASP A O   1 
ATOM   174  C CB  . ASP A 1 41  ? -7.181  2.615   -9.668  1.00 26.86  ? 41  ASP A CB  1 
ATOM   175  C CG  . ASP A 1 41  ? -6.360  3.059   -8.458  1.00 26.25  ? 41  ASP A CG  1 
ATOM   176  O OD1 . ASP A 1 41  ? -5.617  2.243   -7.874  1.00 28.92  ? 41  ASP A OD1 1 
ATOM   177  O OD2 . ASP A 1 41  ? -6.463  4.246   -8.083  1.00 33.71  ? 41  ASP A OD2 1 
ATOM   178  N N   . ASN A 1 42  ? -5.623  -0.574  -9.406  1.00 19.92  ? 42  ASN A N   1 
ATOM   179  C CA  . ASN A 1 42  ? -5.657  -1.807  -8.625  1.00 25.69  ? 42  ASN A CA  1 
ATOM   180  C C   . ASN A 1 42  ? -4.817  -1.690  -7.354  1.00 23.75  ? 42  ASN A C   1 
ATOM   181  O O   . ASN A 1 42  ? -4.231  -2.668  -6.885  1.00 22.21  ? 42  ASN A O   1 
ATOM   182  C CB  . ASN A 1 42  ? -5.170  -2.978  -9.484  1.00 31.88  ? 42  ASN A CB  1 
ATOM   183  C CG  . ASN A 1 42  ? -6.048  -3.206  -10.701 1.00 28.21  ? 42  ASN A CG  1 
ATOM   184  O OD1 . ASN A 1 42  ? -5.668  -2.883  -11.824 1.00 23.56  ? 42  ASN A OD1 1 
ATOM   185  N ND2 . ASN A 1 42  ? -7.236  -3.747  -10.479 1.00 23.56  ? 42  ASN A ND2 1 
ATOM   186  N N   . PHE A 1 43  ? -4.797  -0.491  -6.782  1.00 26.63  ? 43  PHE A N   1 
ATOM   187  C CA  . PHE A 1 43  ? -4.029  -0.208  -5.576  1.00 21.96  ? 43  PHE A CA  1 
ATOM   188  C C   . PHE A 1 43  ? -4.900  0.359   -4.472  1.00 22.78  ? 43  PHE A C   1 
ATOM   189  O O   . PHE A 1 43  ? -5.781  1.179   -4.730  1.00 18.17  ? 43  PHE A O   1 
ATOM   190  C CB  . PHE A 1 43  ? -2.931  0.828   -5.867  1.00 17.67  ? 43  PHE A CB  1 
ATOM   191  C CG  . PHE A 1 43  ? -1.610  0.236   -6.250  1.00 19.09  ? 43  PHE A CG  1 
ATOM   192  C CD1 . PHE A 1 43  ? -0.913  -0.578  -5.364  1.00 22.78  ? 43  PHE A CD1 1 
ATOM   193  C CD2 . PHE A 1 43  ? -1.054  0.497   -7.497  1.00 24.11  ? 43  PHE A CD2 1 
ATOM   194  C CE1 . PHE A 1 43  ? 0.326   -1.126  -5.712  1.00 22.52  ? 43  PHE A CE1 1 
ATOM   195  C CE2 . PHE A 1 43  ? 0.182   -0.046  -7.857  1.00 29.90  ? 43  PHE A CE2 1 
ATOM   196  C CZ  . PHE A 1 43  ? 0.874   -0.859  -6.961  1.00 24.26  ? 43  PHE A CZ  1 
ATOM   197  N N   . ASN A 1 44  ? -4.686  -0.128  -3.253  1.00 24.73  ? 44  ASN A N   1 
ATOM   198  C CA  . ASN A 1 44  ? -5.382  0.398   -2.084  1.00 21.71  ? 44  ASN A CA  1 
ATOM   199  C C   . ASN A 1 44  ? -4.392  1.507   -1.696  1.00 22.60  ? 44  ASN A C   1 
ATOM   200  O O   . ASN A 1 44  ? -3.269  1.241   -1.245  1.00 23.70  ? 44  ASN A O   1 
ATOM   201  C CB  . ASN A 1 44  ? -5.484  -0.657  -0.982  1.00 20.39  ? 44  ASN A CB  1 
ATOM   202  C CG  . ASN A 1 44  ? -6.516  -0.303  0.086   1.00 25.27  ? 44  ASN A CG  1 
ATOM   203  O OD1 . ASN A 1 44  ? -6.827  -1.128  0.943   1.00 25.77  ? 44  ASN A OD1 1 
ATOM   204  N ND2 . ASN A 1 44  ? -7.049  0.913   0.040   1.00 26.34  ? 44  ASN A ND2 1 
ATOM   205  N N   . THR A 1 45  ? -4.780  2.743   -1.967  1.00 17.57  ? 45  THR A N   1 
ATOM   206  C CA  . THR A 1 45  ? -3.923  3.888   -1.732  1.00 20.16  ? 45  THR A CA  1 
ATOM   207  C C   . THR A 1 45  ? -4.044  4.601   -0.379  1.00 23.55  ? 45  THR A C   1 
ATOM   208  O O   . THR A 1 45  ? -5.147  4.855   0.113   1.00 22.66  ? 45  THR A O   1 
ATOM   209  C CB  . THR A 1 45  ? -4.121  4.889   -2.871  1.00 15.54  ? 45  THR A CB  1 
ATOM   210  O OG1 . THR A 1 45  ? -4.130  4.181   -4.116  1.00 25.29  ? 45  THR A OG1 1 
ATOM   211  C CG2 . THR A 1 45  ? -2.998  5.886   -2.904  1.00 28.04  ? 45  THR A CG2 1 
ATOM   212  N N   . VAL A 1 46  ? -2.892  4.911   0.213   1.00 21.46  ? 46  VAL A N   1 
ATOM   213  C CA  . VAL A 1 46  ? -2.817  5.618   1.490   1.00 19.91  ? 46  VAL A CA  1 
ATOM   214  C C   . VAL A 1 46  ? -1.869  6.799   1.292   1.00 17.06  ? 46  VAL A C   1 
ATOM   215  O O   . VAL A 1 46  ? -0.691  6.612   0.975   1.00 16.77  ? 46  VAL A O   1 
ATOM   216  C CB  . VAL A 1 46  ? -2.290  4.701   2.626   1.00 22.31  ? 46  VAL A CB  1 
ATOM   217  C CG1 . VAL A 1 46  ? -2.091  5.496   3.907   1.00 22.45  ? 46  VAL A CG1 1 
ATOM   218  C CG2 . VAL A 1 46  ? -3.268  3.570   2.882   1.00 17.95  ? 46  VAL A CG2 1 
ATOM   219  N N   . PHE A 1 47  ? -2.403  8.010   1.434   1.00 18.64  ? 47  PHE A N   1 
ATOM   220  C CA  . PHE A 1 47  ? -1.638  9.247   1.260   1.00 17.01  ? 47  PHE A CA  1 
ATOM   221  C C   . PHE A 1 47  ? -1.503  10.054  2.547   1.00 19.59  ? 47  PHE A C   1 
ATOM   222  O O   . PHE A 1 47  ? -2.506  10.447  3.148   1.00 24.62  ? 47  PHE A O   1 
ATOM   223  C CB  . PHE A 1 47  ? -2.318  10.163  0.231   1.00 15.30  ? 47  PHE A CB  1 
ATOM   224  C CG  . PHE A 1 47  ? -2.052  9.805   -1.212  1.00 17.49  ? 47  PHE A CG  1 
ATOM   225  C CD1 . PHE A 1 47  ? -1.287  8.699   -1.555  1.00 15.26  ? 47  PHE A CD1 1 
ATOM   226  C CD2 . PHE A 1 47  ? -2.578  10.595  -2.232  1.00 18.10  ? 47  PHE A CD2 1 
ATOM   227  C CE1 . PHE A 1 47  ? -1.052  8.387   -2.888  1.00 16.26  ? 47  PHE A CE1 1 
ATOM   228  C CE2 . PHE A 1 47  ? -2.349  10.290  -3.565  1.00 15.81  ? 47  PHE A CE2 1 
ATOM   229  C CZ  . PHE A 1 47  ? -1.586  9.185   -3.893  1.00 15.63  ? 47  PHE A CZ  1 
ATOM   230  N N   . TYR A 1 48  ? -0.265  10.326  2.943   1.00 21.58  ? 48  TYR A N   1 
ATOM   231  C CA  . TYR A 1 48  ? 0.025   11.146  4.119   1.00 20.96  ? 48  TYR A CA  1 
ATOM   232  C C   . TYR A 1 48  ? 0.930   12.235  3.552   1.00 15.13  ? 48  TYR A C   1 
ATOM   233  O O   . TYR A 1 48  ? 2.158   12.118  3.581   1.00 20.94  ? 48  TYR A O   1 
ATOM   234  C CB  . TYR A 1 48  ? 0.760   10.339  5.197   1.00 22.32  ? 48  TYR A CB  1 
ATOM   235  C CG  . TYR A 1 48  ? 0.977   11.102  6.490   1.00 27.02  ? 48  TYR A CG  1 
ATOM   236  C CD1 . TYR A 1 48  ? 2.023   12.015  6.620   1.00 28.43  ? 48  TYR A CD1 1 
ATOM   237  C CD2 . TYR A 1 48  ? 0.130   10.920  7.579   1.00 25.78  ? 48  TYR A CD2 1 
ATOM   238  C CE1 . TYR A 1 48  ? 2.222   12.727  7.799   1.00 29.10  ? 48  TYR A CE1 1 
ATOM   239  C CE2 . TYR A 1 48  ? 0.320   11.630  8.766   1.00 30.68  ? 48  TYR A CE2 1 
ATOM   240  C CZ  . TYR A 1 48  ? 1.369   12.531  8.867   1.00 31.53  ? 48  TYR A CZ  1 
ATOM   241  O OH  . TYR A 1 48  ? 1.567   13.236  10.035  1.00 33.23  ? 48  TYR A OH  1 
ATOM   242  N N   . VAL A 1 49  ? 0.318   13.265  2.979   1.00 11.76  ? 49  VAL A N   1 
ATOM   243  C CA  . VAL A 1 49  ? 1.062   14.350  2.347   1.00 17.96  ? 49  VAL A CA  1 
ATOM   244  C C   . VAL A 1 49  ? 0.333   15.682  2.522   1.00 22.66  ? 49  VAL A C   1 
ATOM   245  O O   . VAL A 1 49  ? -0.753  15.737  3.100   1.00 29.62  ? 49  VAL A O   1 
ATOM   246  C CB  . VAL A 1 49  ? 1.214   14.094  0.814   1.00 20.96  ? 49  VAL A CB  1 
ATOM   247  C CG1 . VAL A 1 49  ? 1.922   12.765  0.545   1.00 24.38  ? 49  VAL A CG1 1 
ATOM   248  C CG2 . VAL A 1 49  ? -0.156  14.107  0.136   1.00 15.07  ? 49  VAL A CG2 1 
ATOM   249  N N   . GLN A 1 50  ? 0.933   16.751  2.009   1.00 26.94  ? 50  GLN A N   1 
ATOM   250  C CA  . GLN A 1 50  ? 0.335   18.080  2.066   1.00 29.00  ? 50  GLN A CA  1 
ATOM   251  C C   . GLN A 1 50  ? -0.410  18.325  0.749   1.00 29.14  ? 50  GLN A C   1 
ATOM   252  O O   . GLN A 1 50  ? -0.027  17.797  -0.296  1.00 31.07  ? 50  GLN A O   1 
ATOM   253  C CB  . GLN A 1 50  ? 1.417   19.135  2.294   1.00 33.73  ? 50  GLN A CB  1 
ATOM   254  C CG  . GLN A 1 50  ? 2.038   19.056  3.681   1.00 42.01  ? 50  GLN A CG  1 
ATOM   255  C CD  . GLN A 1 50  ? 3.196   20.012  3.862   1.00 46.58  ? 50  GLN A CD  1 
ATOM   256  O OE1 . GLN A 1 50  ? 4.282   19.613  4.276   1.00 52.31  ? 50  GLN A OE1 1 
ATOM   257  N NE2 . GLN A 1 50  ? 2.975   21.281  3.551   1.00 52.89  ? 50  GLN A NE2 1 
ATOM   258  N N   . PRO A 1 51  ? -1.467  19.155  0.774   1.00 30.16  ? 51  PRO A N   1 
ATOM   259  C CA  . PRO A 1 51  ? -2.258  19.455  -0.423  1.00 25.50  ? 51  PRO A CA  1 
ATOM   260  C C   . PRO A 1 51  ? -1.457  19.745  -1.689  1.00 26.56  ? 51  PRO A C   1 
ATOM   261  O O   . PRO A 1 51  ? -1.697  19.134  -2.728  1.00 28.32  ? 51  PRO A O   1 
ATOM   262  C CB  . PRO A 1 51  ? -3.076  20.668  0.013   1.00 26.97  ? 51  PRO A CB  1 
ATOM   263  C CG  . PRO A 1 51  ? -3.293  20.408  1.476   1.00 24.73  ? 51  PRO A CG  1 
ATOM   264  C CD  . PRO A 1 51  ? -1.912  19.983  1.910   1.00 28.28  ? 51  PRO A CD  1 
ATOM   265  N N   . GLN A 1 52  ? -0.489  20.650  -1.600  1.00 26.76  ? 52  GLN A N   1 
ATOM   266  C CA  . GLN A 1 52  ? 0.311   21.004  -2.766  1.00 30.48  ? 52  GLN A CA  1 
ATOM   267  C C   . GLN A 1 52  ? 1.169   19.879  -3.339  1.00 32.48  ? 52  GLN A C   1 
ATOM   268  O O   . GLN A 1 52  ? 1.777   20.045  -4.399  1.00 37.88  ? 52  GLN A O   1 
ATOM   269  C CB  . GLN A 1 52  ? 1.181   22.234  -2.489  1.00 33.05  ? 52  GLN A CB  1 
ATOM   270  C CG  . GLN A 1 52  ? 2.183   22.075  -1.365  1.00 38.30  ? 52  GLN A CG  1 
ATOM   271  C CD  . GLN A 1 52  ? 1.621   22.505  -0.032  1.00 41.68  ? 52  GLN A CD  1 
ATOM   272  O OE1 . GLN A 1 52  ? 0.903   21.755  0.628   1.00 44.27  ? 52  GLN A OE1 1 
ATOM   273  N NE2 . GLN A 1 52  ? 1.935   23.727  0.369   1.00 50.31  ? 52  GLN A NE2 1 
ATOM   274  N N   . TYR A 1 53  ? 1.217   18.742  -2.656  1.00 31.56  ? 53  TYR A N   1 
ATOM   275  C CA  . TYR A 1 53  ? 2.012   17.609  -3.122  1.00 35.85  ? 53  TYR A CA  1 
ATOM   276  C C   . TYR A 1 53  ? 1.147   16.403  -3.480  1.00 36.25  ? 53  TYR A C   1 
ATOM   277  O O   . TYR A 1 53  ? 1.660   15.327  -3.808  1.00 36.14  ? 53  TYR A O   1 
ATOM   278  C CB  . TYR A 1 53  ? 3.058   17.224  -2.070  1.00 40.12  ? 53  TYR A CB  1 
ATOM   279  C CG  . TYR A 1 53  ? 4.047   18.326  -1.773  1.00 42.53  ? 53  TYR A CG  1 
ATOM   280  C CD1 . TYR A 1 53  ? 4.947   18.757  -2.746  1.00 40.22  ? 53  TYR A CD1 1 
ATOM   281  C CD2 . TYR A 1 53  ? 4.067   18.953  -0.529  1.00 43.47  ? 53  TYR A CD2 1 
ATOM   282  C CE1 . TYR A 1 53  ? 5.840   19.787  -2.492  1.00 44.08  ? 53  TYR A CE1 1 
ATOM   283  C CE2 . TYR A 1 53  ? 4.959   19.987  -0.263  1.00 47.61  ? 53  TYR A CE2 1 
ATOM   284  C CZ  . TYR A 1 53  ? 5.844   20.400  -1.248  1.00 48.14  ? 53  TYR A CZ  1 
ATOM   285  O OH  . TYR A 1 53  ? 6.737   21.419  -0.992  1.00 49.98  ? 53  TYR A OH  1 
ATOM   286  N N   . ILE A 1 54  ? -0.167  16.593  -3.443  1.00 34.85  ? 54  ILE A N   1 
ATOM   287  C CA  . ILE A 1 54  ? -1.102  15.525  -3.769  1.00 33.66  ? 54  ILE A CA  1 
ATOM   288  C C   . ILE A 1 54  ? -0.945  15.134  -5.236  1.00 35.66  ? 54  ILE A C   1 
ATOM   289  O O   . ILE A 1 54  ? -0.926  13.950  -5.569  1.00 40.60  ? 54  ILE A O   1 
ATOM   290  C CB  . ILE A 1 54  ? -2.567  15.945  -3.459  1.00 29.99  ? 54  ILE A CB  1 
ATOM   291  C CG1 . ILE A 1 54  ? -2.789  15.959  -1.939  1.00 28.58  ? 54  ILE A CG1 1 
ATOM   292  C CG2 . ILE A 1 54  ? -3.561  15.021  -4.162  1.00 27.59  ? 54  ILE A CG2 1 
ATOM   293  C CD1 . ILE A 1 54  ? -4.127  16.512  -1.497  1.00 18.49  ? 54  ILE A CD1 1 
ATOM   294  N N   . ASN A 1 55  ? -0.769  16.131  -6.099  1.00 36.04  ? 55  ASN A N   1 
ATOM   295  C CA  . ASN A 1 55  ? -0.602  15.898  -7.531  1.00 31.89  ? 55  ASN A CA  1 
ATOM   296  C C   . ASN A 1 55  ? 0.612   15.009  -7.774  1.00 31.35  ? 55  ASN A C   1 
ATOM   297  O O   . ASN A 1 55  ? 0.542   14.049  -8.536  1.00 32.80  ? 55  ASN A O   1 
ATOM   298  C CB  . ASN A 1 55  ? -0.424  17.228  -8.265  1.00 37.45  ? 55  ASN A CB  1 
ATOM   299  C CG  . ASN A 1 55  ? -0.788  17.146  -9.745  1.00 44.98  ? 55  ASN A CG  1 
ATOM   300  O OD1 . ASN A 1 55  ? -0.968  18.177  -10.395 1.00 49.56  ? 55  ASN A OD1 1 
ATOM   301  N ND2 . ASN A 1 55  ? -0.910  15.935  -10.279 1.00 44.17  ? 55  ASN A ND2 1 
ATOM   302  N N   . GLN A 1 56  ? 1.719   15.322  -7.107  1.00 29.35  ? 56  GLN A N   1 
ATOM   303  C CA  . GLN A 1 56  ? 2.948   14.547  -7.241  1.00 24.88  ? 56  GLN A CA  1 
ATOM   304  C C   . GLN A 1 56  ? 2.728   13.111  -6.788  1.00 21.60  ? 56  GLN A C   1 
ATOM   305  O O   . GLN A 1 56  ? 3.160   12.165  -7.449  1.00 21.46  ? 56  GLN A O   1 
ATOM   306  C CB  . GLN A 1 56  ? 4.067   15.185  -6.416  1.00 26.92  ? 56  GLN A CB  1 
ATOM   307  C CG  . GLN A 1 56  ? 5.392   14.439  -6.465  1.00 27.96  ? 56  GLN A CG  1 
ATOM   308  C CD  . GLN A 1 56  ? 6.487   15.145  -5.689  1.00 32.79  ? 56  GLN A CD  1 
ATOM   309  O OE1 . GLN A 1 56  ? 6.248   16.163  -5.036  1.00 35.75  ? 56  GLN A OE1 1 
ATOM   310  N NE2 . GLN A 1 56  ? 7.697   14.609  -5.757  1.00 29.12  ? 56  GLN A NE2 1 
ATOM   311  N N   . ALA A 1 57  ? 2.048   12.954  -5.660  1.00 22.58  ? 57  ALA A N   1 
ATOM   312  C CA  . ALA A 1 57  ? 1.760   11.636  -5.110  1.00 24.94  ? 57  ALA A CA  1 
ATOM   313  C C   . ALA A 1 57  ? 0.901   10.813  -6.071  1.00 27.49  ? 57  ALA A C   1 
ATOM   314  O O   . ALA A 1 57  ? 1.162   9.629   -6.310  1.00 24.79  ? 57  ALA A O   1 
ATOM   315  C CB  . ALA A 1 57  ? 1.055   11.783  -3.767  1.00 24.68  ? 57  ALA A CB  1 
ATOM   316  N N   . LEU A 1 58  ? -0.115  11.461  -6.632  1.00 25.27  ? 58  LEU A N   1 
ATOM   317  C CA  . LEU A 1 58  ? -1.035  10.823  -7.559  1.00 24.29  ? 58  LEU A CA  1 
ATOM   318  C C   . LEU A 1 58  ? -0.298  10.375  -8.820  1.00 28.19  ? 58  LEU A C   1 
ATOM   319  O O   . LEU A 1 58  ? -0.566  9.295   -9.358  1.00 28.06  ? 58  LEU A O   1 
ATOM   320  C CB  . LEU A 1 58  ? -2.176  11.785  -7.893  1.00 18.86  ? 58  LEU A CB  1 
ATOM   321  C CG  . LEU A 1 58  ? -3.576  11.193  -8.074  1.00 28.72  ? 58  LEU A CG  1 
ATOM   322  C CD1 . LEU A 1 58  ? -3.851  10.098  -7.050  1.00 27.96  ? 58  LEU A CD1 1 
ATOM   323  C CD2 . LEU A 1 58  ? -4.600  12.303  -7.954  1.00 26.79  ? 58  LEU A CD2 1 
ATOM   324  N N   . HIS A 1 59  ? 0.650   11.186  -9.274  1.00 26.51  ? 59  HIS A N   1 
ATOM   325  C CA  . HIS A 1 59  ? 1.433   10.845  -10.450 1.00 22.88  ? 59  HIS A CA  1 
ATOM   326  C C   . HIS A 1 59  ? 2.239   9.584   -10.178 1.00 27.88  ? 59  HIS A C   1 
ATOM   327  O O   . HIS A 1 59  ? 2.186   8.623   -10.949 1.00 36.90  ? 59  HIS A O   1 
ATOM   328  C CB  . HIS A 1 59  ? 2.373   11.986  -10.822 1.00 13.43  ? 59  HIS A CB  1 
ATOM   329  C CG  . HIS A 1 59  ? 1.752   13.006  -11.721 1.00 19.54  ? 59  HIS A CG  1 
ATOM   330  N ND1 . HIS A 1 59  ? 0.582   13.641  -11.390 1.00 20.25  ? 59  HIS A ND1 1 
ATOM   331  C CD2 . HIS A 1 59  ? 2.166   13.432  -12.941 1.00 23.65  ? 59  HIS A CD2 1 
ATOM   332  C CE1 . HIS A 1 59  ? 0.307   14.434  -12.408 1.00 26.49  ? 59  HIS A CE1 1 
ATOM   333  N NE2 . HIS A 1 59  ? 1.236   14.342  -13.372 1.00 27.99  ? 59  HIS A NE2 1 
ATOM   334  N N   . LEU A 1 60  ? 2.956   9.579   -9.059  1.00 26.80  ? 60  LEU A N   1 
ATOM   335  C CA  . LEU A 1 60  ? 3.774   8.436   -8.665  1.00 28.16  ? 60  LEU A CA  1 
ATOM   336  C C   . LEU A 1 60  ? 2.922   7.183   -8.501  1.00 26.89  ? 60  LEU A C   1 
ATOM   337  O O   . LEU A 1 60  ? 3.317   6.092   -8.919  1.00 29.73  ? 60  LEU A O   1 
ATOM   338  C CB  . LEU A 1 60  ? 4.533   8.754   -7.371  1.00 30.96  ? 60  LEU A CB  1 
ATOM   339  C CG  . LEU A 1 60  ? 5.715   9.720   -7.527  1.00 30.79  ? 60  LEU A CG  1 
ATOM   340  C CD1 . LEU A 1 60  ? 5.991   10.474  -6.237  1.00 34.54  ? 60  LEU A CD1 1 
ATOM   341  C CD2 . LEU A 1 60  ? 6.937   8.948   -7.981  1.00 35.74  ? 60  LEU A CD2 1 
ATOM   342  N N   . ALA A 1 61  ? 1.738   7.347   -7.925  1.00 24.57  ? 61  ALA A N   1 
ATOM   343  C CA  . ALA A 1 61  ? 0.829   6.225   -7.731  1.00 28.13  ? 61  ALA A CA  1 
ATOM   344  C C   . ALA A 1 61  ? 0.449   5.607   -9.083  1.00 28.30  ? 61  ALA A C   1 
ATOM   345  O O   . ALA A 1 61  ? 0.629   4.405   -9.298  1.00 25.29  ? 61  ALA A O   1 
ATOM   346  C CB  . ALA A 1 61  ? -0.419  6.684   -6.990  1.00 25.56  ? 61  ALA A CB  1 
ATOM   347  N N   . ASN A 1 62  ? -0.034  6.443   -10.002 1.00 26.90  ? 62  ASN A N   1 
ATOM   348  C CA  . ASN A 1 62  ? -0.440  5.995   -11.333 1.00 24.59  ? 62  ASN A CA  1 
ATOM   349  C C   . ASN A 1 62  ? 0.682   5.329   -12.103 1.00 26.11  ? 62  ASN A C   1 
ATOM   350  O O   . ASN A 1 62  ? 0.450   4.349   -12.811 1.00 30.39  ? 62  ASN A O   1 
ATOM   351  C CB  . ASN A 1 62  ? -0.988  7.152   -12.166 1.00 21.71  ? 62  ASN A CB  1 
ATOM   352  C CG  . ASN A 1 62  ? -2.319  7.653   -11.662 1.00 25.10  ? 62  ASN A CG  1 
ATOM   353  O OD1 . ASN A 1 62  ? -2.931  7.056   -10.767 1.00 25.48  ? 62  ASN A OD1 1 
ATOM   354  N ND2 . ASN A 1 62  ? -2.782  8.758   -12.231 1.00 27.11  ? 62  ASN A ND2 1 
ATOM   355  N N   . ALA A 1 63  ? 1.893   5.863   -11.980 1.00 19.96  ? 63  ALA A N   1 
ATOM   356  C CA  . ALA A 1 63  ? 3.041   5.305   -12.680 1.00 19.70  ? 63  ALA A CA  1 
ATOM   357  C C   . ALA A 1 63  ? 3.259   3.853   -12.292 1.00 24.80  ? 63  ALA A C   1 
ATOM   358  O O   . ALA A 1 63  ? 3.619   3.027   -13.129 1.00 35.51  ? 63  ALA A O   1 
ATOM   359  C CB  . ALA A 1 63  ? 4.290   6.116   -12.394 1.00 17.45  ? 63  ALA A CB  1 
ATOM   360  N N   . PHE A 1 64  ? 3.014   3.528   -11.029 1.00 31.14  ? 64  PHE A N   1 
ATOM   361  C CA  . PHE A 1 64  ? 3.204   2.158   -10.574 1.00 32.17  ? 64  PHE A CA  1 
ATOM   362  C C   . PHE A 1 64  ? 2.060   1.199   -10.889 1.00 34.56  ? 64  PHE A C   1 
ATOM   363  O O   . PHE A 1 64  ? 2.143   0.006   -10.583 1.00 34.53  ? 64  PHE A O   1 
ATOM   364  C CB  . PHE A 1 64  ? 3.592   2.122   -9.099  1.00 29.30  ? 64  PHE A CB  1 
ATOM   365  C CG  . PHE A 1 64  ? 5.016   2.534   -8.854  1.00 31.32  ? 64  PHE A CG  1 
ATOM   366  C CD1 . PHE A 1 64  ? 6.064   1.705   -9.240  1.00 28.48  ? 64  PHE A CD1 1 
ATOM   367  C CD2 . PHE A 1 64  ? 5.311   3.761   -8.271  1.00 26.59  ? 64  PHE A CD2 1 
ATOM   368  C CE1 . PHE A 1 64  ? 7.384   2.089   -9.053  1.00 28.53  ? 64  PHE A CE1 1 
ATOM   369  C CE2 . PHE A 1 64  ? 6.629   4.156   -8.079  1.00 26.44  ? 64  PHE A CE2 1 
ATOM   370  C CZ  . PHE A 1 64  ? 7.667   3.319   -8.471  1.00 30.68  ? 64  PHE A CZ  1 
ATOM   371  N N   . GLN A 1 65  ? 1.010   1.710   -11.530 1.00 32.32  ? 65  GLN A N   1 
ATOM   372  C CA  . GLN A 1 65  ? -0.119  0.872   -11.927 1.00 29.19  ? 65  GLN A CA  1 
ATOM   373  C C   . GLN A 1 65  ? 0.419   -0.118  -12.950 1.00 28.01  ? 65  GLN A C   1 
ATOM   374  O O   . GLN A 1 65  ? 0.095   -1.302  -12.917 1.00 30.89  ? 65  GLN A O   1 
ATOM   375  C CB  . GLN A 1 65  ? -1.219  1.709   -12.580 1.00 21.84  ? 65  GLN A CB  1 
ATOM   376  C CG  . GLN A 1 65  ? -1.954  2.650   -11.645 1.00 19.29  ? 65  GLN A CG  1 
ATOM   377  C CD  . GLN A 1 65  ? -2.888  1.935   -10.686 1.00 20.00  ? 65  GLN A CD  1 
ATOM   378  O OE1 . GLN A 1 65  ? -3.135  0.731   -10.803 1.00 17.34  ? 65  GLN A OE1 1 
ATOM   379  N NE2 . GLN A 1 65  ? -3.410  2.675   -9.723  1.00 27.66  ? 65  GLN A NE2 1 
ATOM   380  N N   . GLY A 1 66  ? 1.307   0.373   -13.811 1.00 28.38  ? 66  GLY A N   1 
ATOM   381  C CA  . GLY A 1 66  ? 1.898   -0.450  -14.851 1.00 29.15  ? 66  GLY A CA  1 
ATOM   382  C C   . GLY A 1 66  ? 2.646   -1.672  -14.361 1.00 29.56  ? 66  GLY A C   1 
ATOM   383  O O   . GLY A 1 66  ? 3.050   -2.514  -15.162 1.00 32.62  ? 66  GLY A O   1 
ATOM   384  N N   . ALA A 1 67  ? 2.855   -1.767  -13.053 1.00 26.25  ? 67  ALA A N   1 
ATOM   385  C CA  . ALA A 1 67  ? 3.558   -2.907  -12.484 1.00 23.92  ? 67  ALA A CA  1 
ATOM   386  C C   . ALA A 1 67  ? 2.609   -4.083  -12.290 1.00 23.52  ? 67  ALA A C   1 
ATOM   387  O O   . ALA A 1 67  ? 3.054   -5.215  -12.113 1.00 23.31  ? 67  ALA A O   1 
ATOM   388  C CB  . ALA A 1 67  ? 4.211   -2.523  -11.162 1.00 25.73  ? 67  ALA A CB  1 
ATOM   389  N N   . ILE A 1 68  ? 1.305   -3.808  -12.290 1.00 28.61  ? 68  ILE A N   1 
ATOM   390  C CA  . ILE A 1 68  ? 0.284   -4.848  -12.127 1.00 27.51  ? 68  ILE A CA  1 
ATOM   391  C C   . ILE A 1 68  ? -0.038  -5.435  -13.499 1.00 30.58  ? 68  ILE A C   1 
ATOM   392  O O   . ILE A 1 68  ? -0.509  -4.721  -14.382 1.00 25.36  ? 68  ILE A O   1 
ATOM   393  C CB  . ILE A 1 68  ? -1.046  -4.289  -11.565 1.00 25.83  ? 68  ILE A CB  1 
ATOM   394  C CG1 . ILE A 1 68  ? -0.799  -3.342  -10.385 1.00 23.24  ? 68  ILE A CG1 1 
ATOM   395  C CG2 . ILE A 1 68  ? -1.954  -5.441  -11.155 1.00 18.69  ? 68  ILE A CG2 1 
ATOM   396  C CD1 . ILE A 1 68  ? -0.183  -4.000  -9.179  1.00 29.95  ? 68  ILE A CD1 1 
ATOM   397  N N   . ASP A 1 69  ? 0.216   -6.729  -13.673 1.00 34.25  ? 69  ASP A N   1 
ATOM   398  C CA  . ASP A 1 69  ? -0.065  -7.406  -14.936 1.00 35.75  ? 69  ASP A CA  1 
ATOM   399  C C   . ASP A 1 69  ? -1.569  -7.348  -15.197 1.00 35.07  ? 69  ASP A C   1 
ATOM   400  O O   . ASP A 1 69  ? -2.353  -7.954  -14.465 1.00 29.75  ? 69  ASP A O   1 
ATOM   401  C CB  . ASP A 1 69  ? 0.390   -8.864  -14.867 1.00 43.58  ? 69  ASP A CB  1 
ATOM   402  C CG  . ASP A 1 69  ? 0.363   -9.546  -16.219 1.00 47.39  ? 69  ASP A CG  1 
ATOM   403  O OD1 . ASP A 1 69  ? -0.723  -9.627  -16.831 1.00 42.51  ? 69  ASP A OD1 1 
ATOM   404  O OD2 . ASP A 1 69  ? 1.431   -10.010 -16.669 1.00 54.13  ? 69  ASP A OD2 1 
ATOM   405  N N   . PRO A 1 70  ? -1.976  -6.713  -16.309 1.00 35.95  ? 70  PRO A N   1 
ATOM   406  C CA  . PRO A 1 70  ? -3.385  -6.562  -16.691 1.00 35.21  ? 70  PRO A CA  1 
ATOM   407  C C   . PRO A 1 70  ? -4.192  -7.850  -16.833 1.00 35.97  ? 70  PRO A C   1 
ATOM   408  O O   . PRO A 1 70  ? -5.408  -7.835  -16.659 1.00 35.91  ? 70  PRO A O   1 
ATOM   409  C CB  . PRO A 1 70  ? -3.299  -5.792  -18.010 1.00 27.46  ? 70  PRO A CB  1 
ATOM   410  C CG  . PRO A 1 70  ? -1.993  -6.250  -18.580 1.00 32.73  ? 70  PRO A CG  1 
ATOM   411  C CD  . PRO A 1 70  ? -1.092  -6.209  -17.376 1.00 35.22  ? 70  PRO A CD  1 
ATOM   412  N N   . LEU A 1 71  ? -3.521  -8.961  -17.117 1.00 37.12  ? 71  LEU A N   1 
ATOM   413  C CA  . LEU A 1 71  ? -4.211  -10.234 -17.283 1.00 43.00  ? 71  LEU A CA  1 
ATOM   414  C C   . LEU A 1 71  ? -4.248  -11.123 -16.044 1.00 47.35  ? 71  LEU A C   1 
ATOM   415  O O   . LEU A 1 71  ? -5.312  -11.613 -15.669 1.00 50.64  ? 71  LEU A O   1 
ATOM   416  C CB  . LEU A 1 71  ? -3.647  -10.998 -18.485 1.00 41.08  ? 71  LEU A CB  1 
ATOM   417  C CG  . LEU A 1 71  ? -3.946  -10.367 -19.851 1.00 35.97  ? 71  LEU A CG  1 
ATOM   418  C CD1 . LEU A 1 71  ? -3.225  -11.126 -20.946 1.00 40.11  ? 71  LEU A CD1 1 
ATOM   419  C CD2 . LEU A 1 71  ? -5.446  -10.356 -20.103 1.00 34.00  ? 71  LEU A CD2 1 
ATOM   420  N N   . ASN A 1 72  ? -3.098  -11.353 -15.417 1.00 51.07  ? 72  ASN A N   1 
ATOM   421  C CA  . ASN A 1 72  ? -3.058  -12.198 -14.221 1.00 50.76  ? 72  ASN A CA  1 
ATOM   422  C C   . ASN A 1 72  ? -3.111  -11.429 -12.909 1.00 46.00  ? 72  ASN A C   1 
ATOM   423  O O   . ASN A 1 72  ? -3.108  -12.026 -11.838 1.00 42.05  ? 72  ASN A O   1 
ATOM   424  C CB  . ASN A 1 72  ? -1.865  -13.166 -14.235 1.00 57.80  ? 72  ASN A CB  1 
ATOM   425  C CG  . ASN A 1 72  ? -0.646  -12.594 -14.923 1.00 66.22  ? 72  ASN A CG  1 
ATOM   426  O OD1 . ASN A 1 72  ? -0.706  -12.209 -16.089 1.00 70.78  ? 72  ASN A OD1 1 
ATOM   427  N ND2 . ASN A 1 72  ? 0.476   -12.558 -14.216 1.00 74.26  ? 72  ASN A ND2 1 
ATOM   428  N N   . LEU A 1 73  ? -3.160  -10.105 -13.011 1.00 44.89  ? 73  LEU A N   1 
ATOM   429  C CA  . LEU A 1 73  ? -3.239  -9.211  -11.856 1.00 46.78  ? 73  LEU A CA  1 
ATOM   430  C C   . LEU A 1 73  ? -2.172  -9.352  -10.769 1.00 44.18  ? 73  LEU A C   1 
ATOM   431  O O   . LEU A 1 73  ? -2.377  -8.933  -9.629  1.00 45.36  ? 73  LEU A O   1 
ATOM   432  C CB  . LEU A 1 73  ? -4.646  -9.257  -11.251 1.00 47.81  ? 73  LEU A CB  1 
ATOM   433  C CG  . LEU A 1 73  ? -5.687  -8.558  -12.129 1.00 51.71  ? 73  LEU A CG  1 
ATOM   434  C CD1 . LEU A 1 73  ? -7.085  -8.768  -11.585 1.00 60.06  ? 73  LEU A CD1 1 
ATOM   435  C CD2 . LEU A 1 73  ? -5.360  -7.074  -12.214 1.00 53.21  ? 73  LEU A CD2 1 
ATOM   436  N N   . ASN A 1 74  ? -1.014  -9.884  -11.138 1.00 41.33  ? 74  ASN A N   1 
ATOM   437  C CA  . ASN A 1 74  ? 0.075   -10.047 -10.187 1.00 40.52  ? 74  ASN A CA  1 
ATOM   438  C C   . ASN A 1 74  ? 1.011   -8.859  -10.307 1.00 37.59  ? 74  ASN A C   1 
ATOM   439  O O   . ASN A 1 74  ? 1.171   -8.296  -11.389 1.00 40.55  ? 74  ASN A O   1 
ATOM   440  C CB  . ASN A 1 74  ? 0.849   -11.336 -10.461 1.00 49.49  ? 74  ASN A CB  1 
ATOM   441  C CG  . ASN A 1 74  ? 1.849   -11.660 -9.361  1.00 58.35  ? 74  ASN A CG  1 
ATOM   442  O OD1 . ASN A 1 74  ? 1.542   -11.538 -8.175  1.00 66.51  ? 74  ASN A OD1 1 
ATOM   443  N ND2 . ASN A 1 74  ? 3.046   -12.080 -9.748  1.00 61.73  ? 74  ASN A ND2 1 
ATOM   444  N N   . PHE A 1 75  ? 1.609   -8.463  -9.192  1.00 36.71  ? 75  PHE A N   1 
ATOM   445  C CA  . PHE A 1 75  ? 2.545   -7.347  -9.172  1.00 27.64  ? 75  PHE A CA  1 
ATOM   446  C C   . PHE A 1 75  ? 3.858   -7.883  -9.716  1.00 27.38  ? 75  PHE A C   1 
ATOM   447  O O   . PHE A 1 75  ? 4.367   -8.898  -9.238  1.00 26.60  ? 75  PHE A O   1 
ATOM   448  C CB  . PHE A 1 75  ? 2.731   -6.862  -7.736  1.00 28.49  ? 75  PHE A CB  1 
ATOM   449  C CG  . PHE A 1 75  ? 3.548   -5.610  -7.610  1.00 28.31  ? 75  PHE A CG  1 
ATOM   450  C CD1 . PHE A 1 75  ? 2.959   -4.362  -7.777  1.00 26.28  ? 75  PHE A CD1 1 
ATOM   451  C CD2 . PHE A 1 75  ? 4.899   -5.676  -7.274  1.00 28.46  ? 75  PHE A CD2 1 
ATOM   452  C CE1 . PHE A 1 75  ? 3.699   -3.197  -7.608  1.00 31.69  ? 75  PHE A CE1 1 
ATOM   453  C CE2 . PHE A 1 75  ? 5.650   -4.519  -7.102  1.00 28.77  ? 75  PHE A CE2 1 
ATOM   454  C CZ  . PHE A 1 75  ? 5.051   -3.276  -7.267  1.00 30.56  ? 75  PHE A CZ  1 
ATOM   455  N N   . ASN A 1 76  ? 4.382   -7.233  -10.744 1.00 31.31  ? 76  ASN A N   1 
ATOM   456  C CA  . ASN A 1 76  ? 5.632   -7.663  -11.348 1.00 35.23  ? 76  ASN A CA  1 
ATOM   457  C C   . ASN A 1 76  ? 6.773   -6.804  -10.826 1.00 37.92  ? 76  ASN A C   1 
ATOM   458  O O   . ASN A 1 76  ? 6.924   -5.642  -11.212 1.00 38.01  ? 76  ASN A O   1 
ATOM   459  C CB  . ASN A 1 76  ? 5.555   -7.566  -12.872 1.00 40.19  ? 76  ASN A CB  1 
ATOM   460  C CG  . ASN A 1 76  ? 6.763   -8.168  -13.548 1.00 47.59  ? 76  ASN A CG  1 
ATOM   461  O OD1 . ASN A 1 76  ? 7.863   -7.625  -13.476 1.00 56.88  ? 76  ASN A OD1 1 
ATOM   462  N ND2 . ASN A 1 76  ? 6.575   -9.312  -14.183 1.00 58.54  ? 76  ASN A ND2 1 
ATOM   463  N N   . PHE A 1 77  ? 7.580   -7.391  -9.951  1.00 41.25  ? 77  PHE A N   1 
ATOM   464  C CA  . PHE A 1 77  ? 8.708   -6.688  -9.354  1.00 42.08  ? 77  PHE A CA  1 
ATOM   465  C C   . PHE A 1 77  ? 9.678   -6.136  -10.396 1.00 42.70  ? 77  PHE A C   1 
ATOM   466  O O   . PHE A 1 77  ? 10.086  -4.976  -10.320 1.00 44.74  ? 77  PHE A O   1 
ATOM   467  C CB  . PHE A 1 77  ? 9.450   -7.607  -8.383  1.00 36.67  ? 77  PHE A CB  1 
ATOM   468  C CG  . PHE A 1 77  ? 10.453  -6.894  -7.530  1.00 41.36  ? 77  PHE A CG  1 
ATOM   469  C CD1 . PHE A 1 77  ? 10.056  -5.850  -6.696  1.00 42.46  ? 77  PHE A CD1 1 
ATOM   470  C CD2 . PHE A 1 77  ? 11.793  -7.256  -7.561  1.00 43.46  ? 77  PHE A CD2 1 
ATOM   471  C CE1 . PHE A 1 77  ? 10.979  -5.178  -5.905  1.00 43.15  ? 77  PHE A CE1 1 
ATOM   472  C CE2 . PHE A 1 77  ? 12.727  -6.589  -6.773  1.00 47.00  ? 77  PHE A CE2 1 
ATOM   473  C CZ  . PHE A 1 77  ? 12.318  -5.547  -5.943  1.00 45.55  ? 77  PHE A CZ  1 
ATOM   474  N N   . GLU A 1 78  ? 10.017  -6.958  -11.383 1.00 42.32  ? 78  GLU A N   1 
ATOM   475  C CA  . GLU A 1 78  ? 10.944  -6.546  -12.426 1.00 41.71  ? 78  GLU A CA  1 
ATOM   476  C C   . GLU A 1 78  ? 10.482  -5.280  -13.127 1.00 40.38  ? 78  GLU A C   1 
ATOM   477  O O   . GLU A 1 78  ? 11.242  -4.322  -13.250 1.00 42.92  ? 78  GLU A O   1 
ATOM   478  C CB  . GLU A 1 78  ? 11.139  -7.669  -13.445 1.00 48.48  ? 78  GLU A CB  1 
ATOM   479  C CG  . GLU A 1 78  ? 11.773  -8.935  -12.874 1.00 64.80  ? 78  GLU A CG  1 
ATOM   480  C CD  . GLU A 1 78  ? 13.175  -8.715  -12.315 1.00 75.82  ? 78  GLU A CD  1 
ATOM   481  O OE1 . GLU A 1 78  ? 13.821  -7.691  -12.640 1.00 81.48  ? 78  GLU A OE1 1 
ATOM   482  O OE2 . GLU A 1 78  ? 13.641  -9.583  -11.546 1.00 84.25  ? 78  GLU A OE2 1 
ATOM   483  N N   . LYS A 1 79  ? 9.221   -5.253  -13.541 1.00 42.09  ? 79  LYS A N   1 
ATOM   484  C CA  . LYS A 1 79  ? 8.694   -4.085  -14.227 1.00 44.80  ? 79  LYS A CA  1 
ATOM   485  C C   . LYS A 1 79  ? 8.589   -2.914  -13.254 1.00 43.76  ? 79  LYS A C   1 
ATOM   486  O O   . LYS A 1 79  ? 8.722   -1.755  -13.656 1.00 40.06  ? 79  LYS A O   1 
ATOM   487  C CB  . LYS A 1 79  ? 7.341   -4.382  -14.882 1.00 44.32  ? 79  LYS A CB  1 
ATOM   488  C CG  . LYS A 1 79  ? 6.933   -3.325  -15.901 1.00 51.07  ? 79  LYS A CG  1 
ATOM   489  C CD  . LYS A 1 79  ? 5.598   -3.629  -16.554 1.00 64.03  ? 79  LYS A CD  1 
ATOM   490  C CE  . LYS A 1 79  ? 5.225   -2.537  -17.558 1.00 71.76  ? 79  LYS A CE  1 
ATOM   491  N NZ  . LYS A 1 79  ? 3.897   -2.769  -18.203 1.00 76.76  ? 79  LYS A NZ  1 
ATOM   492  N N   . ALA A 1 80  ? 8.386   -3.224  -11.973 1.00 44.57  ? 80  ALA A N   1 
ATOM   493  C CA  . ALA A 1 80  ? 8.299   -2.195  -10.938 1.00 43.75  ? 80  ALA A CA  1 
ATOM   494  C C   . ALA A 1 80  ? 9.632   -1.447  -10.886 1.00 42.49  ? 80  ALA A C   1 
ATOM   495  O O   . ALA A 1 80  ? 9.665   -0.215  -10.802 1.00 35.66  ? 80  ALA A O   1 
ATOM   496  C CB  . ALA A 1 80  ? 7.985   -2.824  -9.589  1.00 41.27  ? 80  ALA A CB  1 
ATOM   497  N N   . LEU A 1 81  ? 10.727  -2.201  -10.971 1.00 42.35  ? 81  LEU A N   1 
ATOM   498  C CA  . LEU A 1 81  ? 12.072  -1.633  -10.963 1.00 44.15  ? 81  LEU A CA  1 
ATOM   499  C C   . LEU A 1 81  ? 12.301  -0.822  -12.229 1.00 44.40  ? 81  LEU A C   1 
ATOM   500  O O   . LEU A 1 81  ? 12.839  0.283   -12.176 1.00 43.18  ? 81  LEU A O   1 
ATOM   501  C CB  . LEU A 1 81  ? 13.122  -2.739  -10.835 1.00 45.50  ? 81  LEU A CB  1 
ATOM   502  C CG  . LEU A 1 81  ? 13.608  -3.050  -9.413  1.00 49.09  ? 81  LEU A CG  1 
ATOM   503  C CD1 . LEU A 1 81  ? 12.442  -3.079  -8.433  1.00 48.99  ? 81  LEU A CD1 1 
ATOM   504  C CD2 . LEU A 1 81  ? 14.368  -4.370  -9.398  1.00 42.35  ? 81  LEU A CD2 1 
ATOM   505  N N   . GLN A 1 82  ? 11.868  -1.370  -13.360 1.00 48.81  ? 82  GLN A N   1 
ATOM   506  C CA  . GLN A 1 82  ? 11.983  -0.710  -14.656 1.00 49.45  ? 82  GLN A CA  1 
ATOM   507  C C   . GLN A 1 82  ? 11.323  0.669   -14.579 1.00 50.25  ? 82  GLN A C   1 
ATOM   508  O O   . GLN A 1 82  ? 11.899  1.669   -15.009 1.00 52.75  ? 82  GLN A O   1 
ATOM   509  C CB  . GLN A 1 82  ? 11.309  -1.575  -15.730 1.00 54.85  ? 82  GLN A CB  1 
ATOM   510  C CG  . GLN A 1 82  ? 10.569  -0.811  -16.830 1.00 70.06  ? 82  GLN A CG  1 
ATOM   511  C CD  . GLN A 1 82  ? 11.299  -0.820  -18.159 1.00 78.51  ? 82  GLN A CD  1 
ATOM   512  O OE1 . GLN A 1 82  ? 11.926  -1.812  -18.530 1.00 85.08  ? 82  GLN A OE1 1 
ATOM   513  N NE2 . GLN A 1 82  ? 11.203  0.281   -18.895 1.00 81.98  ? 82  GLN A NE2 1 
ATOM   514  N N   . ILE A 1 83  ? 10.114  0.710   -14.023 1.00 47.23  ? 83  ILE A N   1 
ATOM   515  C CA  . ILE A 1 83  ? 9.368   1.955   -13.869 1.00 44.80  ? 83  ILE A CA  1 
ATOM   516  C C   . ILE A 1 83  ? 10.083  2.864   -12.868 1.00 46.16  ? 83  ILE A C   1 
ATOM   517  O O   . ILE A 1 83  ? 10.237  4.062   -13.106 1.00 47.83  ? 83  ILE A O   1 
ATOM   518  C CB  . ILE A 1 83  ? 7.925   1.685   -13.371 1.00 39.75  ? 83  ILE A CB  1 
ATOM   519  C CG1 . ILE A 1 83  ? 7.158   0.860   -14.406 1.00 30.36  ? 83  ILE A CG1 1 
ATOM   520  C CG2 . ILE A 1 83  ? 7.200   2.994   -13.085 1.00 36.24  ? 83  ILE A CG2 1 
ATOM   521  C CD1 . ILE A 1 83  ? 5.808   0.382   -13.931 1.00 27.70  ? 83  ILE A CD1 1 
ATOM   522  N N   . ALA A 1 84  ? 10.545  2.276   -11.768 1.00 45.68  ? 84  ALA A N   1 
ATOM   523  C CA  . ALA A 1 84  ? 11.246  3.014   -10.721 1.00 46.41  ? 84  ALA A CA  1 
ATOM   524  C C   . ALA A 1 84  ? 12.449  3.777   -11.262 1.00 44.96  ? 84  ALA A C   1 
ATOM   525  O O   . ALA A 1 84  ? 12.564  4.988   -11.074 1.00 45.66  ? 84  ALA A O   1 
ATOM   526  C CB  . ALA A 1 84  ? 11.686  2.066   -9.619  1.00 45.23  ? 84  ALA A CB  1 
ATOM   527  N N   . ASN A 1 85  ? 13.325  3.075   -11.968 1.00 45.81  ? 85  ASN A N   1 
ATOM   528  C CA  . ASN A 1 85  ? 14.521  3.690   -12.530 1.00 47.13  ? 85  ASN A CA  1 
ATOM   529  C C   . ASN A 1 85  ? 14.239  4.635   -13.692 1.00 43.17  ? 85  ASN A C   1 
ATOM   530  O O   . ASN A 1 85  ? 15.169  5.086   -14.361 1.00 47.44  ? 85  ASN A O   1 
ATOM   531  C CB  . ASN A 1 85  ? 15.524  2.616   -12.959 1.00 53.08  ? 85  ASN A CB  1 
ATOM   532  C CG  . ASN A 1 85  ? 16.144  1.890   -11.775 1.00 59.34  ? 85  ASN A CG  1 
ATOM   533  O OD1 . ASN A 1 85  ? 16.261  0.665   -11.772 1.00 62.46  ? 85  ASN A OD1 1 
ATOM   534  N ND2 . ASN A 1 85  ? 16.545  2.646   -10.762 1.00 65.02  ? 85  ASN A ND2 1 
ATOM   535  N N   . GLY A 1 86  ? 12.964  4.934   -13.927 1.00 39.09  ? 86  GLY A N   1 
ATOM   536  C CA  . GLY A 1 86  ? 12.593  5.832   -15.006 1.00 34.01  ? 86  GLY A CA  1 
ATOM   537  C C   . GLY A 1 86  ? 11.956  7.120   -14.513 1.00 33.27  ? 86  GLY A C   1 
ATOM   538  O O   . GLY A 1 86  ? 11.810  8.081   -15.277 1.00 31.51  ? 86  GLY A O   1 
ATOM   539  N N   . ILE A 1 87  ? 11.544  7.138   -13.247 1.00 31.95  ? 87  ILE A N   1 
ATOM   540  C CA  . ILE A 1 87  ? 10.927  8.324   -12.665 1.00 32.24  ? 87  ILE A CA  1 
ATOM   541  C C   . ILE A 1 87  ? 12.000  9.407   -12.557 1.00 37.01  ? 87  ILE A C   1 
ATOM   542  O O   . ILE A 1 87  ? 13.105  9.156   -12.064 1.00 39.76  ? 87  ILE A O   1 
ATOM   543  C CB  . ILE A 1 87  ? 10.369  8.051   -11.246 1.00 34.12  ? 87  ILE A CB  1 
ATOM   544  C CG1 . ILE A 1 87  ? 9.393   6.869   -11.252 1.00 36.02  ? 87  ILE A CG1 1 
ATOM   545  C CG2 . ILE A 1 87  ? 9.690   9.299   -10.708 1.00 30.58  ? 87  ILE A CG2 1 
ATOM   546  C CD1 . ILE A 1 87  ? 8.116   7.113   -12.014 1.00 35.42  ? 87  ILE A CD1 1 
ATOM   547  N N   . PRO A 1 88  ? 11.713  10.607  -13.076 1.00 36.63  ? 88  PRO A N   1 
ATOM   548  C CA  . PRO A 1 88  ? 12.688  11.699  -13.011 1.00 35.08  ? 88  PRO A CA  1 
ATOM   549  C C   . PRO A 1 88  ? 12.867  12.283  -11.612 1.00 35.43  ? 88  PRO A C   1 
ATOM   550  O O   . PRO A 1 88  ? 11.902  12.415  -10.856 1.00 33.97  ? 88  PRO A O   1 
ATOM   551  C CB  . PRO A 1 88  ? 12.100  12.731  -13.972 1.00 34.14  ? 88  PRO A CB  1 
ATOM   552  C CG  . PRO A 1 88  ? 10.626  12.480  -13.879 1.00 39.17  ? 88  PRO A CG  1 
ATOM   553  C CD  . PRO A 1 88  ? 10.559  10.979  -13.908 1.00 33.82  ? 88  PRO A CD  1 
ATOM   554  N N   . ASN A 1 89  ? 14.116  12.619  -11.281 1.00 36.56  ? 89  ASN A N   1 
ATOM   555  C CA  . ASN A 1 89  ? 14.498  13.223  -9.997  1.00 34.69  ? 89  ASN A CA  1 
ATOM   556  C C   . ASN A 1 89  ? 14.129  12.393  -8.775  1.00 31.53  ? 89  ASN A C   1 
ATOM   557  O O   . ASN A 1 89  ? 13.545  12.905  -7.817  1.00 24.89  ? 89  ASN A O   1 
ATOM   558  C CB  . ASN A 1 89  ? 13.897  14.629  -9.868  1.00 40.44  ? 89  ASN A CB  1 
ATOM   559  C CG  . ASN A 1 89  ? 14.098  15.464  -11.116 1.00 50.99  ? 89  ASN A CG  1 
ATOM   560  O OD1 . ASN A 1 89  ? 15.154  15.417  -11.746 1.00 60.89  ? 89  ASN A OD1 1 
ATOM   561  N ND2 . ASN A 1 89  ? 13.069  16.206  -11.502 1.00 56.81  ? 89  ASN A ND2 1 
ATOM   562  N N   . SER A 1 90  ? 14.519  11.125  -8.787  1.00 33.07  ? 90  SER A N   1 
ATOM   563  C CA  . SER A 1 90  ? 14.214  10.225  -7.689  1.00 34.62  ? 90  SER A CA  1 
ATOM   564  C C   . SER A 1 90  ? 15.357  9.250   -7.450  1.00 37.05  ? 90  SER A C   1 
ATOM   565  O O   . SER A 1 90  ? 16.362  9.281   -8.159  1.00 43.23  ? 90  SER A O   1 
ATOM   566  C CB  . SER A 1 90  ? 12.923  9.456   -7.999  1.00 35.84  ? 90  SER A CB  1 
ATOM   567  O OG  . SER A 1 90  ? 12.996  8.801   -9.255  1.00 31.28  ? 90  SER A OG  1 
ATOM   568  N N   . ALA A 1 91  ? 15.198  8.385   -6.453  1.00 36.21  ? 91  ALA A N   1 
ATOM   569  C CA  . ALA A 1 91  ? 16.205  7.388   -6.120  1.00 35.81  ? 91  ALA A CA  1 
ATOM   570  C C   . ALA A 1 91  ? 15.552  6.245   -5.353  1.00 36.60  ? 91  ALA A C   1 
ATOM   571  O O   . ALA A 1 91  ? 14.697  6.475   -4.494  1.00 39.56  ? 91  ALA A O   1 
ATOM   572  C CB  . ALA A 1 91  ? 17.311  8.016   -5.284  1.00 37.46  ? 91  ALA A CB  1 
ATOM   573  N N   . ILE A 1 92  ? 15.939  5.016   -5.688  1.00 36.64  ? 92  ILE A N   1 
ATOM   574  C CA  . ILE A 1 92  ? 15.400  3.825   -5.035  1.00 34.62  ? 92  ILE A CA  1 
ATOM   575  C C   . ILE A 1 92  ? 16.153  3.580   -3.735  1.00 33.76  ? 92  ILE A C   1 
ATOM   576  O O   . ILE A 1 92  ? 17.337  3.248   -3.747  1.00 38.69  ? 92  ILE A O   1 
ATOM   577  C CB  . ILE A 1 92  ? 15.530  2.582   -5.938  1.00 32.32  ? 92  ILE A CB  1 
ATOM   578  C CG1 . ILE A 1 92  ? 14.772  2.804   -7.246  1.00 34.07  ? 92  ILE A CG1 1 
ATOM   579  C CG2 . ILE A 1 92  ? 14.999  1.355   -5.225  1.00 28.52  ? 92  ILE A CG2 1 
ATOM   580  C CD1 . ILE A 1 92  ? 14.875  1.650   -8.207  1.00 40.76  ? 92  ILE A CD1 1 
ATOM   581  N N   . VAL A 1 93  ? 15.457  3.761   -2.620  1.00 34.28  ? 93  VAL A N   1 
ATOM   582  C CA  . VAL A 1 93  ? 16.042  3.584   -1.295  1.00 30.32  ? 93  VAL A CA  1 
ATOM   583  C C   . VAL A 1 93  ? 16.334  2.133   -0.932  1.00 35.42  ? 93  VAL A C   1 
ATOM   584  O O   . VAL A 1 93  ? 17.480  1.779   -0.664  1.00 43.11  ? 93  VAL A O   1 
ATOM   585  C CB  . VAL A 1 93  ? 15.145  4.215   -0.208  1.00 24.79  ? 93  VAL A CB  1 
ATOM   586  C CG1 . VAL A 1 93  ? 15.657  3.874   1.173   1.00 25.53  ? 93  VAL A CG1 1 
ATOM   587  C CG2 . VAL A 1 93  ? 15.101  5.716   -0.387  1.00 20.74  ? 93  VAL A CG2 1 
ATOM   588  N N   . LYS A 1 94  ? 15.306  1.294   -0.933  1.00 37.46  ? 94  LYS A N   1 
ATOM   589  C CA  . LYS A 1 94  ? 15.468  -0.107  -0.562  1.00 38.29  ? 94  LYS A CA  1 
ATOM   590  C C   . LYS A 1 94  ? 14.398  -0.924  -1.272  1.00 37.92  ? 94  LYS A C   1 
ATOM   591  O O   . LYS A 1 94  ? 13.303  -0.421  -1.521  1.00 45.17  ? 94  LYS A O   1 
ATOM   592  C CB  . LYS A 1 94  ? 15.310  -0.233  0.961   1.00 46.59  ? 94  LYS A CB  1 
ATOM   593  C CG  . LYS A 1 94  ? 16.004  -1.423  1.615   1.00 56.32  ? 94  LYS A CG  1 
ATOM   594  C CD  . LYS A 1 94  ? 15.127  -2.669  1.638   1.00 65.57  ? 94  LYS A CD  1 
ATOM   595  C CE  . LYS A 1 94  ? 15.836  -3.823  2.339   1.00 67.44  ? 94  LYS A CE  1 
ATOM   596  N NZ  . LYS A 1 94  ? 14.991  -5.044  2.444   1.00 66.76  ? 94  LYS A NZ  1 
ATOM   597  N N   . THR A 1 95  ? 14.723  -2.158  -1.640  1.00 32.85  ? 95  THR A N   1 
ATOM   598  C CA  . THR A 1 95  ? 13.764  -3.028  -2.315  1.00 31.86  ? 95  THR A CA  1 
ATOM   599  C C   . THR A 1 95  ? 13.645  -4.317  -1.518  1.00 27.58  ? 95  THR A C   1 
ATOM   600  O O   . THR A 1 95  ? 14.471  -4.584  -0.647  1.00 28.52  ? 95  THR A O   1 
ATOM   601  C CB  . THR A 1 95  ? 14.198  -3.378  -3.774  1.00 36.52  ? 95  THR A CB  1 
ATOM   602  O OG1 . THR A 1 95  ? 15.477  -4.023  -3.766  1.00 40.81  ? 95  THR A OG1 1 
ATOM   603  C CG2 . THR A 1 95  ? 14.280  -2.126  -4.642  1.00 30.32  ? 95  THR A CG2 1 
ATOM   604  N N   . LEU A 1 96  ? 12.624  -5.110  -1.817  1.00 24.59  ? 96  LEU A N   1 
ATOM   605  C CA  . LEU A 1 96  ? 12.403  -6.381  -1.144  1.00 25.29  ? 96  LEU A CA  1 
ATOM   606  C C   . LEU A 1 96  ? 11.523  -7.235  -2.043  1.00 30.83  ? 96  LEU A C   1 
ATOM   607  O O   . LEU A 1 96  ? 10.644  -6.715  -2.734  1.00 37.41  ? 96  LEU A O   1 
ATOM   608  C CB  . LEU A 1 96  ? 11.709  -6.176  0.204   1.00 26.16  ? 96  LEU A CB  1 
ATOM   609  C CG  . LEU A 1 96  ? 11.542  -7.453  1.034   1.00 29.50  ? 96  LEU A CG  1 
ATOM   610  C CD1 . LEU A 1 96  ? 12.834  -7.738  1.784   1.00 33.35  ? 96  LEU A CD1 1 
ATOM   611  C CD2 . LEU A 1 96  ? 10.391  -7.317  2.009   1.00 32.35  ? 96  LEU A CD2 1 
ATOM   612  N N   . ASN A 1 97  ? 11.754  -8.542  -2.026  1.00 32.31  ? 97  ASN A N   1 
ATOM   613  C CA  . ASN A 1 97  ? 10.985  -9.477  -2.841  1.00 31.49  ? 97  ASN A CA  1 
ATOM   614  C C   . ASN A 1 97  ? 11.261  -10.892 -2.340  1.00 29.61  ? 97  ASN A C   1 
ATOM   615  O O   . ASN A 1 97  ? 12.211  -11.528 -2.788  1.00 36.58  ? 97  ASN A O   1 
ATOM   616  C CB  . ASN A 1 97  ? 11.403  -9.336  -4.310  1.00 34.60  ? 97  ASN A CB  1 
ATOM   617  C CG  . ASN A 1 97  ? 10.722  -10.341 -5.225  1.00 36.02  ? 97  ASN A CG  1 
ATOM   618  O OD1 . ASN A 1 97  ? 11.250  -10.676 -6.284  1.00 43.24  ? 97  ASN A OD1 1 
ATOM   619  N ND2 . ASN A 1 97  ? 9.543   -10.808 -4.835  1.00 33.53  ? 97  ASN A ND2 1 
ATOM   620  N N   . GLN A 1 98  ? 10.451  -11.373 -1.395  1.00 24.52  ? 98  GLN A N   1 
ATOM   621  C CA  . GLN A 1 98  ? 10.653  -12.707 -0.832  1.00 23.98  ? 98  GLN A CA  1 
ATOM   622  C C   . GLN A 1 98  ? 9.557   -13.120 0.140   1.00 24.67  ? 98  GLN A C   1 
ATOM   623  O O   . GLN A 1 98  ? 8.740   -12.295 0.554   1.00 27.04  ? 98  GLN A O   1 
ATOM   624  C CB  . GLN A 1 98  ? 11.978  -12.744 -0.081  1.00 34.49  ? 98  GLN A CB  1 
ATOM   625  C CG  . GLN A 1 98  ? 12.017  -11.787 1.099   1.00 42.72  ? 98  GLN A CG  1 
ATOM   626  C CD  . GLN A 1 98  ? 13.323  -11.849 1.851   1.00 44.23  ? 98  GLN A CD  1 
ATOM   627  O OE1 . GLN A 1 98  ? 14.353  -11.382 1.365   1.00 49.12  ? 98  GLN A OE1 1 
ATOM   628  N NE2 . GLN A 1 98  ? 13.293  -12.435 3.040   1.00 44.62  ? 98  GLN A NE2 1 
ATOM   629  N N   . SER A 1 99  ? 9.564   -14.398 0.515   1.00 27.92  ? 99  SER A N   1 
ATOM   630  C CA  . SER A 1 99  ? 8.592   -14.929 1.470   1.00 33.98  ? 99  SER A CA  1 
ATOM   631  C C   . SER A 1 99  ? 8.970   -14.399 2.841   1.00 33.43  ? 99  SER A C   1 
ATOM   632  O O   . SER A 1 99  ? 10.119  -14.525 3.266   1.00 37.40  ? 99  SER A O   1 
ATOM   633  C CB  . SER A 1 99  ? 8.620   -16.458 1.491   1.00 33.93  ? 99  SER A CB  1 
ATOM   634  O OG  . SER A 1 99  ? 8.120   -16.994 0.280   1.00 43.22  ? 99  SER A OG  1 
ATOM   635  N N   . VAL A 1 100 ? 8.014   -13.774 3.511   1.00 33.97  ? 100 VAL A N   1 
ATOM   636  C CA  . VAL A 1 100 ? 8.259   -13.200 4.824   1.00 32.45  ? 100 VAL A CA  1 
ATOM   637  C C   . VAL A 1 100 ? 7.544   -13.938 5.952   1.00 32.61  ? 100 VAL A C   1 
ATOM   638  O O   . VAL A 1 100 ? 7.861   -13.740 7.119   1.00 39.09  ? 100 VAL A O   1 
ATOM   639  C CB  . VAL A 1 100 ? 7.889   -11.696 4.856   1.00 28.39  ? 100 VAL A CB  1 
ATOM   640  C CG1 . VAL A 1 100 ? 8.763   -10.917 3.876   1.00 20.21  ? 100 VAL A CG1 1 
ATOM   641  C CG2 . VAL A 1 100 ? 6.425   -11.505 4.517   1.00 28.81  ? 100 VAL A CG2 1 
ATOM   642  N N   . ILE A 1 101 ? 6.588   -14.793 5.609   1.00 31.28  ? 101 ILE A N   1 
ATOM   643  C CA  . ILE A 1 101 ? 5.850   -15.555 6.614   1.00 33.60  ? 101 ILE A CA  1 
ATOM   644  C C   . ILE A 1 101 ? 5.556   -16.937 6.044   1.00 37.55  ? 101 ILE A C   1 
ATOM   645  O O   . ILE A 1 101 ? 4.937   -17.050 4.985   1.00 43.67  ? 101 ILE A O   1 
ATOM   646  C CB  . ILE A 1 101 ? 4.491   -14.887 6.972   1.00 34.19  ? 101 ILE A CB  1 
ATOM   647  C CG1 . ILE A 1 101 ? 4.688   -13.466 7.520   1.00 29.49  ? 101 ILE A CG1 1 
ATOM   648  C CG2 . ILE A 1 101 ? 3.734   -15.744 7.981   1.00 32.02  ? 101 ILE A CG2 1 
ATOM   649  C CD1 . ILE A 1 101 ? 5.206   -13.401 8.940   1.00 23.77  ? 101 ILE A CD1 1 
ATOM   650  N N   . GLN A 1 102 ? 6.035   -17.977 6.721   1.00 41.24  ? 102 GLN A N   1 
ATOM   651  C CA  . GLN A 1 102 ? 5.815   -19.363 6.299   1.00 40.31  ? 102 GLN A CA  1 
ATOM   652  C C   . GLN A 1 102 ? 5.636   -20.171 7.574   1.00 36.93  ? 102 GLN A C   1 
ATOM   653  O O   . GLN A 1 102 ? 6.561   -20.854 8.010   1.00 39.51  ? 102 GLN A O   1 
ATOM   654  C CB  . GLN A 1 102 ? 7.030   -19.923 5.540   1.00 47.84  ? 102 GLN A CB  1 
ATOM   655  C CG  . GLN A 1 102 ? 7.467   -19.156 4.296   1.00 58.15  ? 102 GLN A CG  1 
ATOM   656  C CD  . GLN A 1 102 ? 8.695   -19.763 3.621   1.00 63.28  ? 102 GLN A CD  1 
ATOM   657  O OE1 . GLN A 1 102 ? 8.943   -19.531 2.440   1.00 64.34  ? 102 GLN A OE1 1 
ATOM   658  N NE2 . GLN A 1 102 ? 9.477   -20.527 4.376   1.00 68.25  ? 102 GLN A NE2 1 
ATOM   659  N N   . GLN A 1 103 ? 4.459   -20.088 8.183   1.00 33.38  ? 103 GLN A N   1 
ATOM   660  C CA  . GLN A 1 103 ? 4.212   -20.808 9.428   1.00 31.01  ? 103 GLN A CA  1 
ATOM   661  C C   . GLN A 1 103 ? 2.776   -20.609 9.865   1.00 28.65  ? 103 GLN A C   1 
ATOM   662  O O   . GLN A 1 103 ? 2.053   -19.793 9.297   1.00 29.90  ? 103 GLN A O   1 
ATOM   663  C CB  . GLN A 1 103 ? 5.099   -20.234 10.533  1.00 35.26  ? 103 GLN A CB  1 
ATOM   664  C CG  . GLN A 1 103 ? 4.682   -18.825 10.938  1.00 38.34  ? 103 GLN A CG  1 
ATOM   665  C CD  . GLN A 1 103 ? 5.641   -18.174 11.895  1.00 38.33  ? 103 GLN A CD  1 
ATOM   666  O OE1 . GLN A 1 103 ? 6.620   -17.555 11.482  1.00 41.87  ? 103 GLN A OE1 1 
ATOM   667  N NE2 . GLN A 1 103 ? 5.363   -18.294 13.183  1.00 38.87  ? 103 GLN A NE2 1 
ATOM   668  N N   . THR A 1 104 ? 2.373   -21.348 10.889  1.00 27.74  ? 104 THR A N   1 
ATOM   669  C CA  . THR A 1 104 ? 1.039   -21.196 11.445  1.00 29.43  ? 104 THR A CA  1 
ATOM   670  C C   . THR A 1 104 ? 1.219   -20.002 12.386  1.00 29.86  ? 104 THR A C   1 
ATOM   671  O O   . THR A 1 104 ? 2.183   -19.961 13.152  1.00 33.36  ? 104 THR A O   1 
ATOM   672  C CB  . THR A 1 104 ? 0.605   -22.452 12.244  1.00 24.67  ? 104 THR A CB  1 
ATOM   673  O OG1 . THR A 1 104 ? 0.621   -23.598 11.383  1.00 29.65  ? 104 THR A OG1 1 
ATOM   674  C CG2 . THR A 1 104 ? -0.804  -22.279 12.803  1.00 18.73  ? 104 THR A CG2 1 
ATOM   675  N N   . VAL A 1 105 ? 0.368   -18.993 12.250  1.00 27.42  ? 105 VAL A N   1 
ATOM   676  C CA  . VAL A 1 105 ? 0.455   -17.807 13.090  1.00 23.34  ? 105 VAL A CA  1 
ATOM   677  C C   . VAL A 1 105 ? -0.887  -17.180 13.365  1.00 28.89  ? 105 VAL A C   1 
ATOM   678  O O   . VAL A 1 105 ? -1.861  -17.404 12.642  1.00 32.65  ? 105 VAL A O   1 
ATOM   679  C CB  . VAL A 1 105 ? 1.310   -16.685 12.459  1.00 25.87  ? 105 VAL A CB  1 
ATOM   680  C CG1 . VAL A 1 105 ? 2.669   -16.640 13.096  1.00 32.71  ? 105 VAL A CG1 1 
ATOM   681  C CG2 . VAL A 1 105 ? 1.412   -16.851 10.959  1.00 24.21  ? 105 VAL A CG2 1 
ATOM   682  N N   . GLU A 1 106 ? -0.917  -16.398 14.436  1.00 31.58  ? 106 GLU A N   1 
ATOM   683  C CA  . GLU A 1 106 ? -2.094  -15.652 14.842  1.00 32.13  ? 106 GLU A CA  1 
ATOM   684  C C   . GLU A 1 106 ? -1.929  -14.352 14.065  1.00 31.25  ? 106 GLU A C   1 
ATOM   685  O O   . GLU A 1 106 ? -0.844  -13.760 14.075  1.00 32.99  ? 106 GLU A O   1 
ATOM   686  C CB  . GLU A 1 106 ? -2.047  -15.379 16.347  1.00 30.46  ? 106 GLU A CB  1 
ATOM   687  C CG  . GLU A 1 106 ? -3.277  -14.673 16.892  1.00 41.99  ? 106 GLU A CG  1 
ATOM   688  C CD  . GLU A 1 106 ? -3.223  -14.473 18.395  1.00 43.96  ? 106 GLU A CD  1 
ATOM   689  O OE1 . GLU A 1 106 ? -2.578  -15.290 19.088  1.00 50.73  ? 106 GLU A OE1 1 
ATOM   690  O OE2 . GLU A 1 106 ? -3.833  -13.501 18.886  1.00 44.87  ? 106 GLU A OE2 1 
ATOM   691  N N   . ILE A 1 107 ? -2.976  -13.924 13.371  1.00 29.16  ? 107 ILE A N   1 
ATOM   692  C CA  . ILE A 1 107 ? -2.914  -12.709 12.566  1.00 26.43  ? 107 ILE A CA  1 
ATOM   693  C C   . ILE A 1 107 ? -2.340  -11.512 13.320  1.00 23.90  ? 107 ILE A C   1 
ATOM   694  O O   . ILE A 1 107 ? -1.553  -10.747 12.756  1.00 21.96  ? 107 ILE A O   1 
ATOM   695  C CB  . ILE A 1 107 ? -4.290  -12.371 11.941  1.00 27.40  ? 107 ILE A CB  1 
ATOM   696  C CG1 . ILE A 1 107 ? -4.741  -13.532 11.042  1.00 32.14  ? 107 ILE A CG1 1 
ATOM   697  C CG2 . ILE A 1 107 ? -4.207  -11.080 11.127  1.00 15.16  ? 107 ILE A CG2 1 
ATOM   698  C CD1 . ILE A 1 107 ? -6.143  -13.395 10.500  1.00 35.27  ? 107 ILE A CD1 1 
ATOM   699  N N   . SER A 1 108 ? -2.682  -11.374 14.598  1.00 19.25  ? 108 SER A N   1 
ATOM   700  C CA  . SER A 1 108 ? -2.164  -10.262 15.395  1.00 23.75  ? 108 SER A CA  1 
ATOM   701  C C   . SER A 1 108 ? -0.639  -10.214 15.334  1.00 15.97  ? 108 SER A C   1 
ATOM   702  O O   . SER A 1 108 ? -0.050  -9.200  14.956  1.00 20.22  ? 108 SER A O   1 
ATOM   703  C CB  . SER A 1 108 ? -2.613  -10.392 16.853  1.00 24.24  ? 108 SER A CB  1 
ATOM   704  O OG  . SER A 1 108 ? -2.179  -11.622 17.407  1.00 38.04  ? 108 SER A OG  1 
ATOM   705  N N   . VAL A 1 109 ? -0.010  -11.340 15.639  1.00 11.58  ? 109 VAL A N   1 
ATOM   706  C CA  . VAL A 1 109 ? 1.443   -11.429 15.637  1.00 21.33  ? 109 VAL A CA  1 
ATOM   707  C C   . VAL A 1 109 ? 2.037   -11.136 14.268  1.00 23.19  ? 109 VAL A C   1 
ATOM   708  O O   . VAL A 1 109 ? 3.064   -10.457 14.163  1.00 32.52  ? 109 VAL A O   1 
ATOM   709  C CB  . VAL A 1 109 ? 1.924   -12.820 16.100  1.00 22.48  ? 109 VAL A CB  1 
ATOM   710  C CG1 . VAL A 1 109 ? 3.430   -12.808 16.294  1.00 25.15  ? 109 VAL A CG1 1 
ATOM   711  C CG2 . VAL A 1 109 ? 1.223   -13.221 17.392  1.00 24.51  ? 109 VAL A CG2 1 
ATOM   712  N N   . MET A 1 110 ? 1.386   -11.634 13.219  1.00 26.70  ? 110 MET A N   1 
ATOM   713  C CA  . MET A 1 110 ? 1.863   -11.434 11.849  1.00 22.44  ? 110 MET A CA  1 
ATOM   714  C C   . MET A 1 110 ? 1.895   -9.967  11.444  1.00 19.18  ? 110 MET A C   1 
ATOM   715  O O   . MET A 1 110 ? 2.846   -9.517  10.803  1.00 21.44  ? 110 MET A O   1 
ATOM   716  C CB  . MET A 1 110 ? 1.016   -12.242 10.863  1.00 21.92  ? 110 MET A CB  1 
ATOM   717  C CG  . MET A 1 110 ? 1.419   -12.076 9.407   1.00 25.41  ? 110 MET A CG  1 
ATOM   718  S SD  . MET A 1 110 ? 0.723   -13.371 8.368   1.00 24.37  ? 110 MET A SD  1 
ATOM   719  C CE  . MET A 1 110 ? -1.012  -13.146 8.661   1.00 12.76  ? 110 MET A CE  1 
ATOM   720  N N   . VAL A 1 111 ? 0.878   -9.213  11.842  1.00 14.45  ? 111 VAL A N   1 
ATOM   721  C CA  . VAL A 1 111 ? 0.815   -7.793  11.513  1.00 19.13  ? 111 VAL A CA  1 
ATOM   722  C C   . VAL A 1 111 ? 2.040   -7.041  12.048  1.00 21.61  ? 111 VAL A C   1 
ATOM   723  O O   . VAL A 1 111 ? 2.573   -6.145  11.384  1.00 18.20  ? 111 VAL A O   1 
ATOM   724  C CB  . VAL A 1 111 ? -0.478  -7.159  12.067  1.00 20.20  ? 111 VAL A CB  1 
ATOM   725  C CG1 . VAL A 1 111 ? -0.480  -5.655  11.841  1.00 20.33  ? 111 VAL A CG1 1 
ATOM   726  C CG2 . VAL A 1 111 ? -1.677  -7.784  11.394  1.00 18.31  ? 111 VAL A CG2 1 
ATOM   727  N N   . GLU A 1 112 ? 2.487   -7.424  13.243  1.00 28.55  ? 112 GLU A N   1 
ATOM   728  C CA  . GLU A 1 112 ? 3.647   -6.806  13.879  1.00 24.05  ? 112 GLU A CA  1 
ATOM   729  C C   . GLU A 1 112 ? 4.916   -7.063  13.085  1.00 24.08  ? 112 GLU A C   1 
ATOM   730  O O   . GLU A 1 112 ? 5.712   -6.151  12.870  1.00 31.88  ? 112 GLU A O   1 
ATOM   731  C CB  . GLU A 1 112 ? 3.813   -7.316  15.307  1.00 29.66  ? 112 GLU A CB  1 
ATOM   732  C CG  . GLU A 1 112 ? 2.712   -6.866  16.256  1.00 35.38  ? 112 GLU A CG  1 
ATOM   733  C CD  . GLU A 1 112 ? 2.855   -7.461  17.647  1.00 46.22  ? 112 GLU A CD  1 
ATOM   734  O OE1 . GLU A 1 112 ? 3.370   -8.595  17.770  1.00 51.89  ? 112 GLU A OE1 1 
ATOM   735  O OE2 . GLU A 1 112 ? 2.446   -6.793  18.618  1.00 49.41  ? 112 GLU A OE2 1 
ATOM   736  N N   . GLN A 1 113 ? 5.110   -8.301  12.646  1.00 24.54  ? 113 GLN A N   1 
ATOM   737  C CA  . GLN A 1 113 ? 6.290   -8.639  11.860  1.00 26.84  ? 113 GLN A CA  1 
ATOM   738  C C   . GLN A 1 113 ? 6.329   -7.790  10.595  1.00 27.94  ? 113 GLN A C   1 
ATOM   739  O O   . GLN A 1 113 ? 7.323   -7.114  10.324  1.00 30.44  ? 113 GLN A O   1 
ATOM   740  C CB  . GLN A 1 113 ? 6.278   -10.117 11.470  1.00 29.66  ? 113 GLN A CB  1 
ATOM   741  C CG  . GLN A 1 113 ? 7.520   -10.891 11.888  1.00 39.56  ? 113 GLN A CG  1 
ATOM   742  C CD  . GLN A 1 113 ? 8.817   -10.348 11.303  1.00 39.33  ? 113 GLN A CD  1 
ATOM   743  O OE1 . GLN A 1 113 ? 9.346   -10.884 10.330  1.00 42.08  ? 113 GLN A OE1 1 
ATOM   744  N NE2 . GLN A 1 113 ? 9.354   -9.304  11.921  1.00 42.70  ? 113 GLN A NE2 1 
ATOM   745  N N   . LEU A 1 114 ? 5.229   -7.799  9.849   1.00 28.39  ? 114 LEU A N   1 
ATOM   746  C CA  . LEU A 1 114 ? 5.129   -7.047  8.602   1.00 27.10  ? 114 LEU A CA  1 
ATOM   747  C C   . LEU A 1 114 ? 5.323   -5.546  8.800   1.00 28.21  ? 114 LEU A C   1 
ATOM   748  O O   . LEU A 1 114 ? 5.979   -4.889  7.989   1.00 28.75  ? 114 LEU A O   1 
ATOM   749  C CB  . LEU A 1 114 ? 3.788   -7.326  7.918   1.00 31.70  ? 114 LEU A CB  1 
ATOM   750  C CG  . LEU A 1 114 ? 3.477   -8.799  7.614   1.00 31.90  ? 114 LEU A CG  1 
ATOM   751  C CD1 . LEU A 1 114 ? 2.090   -8.913  7.029   1.00 26.74  ? 114 LEU A CD1 1 
ATOM   752  C CD2 . LEU A 1 114 ? 4.504   -9.389  6.667   1.00 27.86  ? 114 LEU A CD2 1 
ATOM   753  N N   . LYS A 1 115 ? 4.772   -5.006  9.885   1.00 24.25  ? 115 LYS A N   1 
ATOM   754  C CA  . LYS A 1 115 ? 4.905   -3.582  10.188  1.00 19.73  ? 115 LYS A CA  1 
ATOM   755  C C   . LYS A 1 115 ? 6.377   -3.231  10.426  1.00 19.08  ? 115 LYS A C   1 
ATOM   756  O O   . LYS A 1 115 ? 6.850   -2.155  10.050  1.00 19.30  ? 115 LYS A O   1 
ATOM   757  C CB  . LYS A 1 115 ? 4.076   -3.233  11.422  1.00 13.90  ? 115 LYS A CB  1 
ATOM   758  C CG  . LYS A 1 115 ? 4.100   -1.764  11.793  1.00 14.22  ? 115 LYS A CG  1 
ATOM   759  C CD  . LYS A 1 115 ? 3.298   -1.507  13.059  1.00 7.27   ? 115 LYS A CD  1 
ATOM   760  C CE  . LYS A 1 115 ? 2.969   -0.029  13.202  1.00 13.98  ? 115 LYS A CE  1 
ATOM   761  N NZ  . LYS A 1 115 ? 1.995   0.204   14.306  1.00 20.99  ? 115 LYS A NZ  1 
ATOM   762  N N   . LYS A 1 116 ? 7.101   -4.157  11.039  1.00 20.76  ? 116 LYS A N   1 
ATOM   763  C CA  . LYS A 1 116 ? 8.512   -3.967  11.331  1.00 25.41  ? 116 LYS A CA  1 
ATOM   764  C C   . LYS A 1 116 ? 9.316   -4.079  10.035  1.00 27.57  ? 116 LYS A C   1 
ATOM   765  O O   . LYS A 1 116 ? 10.299  -3.363  9.836   1.00 32.67  ? 116 LYS A O   1 
ATOM   766  C CB  . LYS A 1 116 ? 8.971   -5.013  12.349  1.00 32.85  ? 116 LYS A CB  1 
ATOM   767  C CG  . LYS A 1 116 ? 10.256  -4.674  13.079  1.00 38.77  ? 116 LYS A CG  1 
ATOM   768  C CD  . LYS A 1 116 ? 10.561  -5.729  14.129  1.00 44.72  ? 116 LYS A CD  1 
ATOM   769  C CE  . LYS A 1 116 ? 11.740  -5.332  15.001  1.00 47.09  ? 116 LYS A CE  1 
ATOM   770  N NZ  . LYS A 1 116 ? 13.013  -5.242  14.242  1.00 48.91  ? 116 LYS A NZ  1 
ATOM   771  N N   . ILE A 1 117 ? 8.887   -4.976  9.150   1.00 23.74  ? 117 ILE A N   1 
ATOM   772  C CA  . ILE A 1 117 ? 9.559   -5.163  7.868   1.00 21.03  ? 117 ILE A CA  1 
ATOM   773  C C   . ILE A 1 117 ? 9.333   -3.940  6.980   1.00 21.15  ? 117 ILE A C   1 
ATOM   774  O O   . ILE A 1 117 ? 10.227  -3.522  6.246   1.00 22.74  ? 117 ILE A O   1 
ATOM   775  C CB  . ILE A 1 117 ? 9.072   -6.441  7.162   1.00 21.01  ? 117 ILE A CB  1 
ATOM   776  C CG1 . ILE A 1 117 ? 9.385   -7.658  8.038   1.00 21.81  ? 117 ILE A CG1 1 
ATOM   777  C CG2 . ILE A 1 117 ? 9.751   -6.590  5.809   1.00 20.30  ? 117 ILE A CG2 1 
ATOM   778  C CD1 . ILE A 1 117 ? 8.877   -8.970  7.492   1.00 21.62  ? 117 ILE A CD1 1 
ATOM   779  N N   . ILE A 1 118 ? 8.139   -3.363  7.056   1.00 25.81  ? 118 ILE A N   1 
ATOM   780  C CA  . ILE A 1 118 ? 7.817   -2.167  6.281   1.00 32.40  ? 118 ILE A CA  1 
ATOM   781  C C   . ILE A 1 118 ? 8.705   -1.026  6.781   1.00 37.54  ? 118 ILE A C   1 
ATOM   782  O O   . ILE A 1 118 ? 9.337   -0.328  5.989   1.00 39.42  ? 118 ILE A O   1 
ATOM   783  C CB  . ILE A 1 118 ? 6.325   -1.777  6.444   1.00 35.30  ? 118 ILE A CB  1 
ATOM   784  C CG1 . ILE A 1 118 ? 5.436   -2.811  5.754   1.00 36.79  ? 118 ILE A CG1 1 
ATOM   785  C CG2 . ILE A 1 118 ? 6.058   -0.384  5.876   1.00 33.77  ? 118 ILE A CG2 1 
ATOM   786  C CD1 . ILE A 1 118 ? 3.970   -2.537  5.915   1.00 35.27  ? 118 ILE A CD1 1 
ATOM   787  N N   . GLN A 1 119 ? 8.762   -0.862  8.101   1.00 40.02  ? 119 GLN A N   1 
ATOM   788  C CA  . GLN A 1 119 ? 9.579   0.174   8.725   1.00 40.19  ? 119 GLN A CA  1 
ATOM   789  C C   . GLN A 1 119 ? 11.010  0.087   8.187   1.00 37.90  ? 119 GLN A C   1 
ATOM   790  O O   . GLN A 1 119 ? 11.608  1.094   7.796   1.00 37.92  ? 119 GLN A O   1 
ATOM   791  C CB  . GLN A 1 119 ? 9.578   -0.008  10.247  1.00 45.02  ? 119 GLN A CB  1 
ATOM   792  C CG  . GLN A 1 119 ? 10.367  1.048   11.009  1.00 56.34  ? 119 GLN A CG  1 
ATOM   793  C CD  . GLN A 1 119 ? 10.665  0.640   12.441  1.00 63.47  ? 119 GLN A CD  1 
ATOM   794  O OE1 . GLN A 1 119 ? 11.212  -0.435  12.689  1.00 66.15  ? 119 GLN A OE1 1 
ATOM   795  N NE2 . GLN A 1 119 ? 10.317  1.500   13.390  1.00 64.05  ? 119 GLN A NE2 1 
ATOM   796  N N   . GLU A 1 120 ? 11.532  -1.134  8.139   1.00 36.40  ? 120 GLU A N   1 
ATOM   797  C CA  . GLU A 1 120 ? 12.878  -1.387  7.647   1.00 38.97  ? 120 GLU A CA  1 
ATOM   798  C C   . GLU A 1 120 ? 13.012  -0.984  6.178   1.00 37.65  ? 120 GLU A C   1 
ATOM   799  O O   . GLU A 1 120 ? 13.849  -0.150  5.831   1.00 40.74  ? 120 GLU A O   1 
ATOM   800  C CB  . GLU A 1 120 ? 13.227  -2.871  7.829   1.00 43.39  ? 120 GLU A CB  1 
ATOM   801  C CG  . GLU A 1 120 ? 14.661  -3.252  7.462   1.00 58.67  ? 120 GLU A CG  1 
ATOM   802  C CD  . GLU A 1 120 ? 15.700  -2.615  8.373   1.00 68.34  ? 120 GLU A CD  1 
ATOM   803  O OE1 . GLU A 1 120 ? 15.824  -3.049  9.539   1.00 76.27  ? 120 GLU A OE1 1 
ATOM   804  O OE2 . GLU A 1 120 ? 16.399  -1.683  7.920   1.00 74.41  ? 120 GLU A OE2 1 
ATOM   805  N N   . VAL A 1 121 ? 12.151  -1.543  5.329   1.00 34.88  ? 121 VAL A N   1 
ATOM   806  C CA  . VAL A 1 121 ? 12.170  -1.266  3.894   1.00 28.91  ? 121 VAL A CA  1 
ATOM   807  C C   . VAL A 1 121 ? 11.968  0.205   3.545   1.00 25.42  ? 121 VAL A C   1 
ATOM   808  O O   . VAL A 1 121 ? 12.537  0.699   2.571   1.00 28.55  ? 121 VAL A O   1 
ATOM   809  C CB  . VAL A 1 121 ? 11.127  -2.139  3.147   1.00 29.25  ? 121 VAL A CB  1 
ATOM   810  C CG1 . VAL A 1 121 ? 11.024  -1.729  1.673   1.00 23.88  ? 121 VAL A CG1 1 
ATOM   811  C CG2 . VAL A 1 121 ? 11.521  -3.605  3.256   1.00 27.47  ? 121 VAL A CG2 1 
ATOM   812  N N   . LEU A 1 122 ? 11.177  0.903   4.353   1.00 23.73  ? 122 LEU A N   1 
ATOM   813  C CA  . LEU A 1 122 ? 10.895  2.318   4.131   1.00 26.06  ? 122 LEU A CA  1 
ATOM   814  C C   . LEU A 1 122 ? 12.177  3.158   4.246   1.00 29.25  ? 122 LEU A C   1 
ATOM   815  O O   . LEU A 1 122 ? 12.339  4.161   3.545   1.00 24.52  ? 122 LEU A O   1 
ATOM   816  C CB  . LEU A 1 122 ? 9.821   2.796   5.120   1.00 20.35  ? 122 LEU A CB  1 
ATOM   817  C CG  . LEU A 1 122 ? 9.252   4.214   4.991   1.00 20.53  ? 122 LEU A CG  1 
ATOM   818  C CD1 . LEU A 1 122 ? 8.751   4.471   3.587   1.00 17.56  ? 122 LEU A CD1 1 
ATOM   819  C CD2 . LEU A 1 122 ? 8.131   4.404   5.989   1.00 17.20  ? 122 LEU A CD2 1 
ATOM   820  N N   . GLY A 1 123 ? 13.094  2.731   5.111   1.00 33.05  ? 123 GLY A N   1 
ATOM   821  C CA  . GLY A 1 123 ? 14.345  3.447   5.278   1.00 38.08  ? 123 GLY A CA  1 
ATOM   822  C C   . GLY A 1 123 ? 14.195  4.740   6.054   1.00 43.20  ? 123 GLY A C   1 
ATOM   823  O O   . GLY A 1 123 ? 14.698  4.863   7.170   1.00 49.96  ? 123 GLY A O   1 
ATOM   824  N N   . LEU A 1 124 ? 13.509  5.712   5.465   1.00 43.53  ? 124 LEU A N   1 
ATOM   825  C CA  . LEU A 1 124 ? 13.291  6.997   6.114   1.00 40.32  ? 124 LEU A CA  1 
ATOM   826  C C   . LEU A 1 124 ? 12.503  6.775   7.401   1.00 41.45  ? 124 LEU A C   1 
ATOM   827  O O   . LEU A 1 124 ? 11.541  6.006   7.417   1.00 44.64  ? 124 LEU A O   1 
ATOM   828  C CB  . LEU A 1 124 ? 12.505  7.935   5.193   1.00 44.48  ? 124 LEU A CB  1 
ATOM   829  C CG  . LEU A 1 124 ? 13.009  8.234   3.774   1.00 47.14  ? 124 LEU A CG  1 
ATOM   830  C CD1 . LEU A 1 124 ? 14.515  8.453   3.782   1.00 49.68  ? 124 LEU A CD1 1 
ATOM   831  C CD2 . LEU A 1 124 ? 12.649  7.102   2.829   1.00 53.03  ? 124 LEU A CD2 1 
ATOM   832  N N   . VAL A 1 125 ? 12.924  7.421   8.483   1.00 41.62  ? 125 VAL A N   1 
ATOM   833  C CA  . VAL A 1 125 ? 12.231  7.284   9.761   1.00 43.50  ? 125 VAL A CA  1 
ATOM   834  C C   . VAL A 1 125 ? 11.192  8.390   9.891   1.00 42.49  ? 125 VAL A C   1 
ATOM   835  O O   . VAL A 1 125 ? 11.529  9.572   9.895   1.00 44.86  ? 125 VAL A O   1 
ATOM   836  C CB  . VAL A 1 125 ? 13.210  7.303   10.968  1.00 43.66  ? 125 VAL A CB  1 
ATOM   837  C CG1 . VAL A 1 125 ? 14.124  6.089   10.916  1.00 49.35  ? 125 VAL A CG1 1 
ATOM   838  C CG2 . VAL A 1 125 ? 14.042  8.567   10.974  1.00 44.94  ? 125 VAL A CG2 1 
ATOM   839  N N   . ILE A 1 126 ? 9.922   7.999   9.936   1.00 39.79  ? 126 ILE A N   1 
ATOM   840  C CA  . ILE A 1 126 ? 8.830   8.960   10.037  1.00 36.44  ? 126 ILE A CA  1 
ATOM   841  C C   . ILE A 1 126 ? 8.326   9.024   11.469  1.00 37.31  ? 126 ILE A C   1 
ATOM   842  O O   . ILE A 1 126 ? 8.134   7.994   12.113  1.00 37.84  ? 126 ILE A O   1 
ATOM   843  C CB  . ILE A 1 126 ? 7.639   8.573   9.120   1.00 34.32  ? 126 ILE A CB  1 
ATOM   844  C CG1 . ILE A 1 126 ? 8.122   8.339   7.688   1.00 32.57  ? 126 ILE A CG1 1 
ATOM   845  C CG2 . ILE A 1 126 ? 6.557   9.661   9.157   1.00 25.89  ? 126 ILE A CG2 1 
ATOM   846  C CD1 . ILE A 1 126 ? 8.755   9.543   7.032   1.00 37.77  ? 126 ILE A CD1 1 
ATOM   847  N N   . ASN A 1 127 ? 8.107   10.238  11.962  1.00 36.41  ? 127 ASN A N   1 
ATOM   848  C CA  . ASN A 1 127 ? 7.606   10.442  13.316  1.00 37.23  ? 127 ASN A CA  1 
ATOM   849  C C   . ASN A 1 127 ? 6.159   10.884  13.253  1.00 38.68  ? 127 ASN A C   1 
ATOM   850  O O   . ASN A 1 127 ? 5.871   12.068  13.045  1.00 40.92  ? 127 ASN A O   1 
ATOM   851  C CB  . ASN A 1 127 ? 8.431   11.499  14.055  1.00 39.70  ? 127 ASN A CB  1 
ATOM   852  C CG  . ASN A 1 127 ? 9.710   10.941  14.621  1.00 39.88  ? 127 ASN A CG  1 
ATOM   853  O OD1 . ASN A 1 127 ? 9.686   10.106  15.524  1.00 42.38  ? 127 ASN A OD1 1 
ATOM   854  N ND2 . ASN A 1 127 ? 10.838  11.392  14.090  1.00 39.07  ? 127 ASN A ND2 1 
ATOM   855  N N   . SER A 1 128 ? 5.249   9.919   13.349  1.00 35.08  ? 128 SER A N   1 
ATOM   856  C CA  . SER A 1 128 ? 3.824   10.213  13.318  1.00 29.90  ? 128 SER A CA  1 
ATOM   857  C C   . SER A 1 128 ? 3.006   9.025   13.795  1.00 28.82  ? 128 SER A C   1 
ATOM   858  O O   . SER A 1 128 ? 3.029   7.964   13.182  1.00 34.81  ? 128 SER A O   1 
ATOM   859  C CB  . SER A 1 128 ? 3.392   10.610  11.909  1.00 21.68  ? 128 SER A CB  1 
ATOM   860  O OG  . SER A 1 128 ? 2.068   11.117  11.915  1.00 25.83  ? 128 SER A OG  1 
ATOM   861  N N   . THR A 1 129 ? 2.280   9.209   14.894  1.00 33.72  ? 129 THR A N   1 
ATOM   862  C CA  . THR A 1 129 ? 1.432   8.156   15.445  1.00 36.71  ? 129 THR A CA  1 
ATOM   863  C C   . THR A 1 129 ? 0.375   7.796   14.406  1.00 35.64  ? 129 THR A C   1 
ATOM   864  O O   . THR A 1 129 ? 0.191   6.625   14.078  1.00 38.71  ? 129 THR A O   1 
ATOM   865  C CB  . THR A 1 129 ? 0.741   8.628   16.742  1.00 43.50  ? 129 THR A CB  1 
ATOM   866  O OG1 . THR A 1 129 ? 1.732   9.096   17.666  1.00 50.96  ? 129 THR A OG1 1 
ATOM   867  C CG2 . THR A 1 129 ? -0.044  7.492   17.384  1.00 47.44  ? 129 THR A CG2 1 
ATOM   868  N N   . SER A 1 130 ? -0.272  8.819   13.856  1.00 32.93  ? 130 SER A N   1 
ATOM   869  C CA  . SER A 1 130 ? -1.296  8.627   12.840  1.00 28.33  ? 130 SER A CA  1 
ATOM   870  C C   . SER A 1 130 ? -0.771  7.821   11.658  1.00 25.34  ? 130 SER A C   1 
ATOM   871  O O   . SER A 1 130 ? -1.429  6.885   11.211  1.00 27.16  ? 130 SER A O   1 
ATOM   872  C CB  . SER A 1 130 ? -1.825  9.972   12.348  1.00 29.47  ? 130 SER A CB  1 
ATOM   873  O OG  . SER A 1 130 ? -2.526  10.660  13.372  1.00 40.40  ? 130 SER A OG  1 
ATOM   874  N N   . PHE A 1 131 ? 0.419   8.161   11.172  1.00 17.40  ? 131 PHE A N   1 
ATOM   875  C CA  . PHE A 1 131 ? 0.987   7.437   10.043  1.00 20.55  ? 131 PHE A CA  1 
ATOM   876  C C   . PHE A 1 131 ? 1.154   5.960   10.351  1.00 25.55  ? 131 PHE A C   1 
ATOM   877  O O   . PHE A 1 131 ? 0.652   5.109   9.613   1.00 34.31  ? 131 PHE A O   1 
ATOM   878  C CB  . PHE A 1 131 ? 2.328   8.020   9.603   1.00 18.42  ? 131 PHE A CB  1 
ATOM   879  C CG  . PHE A 1 131 ? 3.015   7.207   8.536   1.00 25.13  ? 131 PHE A CG  1 
ATOM   880  C CD1 . PHE A 1 131 ? 2.528   7.192   7.230   1.00 26.07  ? 131 PHE A CD1 1 
ATOM   881  C CD2 . PHE A 1 131 ? 4.130   6.431   8.844   1.00 28.35  ? 131 PHE A CD2 1 
ATOM   882  C CE1 . PHE A 1 131 ? 3.140   6.416   6.245   1.00 26.67  ? 131 PHE A CE1 1 
ATOM   883  C CE2 . PHE A 1 131 ? 4.751   5.649   7.866   1.00 27.81  ? 131 PHE A CE2 1 
ATOM   884  C CZ  . PHE A 1 131 ? 4.251   5.643   6.563   1.00 28.41  ? 131 PHE A CZ  1 
ATOM   885  N N   . TRP A 1 132 ? 1.841   5.650   11.445  1.00 21.74  ? 132 TRP A N   1 
ATOM   886  C CA  . TRP A 1 132 ? 2.056   4.258   11.815  1.00 22.11  ? 132 TRP A CA  1 
ATOM   887  C C   . TRP A 1 132 ? 0.766   3.514   12.153  1.00 22.10  ? 132 TRP A C   1 
ATOM   888  O O   . TRP A 1 132 ? 0.706   2.284   12.070  1.00 21.97  ? 132 TRP A O   1 
ATOM   889  C CB  . TRP A 1 132 ? 3.098   4.160   12.924  1.00 21.44  ? 132 TRP A CB  1 
ATOM   890  C CG  . TRP A 1 132 ? 4.435   4.568   12.428  1.00 20.71  ? 132 TRP A CG  1 
ATOM   891  C CD1 . TRP A 1 132 ? 5.127   5.690   12.767  1.00 20.07  ? 132 TRP A CD1 1 
ATOM   892  C CD2 . TRP A 1 132 ? 5.216   3.896   11.434  1.00 22.98  ? 132 TRP A CD2 1 
ATOM   893  N NE1 . TRP A 1 132 ? 6.287   5.767   12.038  1.00 19.00  ? 132 TRP A NE1 1 
ATOM   894  C CE2 . TRP A 1 132 ? 6.369   4.681   11.210  1.00 16.90  ? 132 TRP A CE2 1 
ATOM   895  C CE3 . TRP A 1 132 ? 5.052   2.709   10.704  1.00 22.12  ? 132 TRP A CE3 1 
ATOM   896  C CZ2 . TRP A 1 132 ? 7.352   4.322   10.288  1.00 19.90  ? 132 TRP A CZ2 1 
ATOM   897  C CZ3 . TRP A 1 132 ? 6.029   2.350   9.787   1.00 20.73  ? 132 TRP A CZ3 1 
ATOM   898  C CH2 . TRP A 1 132 ? 7.166   3.157   9.587   1.00 22.90  ? 132 TRP A CH2 1 
ATOM   899  N N   . ASN A 1 133 ? -0.272  4.261   12.513  1.00 23.42  ? 133 ASN A N   1 
ATOM   900  C CA  . ASN A 1 133 ? -1.567  3.660   12.800  1.00 24.67  ? 133 ASN A CA  1 
ATOM   901  C C   . ASN A 1 133 ? -2.194  3.308   11.456  1.00 23.02  ? 133 ASN A C   1 
ATOM   902  O O   . ASN A 1 133 ? -2.810  2.257   11.309  1.00 24.91  ? 133 ASN A O   1 
ATOM   903  C CB  . ASN A 1 133 ? -2.472  4.627   13.565  1.00 24.91  ? 133 ASN A CB  1 
ATOM   904  C CG  . ASN A 1 133 ? -2.232  4.599   15.067  1.00 28.48  ? 133 ASN A CG  1 
ATOM   905  O OD1 . ASN A 1 133 ? -2.757  5.439   15.797  1.00 30.43  ? 133 ASN A OD1 1 
ATOM   906  N ND2 . ASN A 1 133 ? -1.445  3.635   15.538  1.00 23.51  ? 133 ASN A ND2 1 
ATOM   907  N N   . SER A 1 134 ? -2.004  4.182   10.469  1.00 21.22  ? 134 SER A N   1 
ATOM   908  C CA  . SER A 1 134 ? -2.524  3.956   9.124   1.00 22.48  ? 134 SER A CA  1 
ATOM   909  C C   . SER A 1 134 ? -1.849  2.713   8.569   1.00 21.93  ? 134 SER A C   1 
ATOM   910  O O   . SER A 1 134 ? -2.504  1.832   8.019   1.00 23.96  ? 134 SER A O   1 
ATOM   911  C CB  . SER A 1 134 ? -2.228  5.149   8.215   1.00 24.25  ? 134 SER A CB  1 
ATOM   912  O OG  . SER A 1 134 ? -2.885  6.314   8.686   1.00 49.21  ? 134 SER A OG  1 
ATOM   913  N N   . VAL A 1 135 ? -0.537  2.631   8.761   1.00 16.93  ? 135 VAL A N   1 
ATOM   914  C CA  . VAL A 1 135 ? 0.229   1.486   8.299   1.00 14.92  ? 135 VAL A CA  1 
ATOM   915  C C   . VAL A 1 135 ? -0.271  0.194   8.933   1.00 18.89  ? 135 VAL A C   1 
ATOM   916  O O   . VAL A 1 135 ? -0.495  -0.793  8.234   1.00 27.80  ? 135 VAL A O   1 
ATOM   917  C CB  . VAL A 1 135 ? 1.728   1.650   8.603   1.00 4.94   ? 135 VAL A CB  1 
ATOM   918  C CG1 . VAL A 1 135 ? 2.459   0.351   8.335   1.00 8.27   ? 135 VAL A CG1 1 
ATOM   919  C CG2 . VAL A 1 135 ? 2.309   2.756   7.746   1.00 9.37   ? 135 VAL A CG2 1 
ATOM   920  N N   . GLU A 1 136 ? -0.462  0.201   10.247  1.00 17.33  ? 136 GLU A N   1 
ATOM   921  C CA  . GLU A 1 136 ? -0.926  -0.991  10.946  1.00 18.07  ? 136 GLU A CA  1 
ATOM   922  C C   . GLU A 1 136 ? -2.348  -1.364  10.542  1.00 20.11  ? 136 GLU A C   1 
ATOM   923  O O   . GLU A 1 136 ? -2.641  -2.537  10.278  1.00 23.37  ? 136 GLU A O   1 
ATOM   924  C CB  . GLU A 1 136 ? -0.838  -0.801  12.456  1.00 18.86  ? 136 GLU A CB  1 
ATOM   925  C CG  . GLU A 1 136 ? -0.890  -2.106  13.233  1.00 19.28  ? 136 GLU A CG  1 
ATOM   926  C CD  . GLU A 1 136 ? -0.849  -1.896  14.727  1.00 24.86  ? 136 GLU A CD  1 
ATOM   927  O OE1 . GLU A 1 136 ? -1.528  -0.971  15.210  1.00 34.37  ? 136 GLU A OE1 1 
ATOM   928  O OE2 . GLU A 1 136 ? -0.145  -2.658  15.421  1.00 31.66  ? 136 GLU A OE2 1 
ATOM   929  N N   . ALA A 1 137 ? -3.225  -0.366  10.483  1.00 11.50  ? 137 ALA A N   1 
ATOM   930  C CA  . ALA A 1 137 ? -4.614  -0.590  10.093  1.00 13.51  ? 137 ALA A CA  1 
ATOM   931  C C   . ALA A 1 137 ? -4.665  -1.229  8.699   1.00 14.67  ? 137 ALA A C   1 
ATOM   932  O O   . ALA A 1 137 ? -5.360  -2.224  8.488   1.00 20.45  ? 137 ALA A O   1 
ATOM   933  C CB  . ALA A 1 137 ? -5.368  0.708   10.104  1.00 2.92   ? 137 ALA A CB  1 
ATOM   934  N N   . THR A 1 138 ? -3.895  -0.677  7.766   1.00 11.68  ? 138 THR A N   1 
ATOM   935  C CA  . THR A 1 138 ? -3.823  -1.189  6.407   1.00 11.16  ? 138 THR A CA  1 
ATOM   936  C C   . THR A 1 138 ? -3.328  -2.641  6.388   1.00 18.79  ? 138 THR A C   1 
ATOM   937  O O   . THR A 1 138 ? -3.895  -3.487  5.687   1.00 25.33  ? 138 THR A O   1 
ATOM   938  C CB  . THR A 1 138 ? -2.893  -0.303  5.541   1.00 9.98   ? 138 THR A CB  1 
ATOM   939  O OG1 . THR A 1 138 ? -3.488  0.990   5.361   1.00 9.78   ? 138 THR A OG1 1 
ATOM   940  C CG2 . THR A 1 138 ? -2.652  -0.925  4.189   1.00 11.93  ? 138 THR A CG2 1 
ATOM   941  N N   . ILE A 1 139 ? -2.299  -2.940  7.177   1.00 20.84  ? 139 ILE A N   1 
ATOM   942  C CA  . ILE A 1 139 ? -1.758  -4.296  7.228   1.00 18.01  ? 139 ILE A CA  1 
ATOM   943  C C   . ILE A 1 139 ? -2.814  -5.257  7.753   1.00 19.53  ? 139 ILE A C   1 
ATOM   944  O O   . ILE A 1 139 ? -3.029  -6.321  7.177   1.00 23.08  ? 139 ILE A O   1 
ATOM   945  C CB  . ILE A 1 139 ? -0.473  -4.382  8.087   1.00 20.88  ? 139 ILE A CB  1 
ATOM   946  C CG1 . ILE A 1 139 ? 0.595   -3.453  7.514   1.00 23.45  ? 139 ILE A CG1 1 
ATOM   947  C CG2 . ILE A 1 139 ? 0.084   -5.804  8.080   1.00 18.94  ? 139 ILE A CG2 1 
ATOM   948  C CD1 . ILE A 1 139 ? 0.858   -3.677  6.043   1.00 32.64  ? 139 ILE A CD1 1 
ATOM   949  N N   . LYS A 1 140 ? -3.513  -4.856  8.808   1.00 20.17  ? 140 LYS A N   1 
ATOM   950  C CA  . LYS A 1 140 ? -4.566  -5.685  9.379   1.00 22.89  ? 140 LYS A CA  1 
ATOM   951  C C   . LYS A 1 140 ? -5.636  -5.964  8.321   1.00 23.66  ? 140 LYS A C   1 
ATOM   952  O O   . LYS A 1 140 ? -6.150  -7.079  8.221   1.00 19.49  ? 140 LYS A O   1 
ATOM   953  C CB  . LYS A 1 140 ? -5.219  -4.984  10.576  1.00 21.16  ? 140 LYS A CB  1 
ATOM   954  C CG  . LYS A 1 140 ? -4.364  -4.881  11.820  1.00 25.09  ? 140 LYS A CG  1 
ATOM   955  C CD  . LYS A 1 140 ? -5.159  -4.215  12.932  1.00 31.01  ? 140 LYS A CD  1 
ATOM   956  C CE  . LYS A 1 140 ? -4.390  -4.140  14.236  1.00 33.11  ? 140 LYS A CE  1 
ATOM   957  N NZ  . LYS A 1 140 ? -5.202  -3.450  15.276  1.00 32.19  ? 140 LYS A NZ  1 
ATOM   958  N N   . GLY A 1 141 ? -5.949  -4.943  7.527   1.00 25.05  ? 141 GLY A N   1 
ATOM   959  C CA  . GLY A 1 141 ? -6.957  -5.065  6.487   1.00 26.51  ? 141 GLY A CA  1 
ATOM   960  C C   . GLY A 1 141 ? -6.566  -6.011  5.366   1.00 27.66  ? 141 GLY A C   1 
ATOM   961  O O   . GLY A 1 141 ? -7.405  -6.410  4.565   1.00 27.04  ? 141 GLY A O   1 
ATOM   962  N N   . THR A 1 142 ? -5.286  -6.356  5.302   1.00 22.87  ? 142 THR A N   1 
ATOM   963  C CA  . THR A 1 142 ? -4.790  -7.264  4.283   1.00 14.77  ? 142 THR A CA  1 
ATOM   964  C C   . THR A 1 142 ? -5.133  -8.707  4.658   1.00 18.20  ? 142 THR A C   1 
ATOM   965  O O   . THR A 1 142 ? -5.108  -9.597  3.809   1.00 20.51  ? 142 THR A O   1 
ATOM   966  C CB  . THR A 1 142 ? -3.258  -7.107  4.123   1.00 13.13  ? 142 THR A CB  1 
ATOM   967  O OG1 . THR A 1 142 ? -2.958  -5.763  3.723   1.00 14.10  ? 142 THR A OG1 1 
ATOM   968  C CG2 . THR A 1 142 ? -2.704  -8.074  3.083   1.00 12.85  ? 142 THR A CG2 1 
ATOM   969  N N   . PHE A 1 143 ? -5.477  -8.938  5.923   1.00 14.86  ? 143 PHE A N   1 
ATOM   970  C CA  . PHE A 1 143 ? -5.797  -10.287 6.376   1.00 14.42  ? 143 PHE A CA  1 
ATOM   971  C C   . PHE A 1 143 ? -7.163  -10.430 7.038   1.00 16.49  ? 143 PHE A C   1 
ATOM   972  O O   . PHE A 1 143 ? -7.670  -11.543 7.161   1.00 19.68  ? 143 PHE A O   1 
ATOM   973  C CB  . PHE A 1 143 ? -4.713  -10.800 7.335   1.00 13.38  ? 143 PHE A CB  1 
ATOM   974  C CG  . PHE A 1 143 ? -3.321  -10.752 6.763   1.00 17.61  ? 143 PHE A CG  1 
ATOM   975  C CD1 . PHE A 1 143 ? -2.841  -11.789 5.968   1.00 18.54  ? 143 PHE A CD1 1 
ATOM   976  C CD2 . PHE A 1 143 ? -2.499  -9.656  6.995   1.00 17.79  ? 143 PHE A CD2 1 
ATOM   977  C CE1 . PHE A 1 143 ? -1.566  -11.731 5.411   1.00 16.79  ? 143 PHE A CE1 1 
ATOM   978  C CE2 . PHE A 1 143 ? -1.227  -9.590  6.443   1.00 16.25  ? 143 PHE A CE2 1 
ATOM   979  C CZ  . PHE A 1 143 ? -0.760  -10.632 5.647   1.00 18.22  ? 143 PHE A CZ  1 
ATOM   980  N N   . THR A 1 144 ? -7.742  -9.318  7.483   1.00 20.10  ? 144 THR A N   1 
ATOM   981  C CA  . THR A 1 144 ? -9.042  -9.344  8.152   1.00 18.99  ? 144 THR A CA  1 
ATOM   982  C C   . THR A 1 144 ? -10.055 -8.442  7.454   1.00 17.63  ? 144 THR A C   1 
ATOM   983  O O   . THR A 1 144 ? -9.689  -7.544  6.690   1.00 11.99  ? 144 THR A O   1 
ATOM   984  C CB  . THR A 1 144 ? -8.942  -8.928  9.668   1.00 23.37  ? 144 THR A CB  1 
ATOM   985  O OG1 . THR A 1 144 ? -8.287  -7.656  9.793   1.00 20.05  ? 144 THR A OG1 1 
ATOM   986  C CG2 . THR A 1 144 ? -8.175  -9.970  10.473  1.00 21.49  ? 144 THR A CG2 1 
ATOM   987  N N   . ASN A 1 145 ? -11.331 -8.693  7.726   1.00 19.00  ? 145 ASN A N   1 
ATOM   988  C CA  . ASN A 1 145 ? -12.421 -7.925  7.142   1.00 20.35  ? 145 ASN A CA  1 
ATOM   989  C C   . ASN A 1 145 ? -12.419 -7.979  5.624   1.00 18.80  ? 145 ASN A C   1 
ATOM   990  O O   . ASN A 1 145 ? -12.844 -7.033  4.959   1.00 14.99  ? 145 ASN A O   1 
ATOM   991  C CB  . ASN A 1 145 ? -12.392 -6.476  7.628   1.00 25.32  ? 145 ASN A CB  1 
ATOM   992  C CG  . ASN A 1 145 ? -12.825 -6.341  9.072   1.00 28.58  ? 145 ASN A CG  1 
ATOM   993  O OD1 . ASN A 1 145 ? -13.672 -7.096  9.554   1.00 28.10  ? 145 ASN A OD1 1 
ATOM   994  N ND2 . ASN A 1 145 ? -12.246 -5.377  9.774   1.00 30.82  ? 145 ASN A ND2 1 
ATOM   995  N N   . LEU A 1 146 ? -11.978 -9.111  5.083   1.00 16.53  ? 146 LEU A N   1 
ATOM   996  C CA  . LEU A 1 146 ? -11.928 -9.312  3.644   1.00 18.36  ? 146 LEU A CA  1 
ATOM   997  C C   . LEU A 1 146 ? -13.340 -9.391  3.081   1.00 23.65  ? 146 LEU A C   1 
ATOM   998  O O   . LEU A 1 146 ? -13.569 -9.087  1.913   1.00 23.36  ? 146 LEU A O   1 
ATOM   999  C CB  . LEU A 1 146 ? -11.142 -10.575 3.302   1.00 7.36   ? 146 LEU A CB  1 
ATOM   1000 C CG  . LEU A 1 146 ? -9.635  -10.490 3.551   1.00 7.84   ? 146 LEU A CG  1 
ATOM   1001 C CD1 . LEU A 1 146 ? -8.975  -11.793 3.128   1.00 3.01   ? 146 LEU A CD1 1 
ATOM   1002 C CD2 . LEU A 1 146 ? -9.047  -9.323  2.778   1.00 2.00   ? 146 LEU A CD2 1 
ATOM   1003 N N   . ASP A 1 147 ? -14.292 -9.750  3.935   1.00 26.72  ? 147 ASP A N   1 
ATOM   1004 C CA  . ASP A 1 147 ? -15.694 -9.845  3.538   1.00 31.42  ? 147 ASP A CA  1 
ATOM   1005 C C   . ASP A 1 147 ? -16.228 -8.488  3.070   1.00 33.77  ? 147 ASP A C   1 
ATOM   1006 O O   . ASP A 1 147 ? -17.121 -8.417  2.227   1.00 38.81  ? 147 ASP A O   1 
ATOM   1007 C CB  . ASP A 1 147 ? -16.538 -10.356 4.710   1.00 30.55  ? 147 ASP A CB  1 
ATOM   1008 C CG  . ASP A 1 147 ? -16.508 -9.424  5.903   1.00 26.02  ? 147 ASP A CG  1 
ATOM   1009 O OD1 . ASP A 1 147 ? -15.410 -8.964  6.267   1.00 27.94  ? 147 ASP A OD1 1 
ATOM   1010 O OD2 . ASP A 1 147 ? -17.580 -9.145  6.476   1.00 30.19  ? 147 ASP A OD2 1 
ATOM   1011 N N   . THR A 1 148 ? -15.660 -7.417  3.612   1.00 35.36  ? 148 THR A N   1 
ATOM   1012 C CA  . THR A 1 148 ? -16.067 -6.061  3.271   1.00 30.38  ? 148 THR A CA  1 
ATOM   1013 C C   . THR A 1 148 ? -15.227 -5.539  2.106   1.00 28.60  ? 148 THR A C   1 
ATOM   1014 O O   . THR A 1 148 ? -15.398 -4.405  1.666   1.00 30.99  ? 148 THR A O   1 
ATOM   1015 C CB  . THR A 1 148 ? -15.885 -5.115  4.484   1.00 34.99  ? 148 THR A CB  1 
ATOM   1016 O OG1 . THR A 1 148 ? -16.280 -5.786  5.690   1.00 42.97  ? 148 THR A OG1 1 
ATOM   1017 C CG2 . THR A 1 148 ? -16.747 -3.879  4.330   1.00 43.56  ? 148 THR A CG2 1 
ATOM   1018 N N   . GLN A 1 149 ? -14.313 -6.366  1.613   1.00 28.08  ? 149 GLN A N   1 
ATOM   1019 C CA  . GLN A 1 149 ? -13.447 -5.964  0.511   1.00 35.36  ? 149 GLN A CA  1 
ATOM   1020 C C   . GLN A 1 149 ? -13.617 -6.850  -0.714  1.00 42.60  ? 149 GLN A C   1 
ATOM   1021 O O   . GLN A 1 149 ? -12.772 -6.848  -1.622  1.00 42.15  ? 149 GLN A O   1 
ATOM   1022 C CB  . GLN A 1 149 ? -11.992 -6.014  0.948   1.00 32.94  ? 149 GLN A CB  1 
ATOM   1023 C CG  . GLN A 1 149 ? -11.662 -5.148  2.132   1.00 23.68  ? 149 GLN A CG  1 
ATOM   1024 C CD  . GLN A 1 149 ? -10.214 -5.281  2.506   1.00 23.31  ? 149 GLN A CD  1 
ATOM   1025 O OE1 . GLN A 1 149 ? -9.331  -5.057  1.681   1.00 16.09  ? 149 GLN A OE1 1 
ATOM   1026 N NE2 . GLN A 1 149 ? -9.958  -5.690  3.737   1.00 30.61  ? 149 GLN A NE2 1 
ATOM   1027 N N   . ILE A 1 150 ? -14.692 -7.627  -0.737  1.00 48.55  ? 150 ILE A N   1 
ATOM   1028 C CA  . ILE A 1 150 ? -14.931 -8.508  -1.861  1.00 49.73  ? 150 ILE A CA  1 
ATOM   1029 C C   . ILE A 1 150 ? -15.409 -7.696  -3.068  1.00 50.22  ? 150 ILE A C   1 
ATOM   1030 O O   . ILE A 1 150 ? -16.255 -6.805  -2.943  1.00 49.03  ? 150 ILE A O   1 
ATOM   1031 C CB  . ILE A 1 150 ? -15.913 -9.654  -1.492  1.00 48.92  ? 150 ILE A CB  1 
ATOM   1032 C CG1 . ILE A 1 150 ? -15.853 -10.754 -2.550  1.00 57.44  ? 150 ILE A CG1 1 
ATOM   1033 C CG2 . ILE A 1 150 ? -17.326 -9.124  -1.324  1.00 46.19  ? 150 ILE A CG2 1 
ATOM   1034 C CD1 . ILE A 1 150 ? -16.506 -12.051 -2.125  1.00 65.84  ? 150 ILE A CD1 1 
ATOM   1035 N N   . ASP A 1 151 ? -14.767 -7.949  -4.205  1.00 48.00  ? 151 ASP A N   1 
ATOM   1036 C CA  . ASP A 1 151 ? -15.045 -7.301  -5.483  1.00 48.32  ? 151 ASP A CA  1 
ATOM   1037 C C   . ASP A 1 151 ? -14.337 -5.965  -5.681  1.00 44.38  ? 151 ASP A C   1 
ATOM   1038 O O   . ASP A 1 151 ? -14.664 -5.210  -6.598  1.00 48.54  ? 151 ASP A O   1 
ATOM   1039 C CB  . ASP A 1 151 ? -16.550 -7.180  -5.734  1.00 54.74  ? 151 ASP A CB  1 
ATOM   1040 C CG  . ASP A 1 151 ? -17.233 -8.535  -5.857  1.00 60.97  ? 151 ASP A CG  1 
ATOM   1041 O OD1 . ASP A 1 151 ? -16.535 -9.541  -6.121  1.00 61.16  ? 151 ASP A OD1 1 
ATOM   1042 O OD2 . ASP A 1 151 ? -18.471 -8.597  -5.688  1.00 67.31  ? 151 ASP A OD2 1 
ATOM   1043 N N   . GLU A 1 152 ? -13.341 -5.695  -4.841  1.00 39.57  ? 152 GLU A N   1 
ATOM   1044 C CA  . GLU A 1 152 ? -12.556 -4.468  -4.933  1.00 25.59  ? 152 GLU A CA  1 
ATOM   1045 C C   . GLU A 1 152 ? -11.347 -4.786  -5.803  1.00 21.00  ? 152 GLU A C   1 
ATOM   1046 O O   . GLU A 1 152 ? -10.820 -5.891  -5.752  1.00 22.67  ? 152 GLU A O   1 
ATOM   1047 C CB  . GLU A 1 152 ? -12.103 -4.014  -3.546  1.00 27.12  ? 152 GLU A CB  1 
ATOM   1048 C CG  . GLU A 1 152 ? -13.241 -3.731  -2.561  1.00 22.82  ? 152 GLU A CG  1 
ATOM   1049 C CD  . GLU A 1 152 ? -14.051 -2.480  -2.893  1.00 29.88  ? 152 GLU A CD  1 
ATOM   1050 O OE1 . GLU A 1 152 ? -13.743 -1.790  -3.888  1.00 29.79  ? 152 GLU A OE1 1 
ATOM   1051 O OE2 . GLU A 1 152 ? -15.003 -2.180  -2.142  1.00 35.29  ? 152 GLU A OE2 1 
ATOM   1052 N N   . ALA A 1 153 ? -10.880 -3.805  -6.563  1.00 22.11  ? 153 ALA A N   1 
ATOM   1053 C CA  . ALA A 1 153 ? -9.753  -4.002  -7.475  1.00 22.59  ? 153 ALA A CA  1 
ATOM   1054 C C   . ALA A 1 153 ? -8.395  -4.368  -6.885  1.00 21.25  ? 153 ALA A C   1 
ATOM   1055 O O   . ALA A 1 153 ? -7.577  -4.990  -7.565  1.00 25.82  ? 153 ALA A O   1 
ATOM   1056 C CB  . ALA A 1 153 ? -9.606  -2.792  -8.383  1.00 27.20  ? 153 ALA A CB  1 
ATOM   1057 N N   . TRP A 1 154 ? -8.136  -3.969  -5.643  1.00 24.16  ? 154 TRP A N   1 
ATOM   1058 C CA  . TRP A 1 154 ? -6.844  -4.254  -5.016  1.00 19.59  ? 154 TRP A CA  1 
ATOM   1059 C C   . TRP A 1 154 ? -6.650  -5.690  -4.548  1.00 21.40  ? 154 TRP A C   1 
ATOM   1060 O O   . TRP A 1 154 ? -5.555  -6.055  -4.115  1.00 24.00  ? 154 TRP A O   1 
ATOM   1061 C CB  . TRP A 1 154 ? -6.552  -3.270  -3.875  1.00 13.91  ? 154 TRP A CB  1 
ATOM   1062 C CG  . TRP A 1 154 ? -7.544  -3.281  -2.761  1.00 9.94   ? 154 TRP A CG  1 
ATOM   1063 C CD1 . TRP A 1 154 ? -7.578  -4.139  -1.705  1.00 9.98   ? 154 TRP A CD1 1 
ATOM   1064 C CD2 . TRP A 1 154 ? -8.642  -2.379  -2.582  1.00 2.33   ? 154 TRP A CD2 1 
ATOM   1065 N NE1 . TRP A 1 154 ? -8.630  -3.829  -0.878  1.00 9.71   ? 154 TRP A NE1 1 
ATOM   1066 C CE2 . TRP A 1 154 ? -9.299  -2.753  -1.393  1.00 2.00   ? 154 TRP A CE2 1 
ATOM   1067 C CE3 . TRP A 1 154 ? -9.131  -1.290  -3.311  1.00 8.65   ? 154 TRP A CE3 1 
ATOM   1068 C CZ2 . TRP A 1 154 ? -10.420 -2.078  -0.914  1.00 4.41   ? 154 TRP A CZ2 1 
ATOM   1069 C CZ3 . TRP A 1 154 ? -10.244 -0.615  -2.835  1.00 7.61   ? 154 TRP A CZ3 1 
ATOM   1070 C CH2 . TRP A 1 154 ? -10.879 -1.015  -1.646  1.00 4.28   ? 154 TRP A CH2 1 
ATOM   1071 N N   . ILE A 1 155 ? -7.700  -6.501  -4.627  1.00 24.07  ? 155 ILE A N   1 
ATOM   1072 C CA  . ILE A 1 155 ? -7.588  -7.897  -4.217  1.00 28.66  ? 155 ILE A CA  1 
ATOM   1073 C C   . ILE A 1 155 ? -8.020  -8.867  -5.315  1.00 29.76  ? 155 ILE A C   1 
ATOM   1074 O O   . ILE A 1 155 ? -9.119  -8.765  -5.852  1.00 32.31  ? 155 ILE A O   1 
ATOM   1075 C CB  . ILE A 1 155 ? -8.349  -8.183  -2.897  1.00 28.57  ? 155 ILE A CB  1 
ATOM   1076 C CG1 . ILE A 1 155 ? -8.211  -9.661  -2.526  1.00 25.26  ? 155 ILE A CG1 1 
ATOM   1077 C CG2 . ILE A 1 155 ? -9.806  -7.748  -3.004  1.00 27.86  ? 155 ILE A CG2 1 
ATOM   1078 C CD1 . ILE A 1 155 ? -8.715  -9.991  -1.148  1.00 33.29  ? 155 ILE A CD1 1 
ATOM   1079 N N   . PHE A 1 156 ? -7.131  -9.796  -5.652  1.00 31.21  ? 156 PHE A N   1 
ATOM   1080 C CA  . PHE A 1 156 ? -7.390  -10.794 -6.684  1.00 32.77  ? 156 PHE A CA  1 
ATOM   1081 C C   . PHE A 1 156 ? -7.216  -12.197 -6.120  1.00 33.72  ? 156 PHE A C   1 
ATOM   1082 O O   . PHE A 1 156 ? -6.100  -12.603 -5.791  1.00 32.09  ? 156 PHE A O   1 
ATOM   1083 C CB  . PHE A 1 156 ? -6.425  -10.599 -7.857  1.00 42.07  ? 156 PHE A CB  1 
ATOM   1084 C CG  . PHE A 1 156 ? -6.593  -11.610 -8.961  1.00 46.27  ? 156 PHE A CG  1 
ATOM   1085 C CD1 . PHE A 1 156 ? -7.729  -11.603 -9.762  1.00 48.27  ? 156 PHE A CD1 1 
ATOM   1086 C CD2 . PHE A 1 156 ? -5.606  -12.557 -9.208  1.00 50.02  ? 156 PHE A CD2 1 
ATOM   1087 C CE1 . PHE A 1 156 ? -7.877  -12.521 -10.792 1.00 49.91  ? 156 PHE A CE1 1 
ATOM   1088 C CE2 . PHE A 1 156 ? -5.746  -13.481 -10.236 1.00 48.78  ? 156 PHE A CE2 1 
ATOM   1089 C CZ  . PHE A 1 156 ? -6.881  -13.462 -11.029 1.00 51.90  ? 156 PHE A CZ  1 
ATOM   1090 N N   . TRP A 1 157 ? -8.317  -12.934 -6.022  1.00 30.42  ? 157 TRP A N   1 
ATOM   1091 C CA  . TRP A 1 157 ? -8.283  -14.298 -5.505  1.00 29.24  ? 157 TRP A CA  1 
ATOM   1092 C C   . TRP A 1 157 ? -7.838  -15.269 -6.591  1.00 29.52  ? 157 TRP A C   1 
ATOM   1093 O O   . TRP A 1 157 ? -7.808  -14.924 -7.773  1.00 32.54  ? 157 TRP A O   1 
ATOM   1094 C CB  . TRP A 1 157 ? -9.664  -14.721 -5.004  1.00 27.67  ? 157 TRP A CB  1 
ATOM   1095 C CG  . TRP A 1 157 ? -10.307 -13.762 -4.047  1.00 34.14  ? 157 TRP A CG  1 
ATOM   1096 C CD1 . TRP A 1 157 ? -11.073 -12.678 -4.368  1.00 30.16  ? 157 TRP A CD1 1 
ATOM   1097 C CD2 . TRP A 1 157 ? -10.300 -13.837 -2.611  1.00 32.08  ? 157 TRP A CD2 1 
ATOM   1098 N NE1 . TRP A 1 157 ? -11.552 -12.085 -3.228  1.00 34.64  ? 157 TRP A NE1 1 
ATOM   1099 C CE2 . TRP A 1 157 ? -11.095 -12.770 -2.136  1.00 30.40  ? 157 TRP A CE2 1 
ATOM   1100 C CE3 . TRP A 1 157 ? -9.707  -14.703 -1.685  1.00 32.13  ? 157 TRP A CE3 1 
ATOM   1101 C CZ2 . TRP A 1 157 ? -11.313 -12.546 -0.774  1.00 26.29  ? 157 TRP A CZ2 1 
ATOM   1102 C CZ3 . TRP A 1 157 ? -9.923  -14.480 -0.330  1.00 31.32  ? 157 TRP A CZ3 1 
ATOM   1103 C CH2 . TRP A 1 157 ? -10.722 -13.409 0.111   1.00 28.63  ? 157 TRP A CH2 1 
ATOM   1104 N N   . HIS A 1 158 ? -7.481  -16.477 -6.173  1.00 31.22  ? 158 HIS A N   1 
ATOM   1105 C CA  . HIS A 1 158 ? -7.052  -17.534 -7.078  1.00 32.14  ? 158 HIS A CA  1 
ATOM   1106 C C   . HIS A 1 158 ? -6.729  -18.797 -6.287  1.00 34.63  ? 158 HIS A C   1 
ATOM   1107 O O   . HIS A 1 158 ? -6.816  -18.803 -5.058  1.00 36.79  ? 158 HIS A O   1 
ATOM   1108 C CB  . HIS A 1 158 ? -5.852  -17.094 -7.922  1.00 35.84  ? 158 HIS A CB  1 
ATOM   1109 C CG  . HIS A 1 158 ? -4.608  -16.836 -7.132  1.00 44.89  ? 158 HIS A CG  1 
ATOM   1110 N ND1 . HIS A 1 158 ? -3.730  -17.848 -6.830  1.00 47.52  ? 158 HIS A ND1 1 
ATOM   1111 C CD2 . HIS A 1 158 ? -4.084  -15.652 -6.730  1.00 47.75  ? 158 HIS A CD2 1 
ATOM   1112 C CE1 . HIS A 1 158 ? -2.695  -17.263 -6.260  1.00 47.96  ? 158 HIS A CE1 1 
ATOM   1113 N NE2 . HIS A 1 158 ? -2.862  -15.936 -6.177  1.00 50.22  ? 158 HIS A NE2 1 
ATOM   1114 N N   . SER A 1 159 ? -6.424  -19.878 -7.002  1.00 31.02  ? 159 SER A N   1 
ATOM   1115 C CA  . SER A 1 159 ? -6.098  -21.169 -6.400  1.00 27.02  ? 159 SER A CA  1 
ATOM   1116 C C   . SER A 1 159 ? -7.061  -21.617 -5.299  1.00 27.66  ? 159 SER A C   1 
ATOM   1117 O O   . SER A 1 159 ? -6.724  -22.474 -4.480  1.00 31.69  ? 159 SER A O   1 
ATOM   1118 C CB  . SER A 1 159 ? -4.666  -21.148 -5.869  1.00 26.48  ? 159 SER A CB  1 
ATOM   1119 O OG  . SER A 1 159 ? -3.766  -20.770 -6.898  1.00 36.16  ? 159 SER A OG  1 
ATOM   1120 N N   . LEU A 1 160 ? -8.277  -21.081 -5.315  1.00 28.10  ? 160 LEU A N   1 
ATOM   1121 C CA  . LEU A 1 160 ? -9.266  -21.420 -4.300  1.00 35.85  ? 160 LEU A CA  1 
ATOM   1122 C C   . LEU A 1 160 ? -9.547  -22.910 -4.234  1.00 40.74  ? 160 LEU A C   1 
ATOM   1123 O O   . LEU A 1 160 ? -9.652  -23.584 -5.259  1.00 45.84  ? 160 LEU A O   1 
ATOM   1124 C CB  . LEU A 1 160 ? -10.572 -20.654 -4.529  1.00 32.72  ? 160 LEU A CB  1 
ATOM   1125 C CG  . LEU A 1 160 ? -10.496 -19.127 -4.483  1.00 38.75  ? 160 LEU A CG  1 
ATOM   1126 C CD1 . LEU A 1 160 ? -11.899 -18.542 -4.515  1.00 35.33  ? 160 LEU A CD1 1 
ATOM   1127 C CD2 . LEU A 1 160 ? -9.758  -18.674 -3.232  1.00 31.89  ? 160 LEU A CD2 1 
ATOM   1128 N N   . SER A 1 161 ? -9.658  -23.416 -3.012  1.00 45.82  ? 161 SER A N   1 
ATOM   1129 C CA  . SER A 1 161 ? -9.932  -24.825 -2.766  1.00 46.90  ? 161 SER A CA  1 
ATOM   1130 C C   . SER A 1 161 ? -10.600 -24.924 -1.402  1.00 49.44  ? 161 SER A C   1 
ATOM   1131 O O   . SER A 1 161 ? -10.789 -23.915 -0.721  1.00 50.71  ? 161 SER A O   1 
ATOM   1132 C CB  . SER A 1 161 ? -8.628  -25.627 -2.756  1.00 42.78  ? 161 SER A CB  1 
ATOM   1133 O OG  . SER A 1 161 ? -7.896  -25.456 -3.958  1.00 42.56  ? 161 SER A OG  1 
ATOM   1134 N N   . ALA A 1 162 ? -10.982 -26.135 -1.014  1.00 56.18  ? 162 ALA A N   1 
ATOM   1135 C CA  . ALA A 1 162 ? -11.608 -26.350 0.285   1.00 62.17  ? 162 ALA A CA  1 
ATOM   1136 C C   . ALA A 1 162 ? -10.526 -26.419 1.357   1.00 64.72  ? 162 ALA A C   1 
ATOM   1137 O O   . ALA A 1 162 ? -10.813 -26.313 2.550   1.00 65.66  ? 162 ALA A O   1 
ATOM   1138 C CB  . ALA A 1 162 ? -12.418 -27.636 0.277   1.00 66.10  ? 162 ALA A CB  1 
ATOM   1139 N N   . HIS A 1 163 ? -9.281  -26.592 0.918   1.00 66.86  ? 163 HIS A N   1 
ATOM   1140 C CA  . HIS A 1 163 ? -8.140  -26.682 1.823   1.00 70.90  ? 163 HIS A CA  1 
ATOM   1141 C C   . HIS A 1 163 ? -7.146  -25.540 1.608   1.00 65.78  ? 163 HIS A C   1 
ATOM   1142 O O   . HIS A 1 163 ? -6.065  -25.536 2.203   1.00 67.02  ? 163 HIS A O   1 
ATOM   1143 C CB  . HIS A 1 163 ? -7.401  -28.010 1.614   1.00 83.05  ? 163 HIS A CB  1 
ATOM   1144 C CG  . HIS A 1 163 ? -8.290  -29.215 1.621   1.00 93.54  ? 163 HIS A CG  1 
ATOM   1145 N ND1 . HIS A 1 163 ? -9.224  -29.417 2.606   1.00 97.28  ? 163 HIS A ND1 1 
ATOM   1146 C CD2 . HIS A 1 163 ? -8.312  -30.262 0.758   1.00 97.53  ? 163 HIS A CD2 1 
ATOM   1147 C CE1 . HIS A 1 163 ? -9.792  -30.575 2.327   1.00 101.90 ? 163 HIS A CE1 1 
ATOM   1148 N NE2 . HIS A 1 163 ? -9.273  -31.126 1.218   1.00 101.66 ? 163 HIS A NE2 1 
ATOM   1149 N N   . ASN A 1 164 ? -7.488  -24.580 0.754   1.00 57.24  ? 164 ASN A N   1 
ATOM   1150 C CA  . ASN A 1 164 ? -6.577  -23.476 0.480   1.00 49.61  ? 164 ASN A CA  1 
ATOM   1151 C C   . ASN A 1 164 ? -7.266  -22.265 -0.129  1.00 45.76  ? 164 ASN A C   1 
ATOM   1152 O O   . ASN A 1 164 ? -8.267  -22.396 -0.833  1.00 50.41  ? 164 ASN A O   1 
ATOM   1153 C CB  . ASN A 1 164 ? -5.456  -23.943 -0.452  1.00 47.24  ? 164 ASN A CB  1 
ATOM   1154 C CG  . ASN A 1 164 ? -4.435  -22.860 -0.723  1.00 54.53  ? 164 ASN A CG  1 
ATOM   1155 O OD1 . ASN A 1 164 ? -4.607  -22.045 -1.623  1.00 52.44  ? 164 ASN A OD1 1 
ATOM   1156 N ND2 . ASN A 1 164 ? -3.364  -22.843 0.063   1.00 61.31  ? 164 ASN A ND2 1 
ATOM   1157 N N   . THR A 1 165 ? -6.730  -21.088 0.173   1.00 38.28  ? 165 THR A N   1 
ATOM   1158 C CA  . THR A 1 165 ? -7.246  -19.828 -0.342  1.00 29.38  ? 165 THR A CA  1 
ATOM   1159 C C   . THR A 1 165 ? -6.046  -18.922 -0.607  1.00 27.48  ? 165 THR A C   1 
ATOM   1160 O O   . THR A 1 165 ? -5.232  -18.684 0.287   1.00 30.11  ? 165 THR A O   1 
ATOM   1161 C CB  . THR A 1 165 ? -8.184  -19.153 0.675   1.00 31.19  ? 165 THR A CB  1 
ATOM   1162 O OG1 . THR A 1 165 ? -9.318  -19.995 0.916   1.00 32.96  ? 165 THR A OG1 1 
ATOM   1163 C CG2 . THR A 1 165 ? -8.661  -17.805 0.154   1.00 28.88  ? 165 THR A CG2 1 
ATOM   1164 N N   . SER A 1 166 ? -5.919  -18.450 -1.840  1.00 22.37  ? 166 SER A N   1 
ATOM   1165 C CA  . SER A 1 166 ? -4.815  -17.576 -2.211  1.00 21.66  ? 166 SER A CA  1 
ATOM   1166 C C   . SER A 1 166 ? -5.352  -16.283 -2.790  1.00 25.38  ? 166 SER A C   1 
ATOM   1167 O O   . SER A 1 166 ? -6.487  -16.239 -3.268  1.00 34.50  ? 166 SER A O   1 
ATOM   1168 C CB  . SER A 1 166 ? -3.926  -18.261 -3.244  1.00 16.16  ? 166 SER A CB  1 
ATOM   1169 O OG  . SER A 1 166 ? -3.344  -19.432 -2.706  1.00 26.97  ? 166 SER A OG  1 
ATOM   1170 N N   . TYR A 1 167 ? -4.554  -15.224 -2.719  1.00 26.07  ? 167 TYR A N   1 
ATOM   1171 C CA  . TYR A 1 167 ? -4.964  -13.935 -3.261  1.00 24.81  ? 167 TYR A CA  1 
ATOM   1172 C C   . TYR A 1 167 ? -3.831  -12.923 -3.342  1.00 25.12  ? 167 TYR A C   1 
ATOM   1173 O O   . TYR A 1 167 ? -2.785  -13.089 -2.719  1.00 30.12  ? 167 TYR A O   1 
ATOM   1174 C CB  . TYR A 1 167 ? -6.152  -13.346 -2.478  1.00 22.60  ? 167 TYR A CB  1 
ATOM   1175 C CG  . TYR A 1 167 ? -5.934  -13.144 -0.987  1.00 25.78  ? 167 TYR A CG  1 
ATOM   1176 C CD1 . TYR A 1 167 ? -5.372  -11.964 -0.496  1.00 28.23  ? 167 TYR A CD1 1 
ATOM   1177 C CD2 . TYR A 1 167 ? -6.328  -14.117 -0.065  1.00 24.77  ? 167 TYR A CD2 1 
ATOM   1178 C CE1 . TYR A 1 167 ? -5.211  -11.758 0.870   1.00 25.11  ? 167 TYR A CE1 1 
ATOM   1179 C CE2 . TYR A 1 167 ? -6.171  -13.921 1.304   1.00 24.34  ? 167 TYR A CE2 1 
ATOM   1180 C CZ  . TYR A 1 167 ? -5.611  -12.737 1.765   1.00 29.26  ? 167 TYR A CZ  1 
ATOM   1181 O OH  . TYR A 1 167 ? -5.455  -12.533 3.119   1.00 25.36  ? 167 TYR A OH  1 
ATOM   1182 N N   . TYR A 1 168 ? -4.032  -11.907 -4.167  1.00 24.59  ? 168 TYR A N   1 
ATOM   1183 C CA  . TYR A 1 168 ? -3.062  -10.843 -4.334  1.00 19.94  ? 168 TYR A CA  1 
ATOM   1184 C C   . TYR A 1 168 ? -3.666  -9.622  -3.675  1.00 21.98  ? 168 TYR A C   1 
ATOM   1185 O O   . TYR A 1 168 ? -4.877  -9.406  -3.761  1.00 23.23  ? 168 TYR A O   1 
ATOM   1186 C CB  . TYR A 1 168 ? -2.830  -10.563 -5.816  1.00 21.98  ? 168 TYR A CB  1 
ATOM   1187 C CG  . TYR A 1 168 ? -2.196  -11.709 -6.565  1.00 29.29  ? 168 TYR A CG  1 
ATOM   1188 C CD1 . TYR A 1 168 ? -1.172  -12.459 -5.995  1.00 31.87  ? 168 TYR A CD1 1 
ATOM   1189 C CD2 . TYR A 1 168 ? -2.603  -12.030 -7.858  1.00 30.78  ? 168 TYR A CD2 1 
ATOM   1190 C CE1 . TYR A 1 168 ? -0.567  -13.497 -6.693  1.00 32.27  ? 168 TYR A CE1 1 
ATOM   1191 C CE2 . TYR A 1 168 ? -2.005  -13.067 -8.564  1.00 31.62  ? 168 TYR A CE2 1 
ATOM   1192 C CZ  . TYR A 1 168 ? -0.987  -13.793 -7.976  1.00 27.91  ? 168 TYR A CZ  1 
ATOM   1193 O OH  . TYR A 1 168 ? -0.371  -14.806 -8.675  1.00 36.82  ? 168 TYR A OH  1 
ATOM   1194 N N   . TYR A 1 169 ? -2.841  -8.846  -2.984  1.00 24.01  ? 169 TYR A N   1 
ATOM   1195 C CA  . TYR A 1 169 ? -3.315  -7.639  -2.325  1.00 17.73  ? 169 TYR A CA  1 
ATOM   1196 C C   . TYR A 1 169 ? -2.302  -6.545  -2.612  1.00 16.95  ? 169 TYR A C   1 
ATOM   1197 O O   . TYR A 1 169 ? -1.138  -6.663  -2.245  1.00 25.33  ? 169 TYR A O   1 
ATOM   1198 C CB  . TYR A 1 169 ? -3.450  -7.881  -0.830  1.00 13.30  ? 169 TYR A CB  1 
ATOM   1199 C CG  . TYR A 1 169 ? -4.389  -6.923  -0.144  1.00 17.27  ? 169 TYR A CG  1 
ATOM   1200 C CD1 . TYR A 1 169 ? -4.024  -5.595  0.078   1.00 18.69  ? 169 TYR A CD1 1 
ATOM   1201 C CD2 . TYR A 1 169 ? -5.639  -7.346  0.302   1.00 12.52  ? 169 TYR A CD2 1 
ATOM   1202 C CE1 . TYR A 1 169 ? -4.881  -4.712  0.732   1.00 15.05  ? 169 TYR A CE1 1 
ATOM   1203 C CE2 . TYR A 1 169 ? -6.503  -6.466  0.958   1.00 17.16  ? 169 TYR A CE2 1 
ATOM   1204 C CZ  . TYR A 1 169 ? -6.113  -5.154  1.169   1.00 11.83  ? 169 TYR A CZ  1 
ATOM   1205 O OH  . TYR A 1 169 ? -6.944  -4.291  1.830   1.00 19.29  ? 169 TYR A OH  1 
ATOM   1206 N N   . ASN A 1 170 ? -2.744  -5.501  -3.302  1.00 17.16  ? 170 ASN A N   1 
ATOM   1207 C CA  . ASN A 1 170 ? -1.865  -4.399  -3.671  1.00 15.07  ? 170 ASN A CA  1 
ATOM   1208 C C   . ASN A 1 170 ? -2.164  -3.165  -2.841  1.00 20.04  ? 170 ASN A C   1 
ATOM   1209 O O   . ASN A 1 170 ? -3.319  -2.738  -2.731  1.00 15.68  ? 170 ASN A O   1 
ATOM   1210 C CB  . ASN A 1 170 ? -2.019  -4.069  -5.153  1.00 22.59  ? 170 ASN A CB  1 
ATOM   1211 C CG  . ASN A 1 170 ? -1.851  -5.287  -6.044  1.00 23.93  ? 170 ASN A CG  1 
ATOM   1212 O OD1 . ASN A 1 170 ? -0.967  -6.118  -5.823  1.00 28.37  ? 170 ASN A OD1 1 
ATOM   1213 N ND2 . ASN A 1 170 ? -2.707  -5.400  -7.053  1.00 23.46  ? 170 ASN A ND2 1 
ATOM   1214 N N   . ILE A 1 171 ? -1.103  -2.578  -2.296  1.00 25.01  ? 171 ILE A N   1 
ATOM   1215 C CA  . ILE A 1 171 ? -1.171  -1.394  -1.442  1.00 23.77  ? 171 ILE A CA  1 
ATOM   1216 C C   . ILE A 1 171 ? -0.120  -0.394  -1.926  1.00 22.87  ? 171 ILE A C   1 
ATOM   1217 O O   . ILE A 1 171 ? 0.900   -0.791  -2.491  1.00 21.72  ? 171 ILE A O   1 
ATOM   1218 C CB  . ILE A 1 171 ? -0.821  -1.761  0.029   1.00 19.63  ? 171 ILE A CB  1 
ATOM   1219 C CG1 . ILE A 1 171 ? -1.805  -2.791  0.578   1.00 15.70  ? 171 ILE A CG1 1 
ATOM   1220 C CG2 . ILE A 1 171 ? -0.831  -0.524  0.913   1.00 28.56  ? 171 ILE A CG2 1 
ATOM   1221 C CD1 . ILE A 1 171 ? -1.390  -3.377  1.911   1.00 12.00  ? 171 ILE A CD1 1 
ATOM   1222 N N   . LEU A 1 172 ? -0.386  0.895   -1.747  1.00 19.80  ? 172 LEU A N   1 
ATOM   1223 C CA  . LEU A 1 172 ? 0.582   1.915   -2.128  1.00 16.92  ? 172 LEU A CA  1 
ATOM   1224 C C   . LEU A 1 172 ? 0.563   3.009   -1.084  1.00 17.61  ? 172 LEU A C   1 
ATOM   1225 O O   . LEU A 1 172 ? -0.480  3.612   -0.821  1.00 17.85  ? 172 LEU A O   1 
ATOM   1226 C CB  . LEU A 1 172 ? 0.292   2.512   -3.509  1.00 17.92  ? 172 LEU A CB  1 
ATOM   1227 C CG  . LEU A 1 172 ? 1.345   3.544   -3.943  1.00 19.32  ? 172 LEU A CG  1 
ATOM   1228 C CD1 . LEU A 1 172 ? 1.958   3.174   -5.281  1.00 13.14  ? 172 LEU A CD1 1 
ATOM   1229 C CD2 . LEU A 1 172 ? 0.744   4.943   -3.988  1.00 18.25  ? 172 LEU A CD2 1 
ATOM   1230 N N   . PHE A 1 173 ? 1.715   3.225   -0.460  1.00 18.95  ? 173 PHE A N   1 
ATOM   1231 C CA  . PHE A 1 173 ? 1.864   4.249   0.560   1.00 15.18  ? 173 PHE A CA  1 
ATOM   1232 C C   . PHE A 1 173 ? 2.592   5.424   -0.080  1.00 17.96  ? 173 PHE A C   1 
ATOM   1233 O O   . PHE A 1 173 ? 3.510   5.238   -0.882  1.00 19.48  ? 173 PHE A O   1 
ATOM   1234 C CB  . PHE A 1 173 ? 2.714   3.731   1.729   1.00 12.14  ? 173 PHE A CB  1 
ATOM   1235 C CG  . PHE A 1 173 ? 2.069   2.631   2.532   1.00 8.42   ? 173 PHE A CG  1 
ATOM   1236 C CD1 . PHE A 1 173 ? 0.975   2.890   3.344   1.00 9.27   ? 173 PHE A CD1 1 
ATOM   1237 C CD2 . PHE A 1 173 ? 2.587   1.341   2.509   1.00 12.19  ? 173 PHE A CD2 1 
ATOM   1238 C CE1 . PHE A 1 173 ? 0.404   1.875   4.124   1.00 8.15   ? 173 PHE A CE1 1 
ATOM   1239 C CE2 . PHE A 1 173 ? 2.024   0.322   3.284   1.00 11.78  ? 173 PHE A CE2 1 
ATOM   1240 C CZ  . PHE A 1 173 ? 0.930   0.592   4.092   1.00 3.50   ? 173 PHE A CZ  1 
ATOM   1241 N N   . SER A 1 174 ? 2.176   6.632   0.266   1.00 20.60  ? 174 SER A N   1 
ATOM   1242 C CA  . SER A 1 174 ? 2.818   7.838   -0.236  1.00 27.41  ? 174 SER A CA  1 
ATOM   1243 C C   . SER A 1 174 ? 2.920   8.759   0.985   1.00 32.00  ? 174 SER A C   1 
ATOM   1244 O O   . SER A 1 174 ? 1.902   9.201   1.534   1.00 30.25  ? 174 SER A O   1 
ATOM   1245 C CB  . SER A 1 174 ? 1.978   8.463   -1.342  1.00 26.76  ? 174 SER A CB  1 
ATOM   1246 O OG  . SER A 1 174 ? 2.699   9.460   -2.034  1.00 36.92  ? 174 SER A OG  1 
ATOM   1247 N N   . ILE A 1 175 ? 4.149   9.000   1.436   1.00 33.92  ? 175 ILE A N   1 
ATOM   1248 C CA  . ILE A 1 175 ? 4.396   9.813   2.625   1.00 33.18  ? 175 ILE A CA  1 
ATOM   1249 C C   . ILE A 1 175 ? 5.293   11.032  2.390   1.00 31.42  ? 175 ILE A C   1 
ATOM   1250 O O   . ILE A 1 175 ? 6.341   10.939  1.749   1.00 31.29  ? 175 ILE A O   1 
ATOM   1251 C CB  . ILE A 1 175 ? 4.945   8.914   3.777   1.00 29.05  ? 175 ILE A CB  1 
ATOM   1252 C CG1 . ILE A 1 175 ? 5.623   9.747   4.862   1.00 30.35  ? 175 ILE A CG1 1 
ATOM   1253 C CG2 . ILE A 1 175 ? 5.864   7.835   3.222   1.00 32.44  ? 175 ILE A CG2 1 
ATOM   1254 C CD1 . ILE A 1 175 ? 4.672   10.529  5.711   1.00 32.04  ? 175 ILE A CD1 1 
ATOM   1255 N N   . GLN A 1 176 ? 4.861   12.172  2.919   1.00 28.18  ? 176 GLN A N   1 
ATOM   1256 C CA  . GLN A 1 176 ? 5.586   13.427  2.786   1.00 31.01  ? 176 GLN A CA  1 
ATOM   1257 C C   . GLN A 1 176 ? 5.267   14.345  3.962   1.00 35.23  ? 176 GLN A C   1 
ATOM   1258 O O   . GLN A 1 176 ? 4.109   14.717  4.173   1.00 36.80  ? 176 GLN A O   1 
ATOM   1259 C CB  . GLN A 1 176 ? 5.209   14.107  1.466   1.00 34.72  ? 176 GLN A CB  1 
ATOM   1260 C CG  . GLN A 1 176 ? 5.732   15.525  1.280   1.00 35.07  ? 176 GLN A CG  1 
ATOM   1261 C CD  . GLN A 1 176 ? 4.844   16.582  1.913   1.00 36.92  ? 176 GLN A CD  1 
ATOM   1262 O OE1 . GLN A 1 176 ? 3.651   16.668  1.623   1.00 37.54  ? 176 GLN A OE1 1 
ATOM   1263 N NE2 . GLN A 1 176 ? 5.428   17.399  2.768   1.00 35.25  ? 176 GLN A NE2 1 
ATOM   1264 N N   . ASN A 1 177 ? 6.295   14.703  4.725   1.00 32.06  ? 177 ASN A N   1 
ATOM   1265 C CA  . ASN A 1 177 ? 6.129   15.584  5.872   1.00 29.73  ? 177 ASN A CA  1 
ATOM   1266 C C   . ASN A 1 177 ? 7.463   16.184  6.305   1.00 32.72  ? 177 ASN A C   1 
ATOM   1267 O O   . ASN A 1 177 ? 8.458   16.095  5.580   1.00 34.56  ? 177 ASN A O   1 
ATOM   1268 C CB  . ASN A 1 177 ? 5.476   14.834  7.038   1.00 21.17  ? 177 ASN A CB  1 
ATOM   1269 C CG  . ASN A 1 177 ? 6.400   13.829  7.683   1.00 22.84  ? 177 ASN A CG  1 
ATOM   1270 O OD1 . ASN A 1 177 ? 7.513   13.587  7.213   1.00 23.31  ? 177 ASN A OD1 1 
ATOM   1271 N ND2 . ASN A 1 177 ? 5.950   13.245  8.778   1.00 21.19  ? 177 ASN A ND2 1 
ATOM   1272 N N   . GLU A 1 178 ? 7.486   16.756  7.505   1.00 36.90  ? 178 GLU A N   1 
ATOM   1273 C CA  . GLU A 1 178 ? 8.687   17.377  8.056   1.00 43.29  ? 178 GLU A CA  1 
ATOM   1274 C C   . GLU A 1 178 ? 9.866   16.405  8.074   1.00 44.49  ? 178 GLU A C   1 
ATOM   1275 O O   . GLU A 1 178 ? 11.001  16.792  7.798   1.00 48.68  ? 178 GLU A O   1 
ATOM   1276 C CB  . GLU A 1 178 ? 8.430   17.887  9.479   1.00 46.83  ? 178 GLU A CB  1 
ATOM   1277 C CG  . GLU A 1 178 ? 7.204   18.786  9.638   1.00 63.31  ? 178 GLU A CG  1 
ATOM   1278 C CD  . GLU A 1 178 ? 5.895   18.005  9.702   1.00 70.70  ? 178 GLU A CD  1 
ATOM   1279 O OE1 . GLU A 1 178 ? 5.775   17.103  10.560  1.00 75.80  ? 178 GLU A OE1 1 
ATOM   1280 O OE2 . GLU A 1 178 ? 4.986   18.289  8.891   1.00 71.70  ? 178 GLU A OE2 1 
ATOM   1281 N N   . ASP A 1 179 ? 9.581   15.138  8.364   1.00 42.49  ? 179 ASP A N   1 
ATOM   1282 C CA  . ASP A 1 179 ? 10.616  14.114  8.426   1.00 38.43  ? 179 ASP A CA  1 
ATOM   1283 C C   . ASP A 1 179 ? 11.237  13.784  7.067   1.00 39.62  ? 179 ASP A C   1 
ATOM   1284 O O   . ASP A 1 179 ? 12.435  13.541  6.990   1.00 47.29  ? 179 ASP A O   1 
ATOM   1285 C CB  . ASP A 1 179 ? 10.073  12.840  9.083   1.00 42.34  ? 179 ASP A CB  1 
ATOM   1286 C CG  . ASP A 1 179 ? 9.402   13.109  10.426  1.00 48.61  ? 179 ASP A CG  1 
ATOM   1287 O OD1 . ASP A 1 179 ? 10.085  13.538  11.378  1.00 52.67  ? 179 ASP A OD1 1 
ATOM   1288 O OD2 . ASP A 1 179 ? 8.180   12.889  10.532  1.00 58.68  ? 179 ASP A OD2 1 
ATOM   1289 N N   . THR A 1 180 ? 10.438  13.781  5.998   1.00 37.02  ? 180 THR A N   1 
ATOM   1290 C CA  . THR A 1 180 ? 10.966  13.465  4.665   1.00 30.02  ? 180 THR A CA  1 
ATOM   1291 C C   . THR A 1 180 ? 11.832  14.581  4.076   1.00 32.39  ? 180 THR A C   1 
ATOM   1292 O O   . THR A 1 180 ? 12.682  14.337  3.219   1.00 36.65  ? 180 THR A O   1 
ATOM   1293 C CB  . THR A 1 180 ? 9.846   13.089  3.655   1.00 23.90  ? 180 THR A CB  1 
ATOM   1294 O OG1 . THR A 1 180 ? 8.797   14.064  3.704   1.00 23.67  ? 180 THR A OG1 1 
ATOM   1295 C CG2 . THR A 1 180 ? 9.276   11.720  3.971   1.00 19.90  ? 180 THR A CG2 1 
ATOM   1296 N N   . GLY A 1 181 ? 11.589  15.811  4.511   1.00 32.98  ? 181 GLY A N   1 
ATOM   1297 C CA  . GLY A 1 181 ? 12.378  16.928  4.033   1.00 31.66  ? 181 GLY A CA  1 
ATOM   1298 C C   . GLY A 1 181 ? 12.148  17.364  2.601   1.00 34.12  ? 181 GLY A C   1 
ATOM   1299 O O   . GLY A 1 181 ? 11.064  17.832  2.249   1.00 34.84  ? 181 GLY A O   1 
ATOM   1300 N N   . ALA A 1 182 ? 13.183  17.215  1.778   1.00 35.68  ? 182 ALA A N   1 
ATOM   1301 C CA  . ALA A 1 182 ? 13.137  17.624  0.376   1.00 39.07  ? 182 ALA A CA  1 
ATOM   1302 C C   . ALA A 1 182 ? 12.615  16.582  -0.610  1.00 43.46  ? 182 ALA A C   1 
ATOM   1303 O O   . ALA A 1 182 ? 12.604  16.825  -1.820  1.00 47.93  ? 182 ALA A O   1 
ATOM   1304 C CB  . ALA A 1 182 ? 14.512  18.106  -0.065  1.00 38.43  ? 182 ALA A CB  1 
ATOM   1305 N N   . VAL A 1 183 ? 12.203  15.421  -0.113  1.00 40.24  ? 183 VAL A N   1 
ATOM   1306 C CA  . VAL A 1 183 ? 11.691  14.380  -0.993  1.00 33.94  ? 183 VAL A CA  1 
ATOM   1307 C C   . VAL A 1 183 ? 10.403  13.779  -0.472  1.00 34.76  ? 183 VAL A C   1 
ATOM   1308 O O   . VAL A 1 183 ? 10.027  13.992  0.684   1.00 32.74  ? 183 VAL A O   1 
ATOM   1309 C CB  . VAL A 1 183 ? 12.707  13.223  -1.191  1.00 30.49  ? 183 VAL A CB  1 
ATOM   1310 C CG1 . VAL A 1 183 ? 13.968  13.729  -1.870  1.00 33.83  ? 183 VAL A CG1 1 
ATOM   1311 C CG2 . VAL A 1 183 ? 13.024  12.557  0.139   1.00 23.04  ? 183 VAL A CG2 1 
ATOM   1312 N N   . MET A 1 184 ? 9.718   13.059  -1.357  1.00 32.91  ? 184 MET A N   1 
ATOM   1313 C CA  . MET A 1 184 ? 8.480   12.364  -1.036  1.00 27.81  ? 184 MET A CA  1 
ATOM   1314 C C   . MET A 1 184 ? 8.827   10.893  -1.124  1.00 25.03  ? 184 MET A C   1 
ATOM   1315 O O   . MET A 1 184 ? 9.619   10.494  -1.978  1.00 28.20  ? 184 MET A O   1 
ATOM   1316 C CB  . MET A 1 184 ? 7.388   12.684  -2.057  1.00 28.86  ? 184 MET A CB  1 
ATOM   1317 C CG  . MET A 1 184 ? 6.107   11.892  -1.836  1.00 29.84  ? 184 MET A CG  1 
ATOM   1318 S SD  . MET A 1 184 ? 4.816   12.299  -3.004  1.00 27.89  ? 184 MET A SD  1 
ATOM   1319 C CE  . MET A 1 184 ? 4.085   13.749  -2.235  1.00 21.28  ? 184 MET A CE  1 
ATOM   1320 N N   . ALA A 1 185 ? 8.273   10.093  -0.226  1.00 25.36  ? 185 ALA A N   1 
ATOM   1321 C CA  . ALA A 1 185 ? 8.543   8.663   -0.232  1.00 31.38  ? 185 ALA A CA  1 
ATOM   1322 C C   . ALA A 1 185 ? 7.329   7.886   -0.738  1.00 31.07  ? 185 ALA A C   1 
ATOM   1323 O O   . ALA A 1 185 ? 6.206   8.112   -0.280  1.00 33.78  ? 185 ALA A O   1 
ATOM   1324 C CB  . ALA A 1 185 ? 8.933   8.199   1.163   1.00 32.83  ? 185 ALA A CB  1 
ATOM   1325 N N   . VAL A 1 186 ? 7.550   7.006   -1.708  1.00 27.01  ? 186 VAL A N   1 
ATOM   1326 C CA  . VAL A 1 186 ? 6.476   6.192   -2.266  1.00 26.28  ? 186 VAL A CA  1 
ATOM   1327 C C   . VAL A 1 186 ? 6.821   4.744   -1.995  1.00 24.94  ? 186 VAL A C   1 
ATOM   1328 O O   . VAL A 1 186 ? 7.979   4.347   -2.131  1.00 26.32  ? 186 VAL A O   1 
ATOM   1329 C CB  . VAL A 1 186 ? 6.331   6.403   -3.779  1.00 30.53  ? 186 VAL A CB  1 
ATOM   1330 C CG1 . VAL A 1 186 ? 5.126   5.643   -4.299  1.00 30.67  ? 186 VAL A CG1 1 
ATOM   1331 C CG2 . VAL A 1 186 ? 6.189   7.879   -4.087  1.00 32.45  ? 186 VAL A CG2 1 
ATOM   1332 N N   . LEU A 1 187 ? 5.820   3.948   -1.637  1.00 23.25  ? 187 LEU A N   1 
ATOM   1333 C CA  . LEU A 1 187 ? 6.063   2.547   -1.334  1.00 27.80  ? 187 LEU A CA  1 
ATOM   1334 C C   . LEU A 1 187 ? 5.029   1.588   -1.937  1.00 28.44  ? 187 LEU A C   1 
ATOM   1335 O O   . LEU A 1 187 ? 3.962   1.362   -1.354  1.00 28.74  ? 187 LEU A O   1 
ATOM   1336 C CB  . LEU A 1 187 ? 6.113   2.350   0.189   1.00 31.92  ? 187 LEU A CB  1 
ATOM   1337 C CG  . LEU A 1 187 ? 7.004   1.271   0.823   1.00 32.34  ? 187 LEU A CG  1 
ATOM   1338 C CD1 . LEU A 1 187 ? 6.733   1.232   2.314   1.00 29.04  ? 187 LEU A CD1 1 
ATOM   1339 C CD2 . LEU A 1 187 ? 6.751   -0.099  0.226   1.00 31.81  ? 187 LEU A CD2 1 
ATOM   1340 N N   . PRO A 1 188 ? 5.290   1.090   -3.159  1.00 29.51  ? 188 PRO A N   1 
ATOM   1341 C CA  . PRO A 1 188 ? 4.374   0.148   -3.812  1.00 25.31  ? 188 PRO A CA  1 
ATOM   1342 C C   . PRO A 1 188 ? 4.570   -1.180  -3.094  1.00 25.17  ? 188 PRO A C   1 
ATOM   1343 O O   . PRO A 1 188 ? 5.659   -1.756  -3.135  1.00 29.32  ? 188 PRO A O   1 
ATOM   1344 C CB  . PRO A 1 188 ? 4.929   0.073   -5.239  1.00 20.21  ? 188 PRO A CB  1 
ATOM   1345 C CG  . PRO A 1 188 ? 5.537   1.405   -5.436  1.00 25.89  ? 188 PRO A CG  1 
ATOM   1346 C CD  . PRO A 1 188 ? 6.271   1.598   -4.127  1.00 31.11  ? 188 PRO A CD  1 
ATOM   1347 N N   . LEU A 1 189 ? 3.529   -1.648  -2.418  1.00 24.89  ? 189 LEU A N   1 
ATOM   1348 C CA  . LEU A 1 189 ? 3.589   -2.892  -1.659  1.00 26.46  ? 189 LEU A CA  1 
ATOM   1349 C C   . LEU A 1 189 ? 2.561   -3.917  -2.141  1.00 26.05  ? 189 LEU A C   1 
ATOM   1350 O O   . LEU A 1 189 ? 1.376   -3.612  -2.248  1.00 26.71  ? 189 LEU A O   1 
ATOM   1351 C CB  . LEU A 1 189 ? 3.341   -2.582  -0.181  1.00 26.18  ? 189 LEU A CB  1 
ATOM   1352 C CG  . LEU A 1 189 ? 3.262   -3.737  0.811   1.00 29.64  ? 189 LEU A CG  1 
ATOM   1353 C CD1 . LEU A 1 189 ? 4.642   -4.341  1.008   1.00 35.09  ? 189 LEU A CD1 1 
ATOM   1354 C CD2 . LEU A 1 189 ? 2.710   -3.223  2.129   1.00 31.07  ? 189 LEU A CD2 1 
ATOM   1355 N N   . ALA A 1 190 ? 3.006   -5.139  -2.403  1.00 23.62  ? 190 ALA A N   1 
ATOM   1356 C CA  . ALA A 1 190 ? 2.098   -6.185  -2.854  1.00 20.60  ? 190 ALA A CA  1 
ATOM   1357 C C   . ALA A 1 190 ? 2.371   -7.485  -2.120  1.00 22.00  ? 190 ALA A C   1 
ATOM   1358 O O   . ALA A 1 190 ? 3.514   -7.941  -2.033  1.00 25.60  ? 190 ALA A O   1 
ATOM   1359 C CB  . ALA A 1 190 ? 2.229   -6.391  -4.349  1.00 16.42  ? 190 ALA A CB  1 
ATOM   1360 N N   . PHE A 1 191 ? 1.316   -8.062  -1.566  1.00 22.33  ? 191 PHE A N   1 
ATOM   1361 C CA  . PHE A 1 191 ? 1.413   -9.312  -0.835  1.00 25.28  ? 191 PHE A CA  1 
ATOM   1362 C C   . PHE A 1 191 ? 0.786   -10.451 -1.629  1.00 25.09  ? 191 PHE A C   1 
ATOM   1363 O O   . PHE A 1 191 ? -0.287  -10.293 -2.212  1.00 26.42  ? 191 PHE A O   1 
ATOM   1364 C CB  . PHE A 1 191 ? 0.650   -9.218  0.490   1.00 28.79  ? 191 PHE A CB  1 
ATOM   1365 C CG  . PHE A 1 191 ? 1.312   -8.369  1.532   1.00 29.64  ? 191 PHE A CG  1 
ATOM   1366 C CD1 . PHE A 1 191 ? 2.523   -8.756  2.101   1.00 32.67  ? 191 PHE A CD1 1 
ATOM   1367 C CD2 . PHE A 1 191 ? 0.696   -7.211  1.993   1.00 28.68  ? 191 PHE A CD2 1 
ATOM   1368 C CE1 . PHE A 1 191 ? 3.107   -8.004  3.119   1.00 30.51  ? 191 PHE A CE1 1 
ATOM   1369 C CE2 . PHE A 1 191 ? 1.271   -6.452  3.010   1.00 34.02  ? 191 PHE A CE2 1 
ATOM   1370 C CZ  . PHE A 1 191 ? 2.479   -6.852  3.574   1.00 30.96  ? 191 PHE A CZ  1 
ATOM   1371 N N   . GLU A 1 192 ? 1.460   -11.592 -1.659  1.00 25.93  ? 192 GLU A N   1 
ATOM   1372 C CA  . GLU A 1 192 ? 0.922   -12.778 -2.307  1.00 26.68  ? 192 GLU A CA  1 
ATOM   1373 C C   . GLU A 1 192 ? 0.619   -13.669 -1.113  1.00 26.28  ? 192 GLU A C   1 
ATOM   1374 O O   . GLU A 1 192 ? 1.534   -14.198 -0.483  1.00 32.84  ? 192 GLU A O   1 
ATOM   1375 C CB  . GLU A 1 192 ? 1.954   -13.438 -3.215  1.00 27.27  ? 192 GLU A CB  1 
ATOM   1376 C CG  . GLU A 1 192 ? 2.298   -12.627 -4.453  1.00 38.31  ? 192 GLU A CG  1 
ATOM   1377 C CD  . GLU A 1 192 ? 3.126   -13.409 -5.462  1.00 42.82  ? 192 GLU A CD  1 
ATOM   1378 O OE1 . GLU A 1 192 ? 3.310   -14.634 -5.276  1.00 42.58  ? 192 GLU A OE1 1 
ATOM   1379 O OE2 . GLU A 1 192 ? 3.589   -12.798 -6.449  1.00 43.21  ? 192 GLU A OE2 1 
ATOM   1380 N N   . VAL A 1 193 ? -0.654  -13.760 -0.750  1.00 26.72  ? 193 VAL A N   1 
ATOM   1381 C CA  . VAL A 1 193 ? -1.082  -14.544 0.406   1.00 24.28  ? 193 VAL A CA  1 
ATOM   1382 C C   . VAL A 1 193 ? -1.683  -15.909 0.065   1.00 24.23  ? 193 VAL A C   1 
ATOM   1383 O O   . VAL A 1 193 ? -2.422  -16.051 -0.908  1.00 26.46  ? 193 VAL A O   1 
ATOM   1384 C CB  . VAL A 1 193 ? -2.114  -13.743 1.233   1.00 21.80  ? 193 VAL A CB  1 
ATOM   1385 C CG1 . VAL A 1 193 ? -2.474  -14.482 2.522   1.00 17.25  ? 193 VAL A CG1 1 
ATOM   1386 C CG2 . VAL A 1 193 ? -1.578  -12.355 1.526   1.00 20.17  ? 193 VAL A CG2 1 
ATOM   1387 N N   . SER A 1 194 ? -1.373  -16.900 0.892   1.00 27.88  ? 194 SER A N   1 
ATOM   1388 C CA  . SER A 1 194 ? -1.883  -18.255 0.735   1.00 31.63  ? 194 SER A CA  1 
ATOM   1389 C C   . SER A 1 194 ? -2.219  -18.750 2.144   1.00 33.83  ? 194 SER A C   1 
ATOM   1390 O O   . SER A 1 194 ? -1.411  -18.591 3.068   1.00 34.17  ? 194 SER A O   1 
ATOM   1391 C CB  . SER A 1 194 ? -0.823  -19.148 0.084   1.00 34.16  ? 194 SER A CB  1 
ATOM   1392 O OG  . SER A 1 194 ? -1.269  -20.487 -0.054  1.00 46.17  ? 194 SER A OG  1 
ATOM   1393 N N   . VAL A 1 195 ? -3.424  -19.293 2.316   1.00 31.93  ? 195 VAL A N   1 
ATOM   1394 C CA  . VAL A 1 195 ? -3.879  -19.786 3.615   1.00 32.42  ? 195 VAL A CA  1 
ATOM   1395 C C   . VAL A 1 195 ? -4.397  -21.216 3.501   1.00 36.64  ? 195 VAL A C   1 
ATOM   1396 O O   . VAL A 1 195 ? -5.071  -21.565 2.531   1.00 40.44  ? 195 VAL A O   1 
ATOM   1397 C CB  . VAL A 1 195 ? -5.028  -18.922 4.188   1.00 30.01  ? 195 VAL A CB  1 
ATOM   1398 C CG1 . VAL A 1 195 ? -5.159  -19.155 5.680   1.00 28.27  ? 195 VAL A CG1 1 
ATOM   1399 C CG2 . VAL A 1 195 ? -4.803  -17.457 3.897   1.00 32.99  ? 195 VAL A CG2 1 
ATOM   1400 N N   . ASP A 1 196 ? -4.140  -22.022 4.524   1.00 36.38  ? 196 ASP A N   1 
ATOM   1401 C CA  . ASP A 1 196 ? -4.579  -23.412 4.531   1.00 38.08  ? 196 ASP A CA  1 
ATOM   1402 C C   . ASP A 1 196 ? -6.053  -23.607 4.893   1.00 37.23  ? 196 ASP A C   1 
ATOM   1403 O O   . ASP A 1 196 ? -6.402  -24.582 5.554   1.00 40.23  ? 196 ASP A O   1 
ATOM   1404 C CB  . ASP A 1 196 ? -3.694  -24.244 5.472   1.00 44.61  ? 196 ASP A CB  1 
ATOM   1405 C CG  . ASP A 1 196 ? -3.875  -23.877 6.941   1.00 50.48  ? 196 ASP A CG  1 
ATOM   1406 O OD1 . ASP A 1 196 ? -4.113  -22.688 7.247   1.00 55.93  ? 196 ASP A OD1 1 
ATOM   1407 O OD2 . ASP A 1 196 ? -3.774  -24.783 7.796   1.00 52.65  ? 196 ASP A OD2 1 
ATOM   1408 N N   . VAL A 1 197 ? -6.916  -22.681 4.486   1.00 34.56  ? 197 VAL A N   1 
ATOM   1409 C CA  . VAL A 1 197 ? -8.345  -22.805 4.779   1.00 35.36  ? 197 VAL A CA  1 
ATOM   1410 C C   . VAL A 1 197 ? -9.202  -22.360 3.599   1.00 35.85  ? 197 VAL A C   1 
ATOM   1411 O O   . VAL A 1 197 ? -8.683  -21.885 2.589   1.00 31.18  ? 197 VAL A O   1 
ATOM   1412 C CB  . VAL A 1 197 ? -8.780  -22.026 6.064   1.00 32.82  ? 197 VAL A CB  1 
ATOM   1413 C CG1 . VAL A 1 197 ? -8.137  -22.623 7.301   1.00 32.20  ? 197 VAL A CG1 1 
ATOM   1414 C CG2 . VAL A 1 197 ? -8.436  -20.563 5.949   1.00 37.37  ? 197 VAL A CG2 1 
ATOM   1415 N N   . GLU A 1 198 ? -10.512 -22.547 3.727   1.00 38.89  ? 198 GLU A N   1 
ATOM   1416 C CA  . GLU A 1 198 ? -11.457 -22.177 2.682   1.00 42.13  ? 198 GLU A CA  1 
ATOM   1417 C C   . GLU A 1 198 ? -11.923 -20.732 2.815   1.00 37.81  ? 198 GLU A C   1 
ATOM   1418 O O   . GLU A 1 198 ? -12.193 -20.251 3.918   1.00 31.56  ? 198 GLU A O   1 
ATOM   1419 C CB  . GLU A 1 198 ? -12.660 -23.132 2.686   1.00 48.00  ? 198 GLU A CB  1 
ATOM   1420 C CG  . GLU A 1 198 ? -13.409 -23.209 4.014   1.00 56.17  ? 198 GLU A CG  1 
ATOM   1421 C CD  . GLU A 1 198 ? -14.539 -24.221 3.997   1.00 60.83  ? 198 GLU A CD  1 
ATOM   1422 O OE1 . GLU A 1 198 ? -14.270 -25.405 3.707   1.00 66.80  ? 198 GLU A OE1 1 
ATOM   1423 O OE2 . GLU A 1 198 ? -15.693 -23.836 4.283   1.00 62.39  ? 198 GLU A OE2 1 
ATOM   1424 N N   . LYS A 1 199 ? -12.081 -20.073 1.672   1.00 37.17  ? 199 LYS A N   1 
ATOM   1425 C CA  . LYS A 1 199 ? -12.504 -18.678 1.598   1.00 37.57  ? 199 LYS A CA  1 
ATOM   1426 C C   . LYS A 1 199 ? -13.642 -18.241 2.528   1.00 36.69  ? 199 LYS A C   1 
ATOM   1427 O O   . LYS A 1 199 ? -13.602 -17.135 3.059   1.00 41.35  ? 199 LYS A O   1 
ATOM   1428 C CB  . LYS A 1 199 ? -12.820 -18.304 0.143   1.00 38.92  ? 199 LYS A CB  1 
ATOM   1429 C CG  . LYS A 1 199 ? -13.310 -16.877 -0.048  1.00 38.48  ? 199 LYS A CG  1 
ATOM   1430 C CD  . LYS A 1 199 ? -13.369 -16.482 -1.509  1.00 38.30  ? 199 LYS A CD  1 
ATOM   1431 C CE  . LYS A 1 199 ? -14.499 -15.490 -1.741  1.00 45.58  ? 199 LYS A CE  1 
ATOM   1432 N NZ  . LYS A 1 199 ? -14.480 -14.878 -3.099  1.00 50.23  ? 199 LYS A NZ  1 
ATOM   1433 N N   . GLN A 1 200 ? -14.651 -19.083 2.732   1.00 37.74  ? 200 GLN A N   1 
ATOM   1434 C CA  . GLN A 1 200 ? -15.755 -18.707 3.617   1.00 38.07  ? 200 GLN A CA  1 
ATOM   1435 C C   . GLN A 1 200 ? -15.283 -18.444 5.037   1.00 38.76  ? 200 GLN A C   1 
ATOM   1436 O O   . GLN A 1 200 ? -15.874 -17.636 5.751   1.00 43.97  ? 200 GLN A O   1 
ATOM   1437 C CB  . GLN A 1 200 ? -16.860 -19.765 3.624   1.00 38.90  ? 200 GLN A CB  1 
ATOM   1438 C CG  . GLN A 1 200 ? -17.952 -19.525 2.594   1.00 40.97  ? 200 GLN A CG  1 
ATOM   1439 C CD  . GLN A 1 200 ? -18.711 -18.222 2.816   1.00 39.38  ? 200 GLN A CD  1 
ATOM   1440 O OE1 . GLN A 1 200 ? -19.511 -18.101 3.747   1.00 36.76  ? 200 GLN A OE1 1 
ATOM   1441 N NE2 . GLN A 1 200 ? -18.477 -17.251 1.947   1.00 35.40  ? 200 GLN A NE2 1 
ATOM   1442 N N   . LYS A 1 201 ? -14.232 -19.147 5.451   1.00 37.93  ? 201 LYS A N   1 
ATOM   1443 C CA  . LYS A 1 201 ? -13.668 -18.963 6.783   1.00 38.84  ? 201 LYS A CA  1 
ATOM   1444 C C   . LYS A 1 201 ? -12.744 -17.743 6.783   1.00 34.27  ? 201 LYS A C   1 
ATOM   1445 O O   . LYS A 1 201 ? -12.826 -16.889 7.669   1.00 35.46  ? 201 LYS A O   1 
ATOM   1446 C CB  . LYS A 1 201 ? -12.931 -20.225 7.235   1.00 43.04  ? 201 LYS A CB  1 
ATOM   1447 C CG  . LYS A 1 201 ? -13.875 -21.387 7.504   1.00 51.21  ? 201 LYS A CG  1 
ATOM   1448 C CD  . LYS A 1 201 ? -13.188 -22.551 8.192   1.00 56.73  ? 201 LYS A CD  1 
ATOM   1449 C CE  . LYS A 1 201 ? -14.211 -23.610 8.581   1.00 62.22  ? 201 LYS A CE  1 
ATOM   1450 N NZ  . LYS A 1 201 ? -13.598 -24.768 9.293   1.00 68.75  ? 201 LYS A NZ  1 
ATOM   1451 N N   . VAL A 1 202 ? -11.916 -17.633 5.747   1.00 26.92  ? 202 VAL A N   1 
ATOM   1452 C CA  . VAL A 1 202 ? -10.992 -16.512 5.601   1.00 24.19  ? 202 VAL A CA  1 
ATOM   1453 C C   . VAL A 1 202 ? -11.732 -15.169 5.616   1.00 25.63  ? 202 VAL A C   1 
ATOM   1454 O O   . VAL A 1 202 ? -11.308 -14.224 6.286   1.00 34.68  ? 202 VAL A O   1 
ATOM   1455 C CB  . VAL A 1 202 ? -10.175 -16.625 4.290   1.00 17.38  ? 202 VAL A CB  1 
ATOM   1456 C CG1 . VAL A 1 202 ? -9.347  -15.378 4.068   1.00 26.34  ? 202 VAL A CG1 1 
ATOM   1457 C CG2 . VAL A 1 202 ? -9.266  -17.822 4.346   1.00 13.82  ? 202 VAL A CG2 1 
ATOM   1458 N N   . LEU A 1 203 ? -12.857 -15.100 4.913   1.00 23.92  ? 203 LEU A N   1 
ATOM   1459 C CA  . LEU A 1 203 ? -13.647 -13.872 4.836   1.00 26.43  ? 203 LEU A CA  1 
ATOM   1460 C C   . LEU A 1 203 ? -14.060 -13.314 6.196   1.00 25.00  ? 203 LEU A C   1 
ATOM   1461 O O   . LEU A 1 203 ? -14.272 -12.105 6.335   1.00 22.93  ? 203 LEU A O   1 
ATOM   1462 C CB  . LEU A 1 203 ? -14.903 -14.093 3.984   1.00 28.27  ? 203 LEU A CB  1 
ATOM   1463 C CG  . LEU A 1 203 ? -14.757 -14.337 2.481   1.00 29.05  ? 203 LEU A CG  1 
ATOM   1464 C CD1 . LEU A 1 203 ? -16.137 -14.585 1.880   1.00 32.76  ? 203 LEU A CD1 1 
ATOM   1465 C CD2 . LEU A 1 203 ? -14.089 -13.148 1.809   1.00 19.81  ? 203 LEU A CD2 1 
ATOM   1466 N N   . PHE A 1 204 ? -14.190 -14.188 7.190   1.00 24.84  ? 204 PHE A N   1 
ATOM   1467 C CA  . PHE A 1 204 ? -14.596 -13.761 8.522   1.00 27.25  ? 204 PHE A CA  1 
ATOM   1468 C C   . PHE A 1 204 ? -13.518 -13.910 9.592   1.00 28.89  ? 204 PHE A C   1 
ATOM   1469 O O   . PHE A 1 204 ? -13.812 -14.049 10.779  1.00 30.30  ? 204 PHE A O   1 
ATOM   1470 C CB  . PHE A 1 204 ? -15.896 -14.455 8.924   1.00 26.76  ? 204 PHE A CB  1 
ATOM   1471 C CG  . PHE A 1 204 ? -17.056 -14.086 8.050   1.00 32.28  ? 204 PHE A CG  1 
ATOM   1472 C CD1 . PHE A 1 204 ? -17.801 -12.942 8.312   1.00 32.14  ? 204 PHE A CD1 1 
ATOM   1473 C CD2 . PHE A 1 204 ? -17.364 -14.844 6.924   1.00 34.19  ? 204 PHE A CD2 1 
ATOM   1474 C CE1 . PHE A 1 204 ? -18.832 -12.552 7.464   1.00 33.93  ? 204 PHE A CE1 1 
ATOM   1475 C CE2 . PHE A 1 204 ? -18.392 -14.465 6.070   1.00 37.20  ? 204 PHE A CE2 1 
ATOM   1476 C CZ  . PHE A 1 204 ? -19.128 -13.315 6.340   1.00 39.87  ? 204 PHE A CZ  1 
ATOM   1477 N N   . PHE A 1 205 ? -12.266 -13.845 9.152   1.00 25.67  ? 205 PHE A N   1 
ATOM   1478 C CA  . PHE A 1 205 ? -11.114 -13.929 10.035  1.00 20.98  ? 205 PHE A CA  1 
ATOM   1479 C C   . PHE A 1 205 ? -10.963 -12.652 10.869  1.00 23.78  ? 205 PHE A C   1 
ATOM   1480 O O   . PHE A 1 205 ? -11.220 -11.543 10.393  1.00 26.65  ? 205 PHE A O   1 
ATOM   1481 C CB  . PHE A 1 205 ? -9.848  -14.126 9.206   1.00 13.91  ? 205 PHE A CB  1 
ATOM   1482 C CG  . PHE A 1 205 ? -9.435  -15.554 9.055   1.00 14.26  ? 205 PHE A CG  1 
ATOM   1483 C CD1 . PHE A 1 205 ? -10.205 -16.582 9.596   1.00 16.59  ? 205 PHE A CD1 1 
ATOM   1484 C CD2 . PHE A 1 205 ? -8.245  -15.872 8.404   1.00 11.51  ? 205 PHE A CD2 1 
ATOM   1485 C CE1 . PHE A 1 205 ? -9.795  -17.911 9.490   1.00 16.23  ? 205 PHE A CE1 1 
ATOM   1486 C CE2 . PHE A 1 205 ? -7.827  -17.194 8.293   1.00 16.49  ? 205 PHE A CE2 1 
ATOM   1487 C CZ  . PHE A 1 205 ? -8.603  -18.217 8.839   1.00 18.10  ? 205 PHE A CZ  1 
ATOM   1488 N N   . THR A 1 206 ? -10.519 -12.812 12.107  1.00 24.97  ? 206 THR A N   1 
ATOM   1489 C CA  . THR A 1 206 ? -10.307 -11.684 13.005  1.00 25.94  ? 206 THR A CA  1 
ATOM   1490 C C   . THR A 1 206 ? -8.832  -11.651 13.424  1.00 26.25  ? 206 THR A C   1 
ATOM   1491 O O   . THR A 1 206 ? -8.087  -12.600 13.176  1.00 22.53  ? 206 THR A O   1 
ATOM   1492 C CB  . THR A 1 206 ? -11.202 -11.784 14.260  1.00 23.24  ? 206 THR A CB  1 
ATOM   1493 O OG1 . THR A 1 206 ? -10.888 -12.979 14.983  1.00 29.28  ? 206 THR A OG1 1 
ATOM   1494 C CG2 . THR A 1 206 ? -12.671 -11.805 13.871  1.00 22.61  ? 206 THR A CG2 1 
ATOM   1495 N N   . ILE A 1 207 ? -8.415  -10.554 14.048  1.00 30.13  ? 207 ILE A N   1 
ATOM   1496 C CA  . ILE A 1 207 ? -7.039  -10.377 14.513  1.00 23.90  ? 207 ILE A CA  1 
ATOM   1497 C C   . ILE A 1 207 ? -6.561  -11.533 15.399  1.00 19.63  ? 207 ILE A C   1 
ATOM   1498 O O   . ILE A 1 207 ? -5.364  -11.855 15.434  1.00 20.63  ? 207 ILE A O   1 
ATOM   1499 C CB  . ILE A 1 207 ? -6.911  -9.028  15.278  1.00 26.70  ? 207 ILE A CB  1 
ATOM   1500 C CG1 . ILE A 1 207 ? -6.924  -7.858  14.293  1.00 28.77  ? 207 ILE A CG1 1 
ATOM   1501 C CG2 . ILE A 1 207 ? -5.644  -8.975  16.104  1.00 34.07  ? 207 ILE A CG2 1 
ATOM   1502 C CD1 . ILE A 1 207 ? -5.731  -7.833  13.358  1.00 29.78  ? 207 ILE A CD1 1 
ATOM   1503 N N   . LYS A 1 208 ? -7.507  -12.185 16.069  1.00 14.50  ? 208 LYS A N   1 
ATOM   1504 C CA  . LYS A 1 208 ? -7.204  -13.286 16.975  1.00 20.51  ? 208 LYS A CA  1 
ATOM   1505 C C   . LYS A 1 208 ? -7.135  -14.672 16.332  1.00 26.65  ? 208 LYS A C   1 
ATOM   1506 O O   . LYS A 1 208 ? -6.911  -15.665 17.026  1.00 30.55  ? 208 LYS A O   1 
ATOM   1507 C CB  . LYS A 1 208 ? -8.246  -13.328 18.092  1.00 19.49  ? 208 LYS A CB  1 
ATOM   1508 C CG  . LYS A 1 208 ? -8.459  -12.014 18.825  1.00 26.06  ? 208 LYS A CG  1 
ATOM   1509 C CD  . LYS A 1 208 ? -9.531  -12.182 19.892  1.00 31.29  ? 208 LYS A CD  1 
ATOM   1510 C CE  . LYS A 1 208 ? -9.784  -10.899 20.660  1.00 34.46  ? 208 LYS A CE  1 
ATOM   1511 N NZ  . LYS A 1 208 ? -10.766 -11.119 21.759  1.00 41.22  ? 208 LYS A NZ  1 
ATOM   1512 N N   . ASP A 1 209 ? -7.350  -14.757 15.025  1.00 30.21  ? 209 ASP A N   1 
ATOM   1513 C CA  . ASP A 1 209 ? -7.327  -16.053 14.360  1.00 29.38  ? 209 ASP A CA  1 
ATOM   1514 C C   . ASP A 1 209 ? -5.960  -16.535 13.934  1.00 29.17  ? 209 ASP A C   1 
ATOM   1515 O O   . ASP A 1 209 ? -5.061  -15.741 13.683  1.00 35.43  ? 209 ASP A O   1 
ATOM   1516 C CB  . ASP A 1 209 ? -8.310  -16.083 13.192  1.00 28.38  ? 209 ASP A CB  1 
ATOM   1517 C CG  . ASP A 1 209 ? -9.749  -16.223 13.659  1.00 32.86  ? 209 ASP A CG  1 
ATOM   1518 O OD1 . ASP A 1 209 ? -10.054 -17.206 14.367  1.00 39.10  ? 209 ASP A OD1 1 
ATOM   1519 O OD2 . ASP A 1 209 ? -10.572 -15.346 13.340  1.00 31.28  ? 209 ASP A OD2 1 
ATOM   1520 N N   . SER A 1 210 ? -5.813  -17.851 13.866  1.00 29.97  ? 210 SER A N   1 
ATOM   1521 C CA  . SER A 1 210 ? -4.559  -18.474 13.481  1.00 36.05  ? 210 SER A CA  1 
ATOM   1522 C C   . SER A 1 210 ? -4.763  -19.349 12.247  1.00 38.00  ? 210 SER A C   1 
ATOM   1523 O O   . SER A 1 210 ? -5.869  -19.830 11.991  1.00 40.04  ? 210 SER A O   1 
ATOM   1524 C CB  . SER A 1 210 ? -4.037  -19.342 14.630  1.00 43.49  ? 210 SER A CB  1 
ATOM   1525 O OG  . SER A 1 210 ? -4.016  -18.623 15.852  1.00 56.23  ? 210 SER A OG  1 
ATOM   1526 N N   . ALA A 1 211 ? -3.691  -19.557 11.491  1.00 35.56  ? 211 ALA A N   1 
ATOM   1527 C CA  . ALA A 1 211 ? -3.738  -20.387 10.294  1.00 32.86  ? 211 ALA A CA  1 
ATOM   1528 C C   . ALA A 1 211 ? -2.332  -20.489 9.727   1.00 35.06  ? 211 ALA A C   1 
ATOM   1529 O O   . ALA A 1 211 ? -1.476  -19.652 10.024  1.00 35.99  ? 211 ALA A O   1 
ATOM   1530 C CB  . ALA A 1 211 ? -4.684  -19.781 9.258   1.00 25.76  ? 211 ALA A CB  1 
ATOM   1531 N N   . ARG A 1 212 ? -2.074  -21.563 8.988   1.00 38.24  ? 212 ARG A N   1 
ATOM   1532 C CA  . ARG A 1 212 ? -0.777  -21.770 8.355   1.00 37.11  ? 212 ARG A CA  1 
ATOM   1533 C C   . ARG A 1 212 ? -0.745  -20.780 7.196   1.00 34.29  ? 212 ARG A C   1 
ATOM   1534 O O   . ARG A 1 212 ? -1.573  -20.850 6.286   1.00 35.56  ? 212 ARG A O   1 
ATOM   1535 C CB  . ARG A 1 212 ? -0.657  -23.218 7.865   1.00 43.86  ? 212 ARG A CB  1 
ATOM   1536 C CG  . ARG A 1 212 ? 0.393   -23.485 6.792   1.00 53.33  ? 212 ARG A CG  1 
ATOM   1537 C CD  . ARG A 1 212 ? 1.816   -23.439 7.311   1.00 64.41  ? 212 ARG A CD  1 
ATOM   1538 N NE  . ARG A 1 212 ? 2.744   -23.963 6.310   1.00 76.28  ? 212 ARG A NE  1 
ATOM   1539 C CZ  . ARG A 1 212 ? 4.069   -23.873 6.380   1.00 82.38  ? 212 ARG A CZ  1 
ATOM   1540 N NH1 . ARG A 1 212 ? 4.653   -23.275 7.408   1.00 84.81  ? 212 ARG A NH1 1 
ATOM   1541 N NH2 . ARG A 1 212 ? 4.816   -24.386 5.412   1.00 87.91  ? 212 ARG A NH2 1 
ATOM   1542 N N   . TYR A 1 213 ? 0.148   -19.802 7.299   1.00 31.70  ? 213 TYR A N   1 
ATOM   1543 C CA  . TYR A 1 213 ? 0.292   -18.765 6.294   1.00 27.20  ? 213 TYR A CA  1 
ATOM   1544 C C   . TYR A 1 213 ? 1.573   -18.827 5.485   1.00 31.62  ? 213 TYR A C   1 
ATOM   1545 O O   . TYR A 1 213 ? 2.637   -19.220 5.978   1.00 31.43  ? 213 TYR A O   1 
ATOM   1546 C CB  . TYR A 1 213 ? 0.222   -17.384 6.947   1.00 15.20  ? 213 TYR A CB  1 
ATOM   1547 C CG  . TYR A 1 213 ? -1.169  -16.830 7.105   1.00 13.95  ? 213 TYR A CG  1 
ATOM   1548 C CD1 . TYR A 1 213 ? -1.757  -16.079 6.089   1.00 15.91  ? 213 TYR A CD1 1 
ATOM   1549 C CD2 . TYR A 1 213 ? -1.896  -17.037 8.274   1.00 12.03  ? 213 TYR A CD2 1 
ATOM   1550 C CE1 . TYR A 1 213 ? -3.036  -15.550 6.232   1.00 10.01  ? 213 TYR A CE1 1 
ATOM   1551 C CE2 . TYR A 1 213 ? -3.178  -16.508 8.426   1.00 12.23  ? 213 TYR A CE2 1 
ATOM   1552 C CZ  . TYR A 1 213 ? -3.738  -15.770 7.398   1.00 9.24   ? 213 TYR A CZ  1 
ATOM   1553 O OH  . TYR A 1 213 ? -5.016  -15.286 7.524   1.00 21.40  ? 213 TYR A OH  1 
ATOM   1554 N N   . GLU A 1 214 ? 1.438   -18.436 4.223   1.00 35.64  ? 214 GLU A N   1 
ATOM   1555 C CA  . GLU A 1 214 ? 2.542   -18.340 3.281   1.00 39.87  ? 214 GLU A CA  1 
ATOM   1556 C C   . GLU A 1 214 ? 2.324   -16.936 2.730   1.00 36.85  ? 214 GLU A C   1 
ATOM   1557 O O   . GLU A 1 214 ? 1.283   -16.650 2.131   1.00 37.69  ? 214 GLU A O   1 
ATOM   1558 C CB  A GLU A 1 214 ? 2.432   -19.390 2.174   0.50 42.17  ? 214 GLU A CB  1 
ATOM   1559 C CB  B GLU A 1 214 ? 2.385   -19.362 2.152   0.50 47.85  ? 214 GLU A CB  1 
ATOM   1560 C CG  A GLU A 1 214 ? 3.457   -19.231 1.047   0.50 45.27  ? 214 GLU A CG  1 
ATOM   1561 C CG  B GLU A 1 214 ? 2.550   -20.814 2.567   0.50 56.78  ? 214 GLU A CG  1 
ATOM   1562 C CD  A GLU A 1 214 ? 4.896   -19.183 1.539   0.50 43.64  ? 214 GLU A CD  1 
ATOM   1563 C CD  B GLU A 1 214 ? 3.966   -21.149 3.005   0.50 63.98  ? 214 GLU A CD  1 
ATOM   1564 O OE1 A GLU A 1 214 ? 5.490   -20.260 1.757   0.50 47.80  ? 214 GLU A OE1 1 
ATOM   1565 O OE1 B GLU A 1 214 ? 4.929   -20.605 2.417   0.50 69.84  ? 214 GLU A OE1 1 
ATOM   1566 O OE2 A GLU A 1 214 ? 5.435   -18.067 1.695   0.50 39.98  ? 214 GLU A OE2 1 
ATOM   1567 O OE2 B GLU A 1 214 ? 4.119   -21.954 3.939   0.50 67.99  ? 214 GLU A OE2 1 
ATOM   1568 N N   . VAL A 1 215 ? 3.260   -16.040 3.010   1.00 28.31  ? 215 VAL A N   1 
ATOM   1569 C CA  . VAL A 1 215 ? 3.131   -14.667 2.569   1.00 22.75  ? 215 VAL A CA  1 
ATOM   1570 C C   . VAL A 1 215 ? 4.391   -14.196 1.884   1.00 23.06  ? 215 VAL A C   1 
ATOM   1571 O O   . VAL A 1 215 ? 5.471   -14.234 2.471   1.00 28.55  ? 215 VAL A O   1 
ATOM   1572 C CB  . VAL A 1 215 ? 2.845   -13.715 3.767   1.00 22.41  ? 215 VAL A CB  1 
ATOM   1573 C CG1 . VAL A 1 215 ? 2.816   -12.261 3.304   1.00 17.34  ? 215 VAL A CG1 1 
ATOM   1574 C CG2 . VAL A 1 215 ? 1.530   -14.079 4.441   1.00 22.82  ? 215 VAL A CG2 1 
ATOM   1575 N N   . LYS A 1 216 ? 4.259   -13.794 0.628   1.00 25.37  ? 216 LYS A N   1 
ATOM   1576 C CA  . LYS A 1 216 ? 5.391   -13.267 -0.111  1.00 26.08  ? 216 LYS A CA  1 
ATOM   1577 C C   . LYS A 1 216 ? 5.143   -11.771 -0.209  1.00 23.55  ? 216 LYS A C   1 
ATOM   1578 O O   . LYS A 1 216 ? 3.999   -11.338 -0.364  1.00 24.11  ? 216 LYS A O   1 
ATOM   1579 C CB  . LYS A 1 216 ? 5.507   -13.891 -1.500  1.00 29.27  ? 216 LYS A CB  1 
ATOM   1580 C CG  . LYS A 1 216 ? 6.677   -13.323 -2.284  1.00 38.49  ? 216 LYS A CG  1 
ATOM   1581 C CD  . LYS A 1 216 ? 7.083   -14.194 -3.441  1.00 41.54  ? 216 LYS A CD  1 
ATOM   1582 C CE  . LYS A 1 216 ? 8.287   -13.594 -4.126  1.00 43.39  ? 216 LYS A CE  1 
ATOM   1583 N NZ  . LYS A 1 216 ? 8.739   -14.432 -5.261  1.00 60.38  ? 216 LYS A NZ  1 
ATOM   1584 N N   . MET A 1 217 ? 6.206   -10.986 -0.098  1.00 25.49  ? 217 MET A N   1 
ATOM   1585 C CA  . MET A 1 217 ? 6.089   -9.537  -0.141  1.00 27.08  ? 217 MET A CA  1 
ATOM   1586 C C   . MET A 1 217 ? 6.993   -8.946  -1.216  1.00 27.02  ? 217 MET A C   1 
ATOM   1587 O O   . MET A 1 217 ? 8.142   -9.365  -1.375  1.00 32.40  ? 217 MET A O   1 
ATOM   1588 C CB  . MET A 1 217 ? 6.456   -8.971  1.236   1.00 33.15  ? 217 MET A CB  1 
ATOM   1589 C CG  . MET A 1 217 ? 6.141   -7.505  1.443   1.00 40.73  ? 217 MET A CG  1 
ATOM   1590 S SD  . MET A 1 217 ? 6.451   -6.971  3.148   1.00 36.40  ? 217 MET A SD  1 
ATOM   1591 C CE  . MET A 1 217 ? 7.532   -5.587  2.871   1.00 40.75  ? 217 MET A CE  1 
ATOM   1592 N N   . LYS A 1 218 ? 6.452   -8.007  -1.984  1.00 27.99  ? 218 LYS A N   1 
ATOM   1593 C CA  . LYS A 1 218 ? 7.199   -7.335  -3.047  1.00 27.16  ? 218 LYS A CA  1 
ATOM   1594 C C   . LYS A 1 218 ? 7.039   -5.848  -2.792  1.00 20.02  ? 218 LYS A C   1 
ATOM   1595 O O   . LYS A 1 218 ? 5.922   -5.326  -2.816  1.00 19.80  ? 218 LYS A O   1 
ATOM   1596 C CB  . LYS A 1 218 ? 6.639   -7.718  -4.419  1.00 31.05  ? 218 LYS A CB  1 
ATOM   1597 C CG  . LYS A 1 218 ? 6.890   -9.171  -4.789  1.00 36.06  ? 218 LYS A CG  1 
ATOM   1598 C CD  . LYS A 1 218 ? 6.047   -9.615  -5.974  1.00 50.52  ? 218 LYS A CD  1 
ATOM   1599 C CE  . LYS A 1 218 ? 4.584   -9.760  -5.583  1.00 55.95  ? 218 LYS A CE  1 
ATOM   1600 N NZ  . LYS A 1 218 ? 3.724   -10.120 -6.744  1.00 56.02  ? 218 LYS A NZ  1 
ATOM   1601 N N   . ALA A 1 219 ? 8.150   -5.178  -2.507  1.00 18.92  ? 219 ALA A N   1 
ATOM   1602 C CA  . ALA A 1 219 ? 8.119   -3.757  -2.195  1.00 19.11  ? 219 ALA A CA  1 
ATOM   1603 C C   . ALA A 1 219 ? 9.421   -3.041  -2.507  1.00 21.57  ? 219 ALA A C   1 
ATOM   1604 O O   . ALA A 1 219 ? 10.493  -3.651  -2.571  1.00 22.72  ? 219 ALA A O   1 
ATOM   1605 C CB  . ALA A 1 219 ? 7.786   -3.565  -0.725  1.00 13.19  ? 219 ALA A CB  1 
ATOM   1606 N N   . LEU A 1 220 ? 9.311   -1.734  -2.700  1.00 20.80  ? 220 LEU A N   1 
ATOM   1607 C CA  . LEU A 1 220 ? 10.463  -0.897  -2.966  1.00 19.44  ? 220 LEU A CA  1 
ATOM   1608 C C   . LEU A 1 220 ? 10.085  0.515   -2.562  1.00 22.36  ? 220 LEU A C   1 
ATOM   1609 O O   . LEU A 1 220 ? 8.932   0.923   -2.727  1.00 21.52  ? 220 LEU A O   1 
ATOM   1610 C CB  . LEU A 1 220 ? 10.867  -0.939  -4.442  1.00 18.28  ? 220 LEU A CB  1 
ATOM   1611 C CG  . LEU A 1 220 ? 10.083  -0.132  -5.475  1.00 25.76  ? 220 LEU A CG  1 
ATOM   1612 C CD1 . LEU A 1 220 ? 10.908  -0.021  -6.737  1.00 31.72  ? 220 LEU A CD1 1 
ATOM   1613 C CD2 . LEU A 1 220 ? 8.746   -0.785  -5.764  1.00 34.58  ? 220 LEU A CD2 1 
ATOM   1614 N N   . THR A 1 221 ? 11.027  1.225   -1.952  1.00 27.60  ? 221 THR A N   1 
ATOM   1615 C CA  . THR A 1 221 ? 10.789  2.598   -1.536  1.00 25.49  ? 221 THR A CA  1 
ATOM   1616 C C   . THR A 1 221 ? 11.556  3.520   -2.461  1.00 26.10  ? 221 THR A C   1 
ATOM   1617 O O   . THR A 1 221 ? 12.755  3.344   -2.684  1.00 29.70  ? 221 THR A O   1 
ATOM   1618 C CB  . THR A 1 221 ? 11.236  2.838   -0.092  1.00 18.20  ? 221 THR A CB  1 
ATOM   1619 O OG1 . THR A 1 221 ? 10.715  1.797   0.746   1.00 21.34  ? 221 THR A OG1 1 
ATOM   1620 C CG2 . THR A 1 221 ? 10.716  4.180   0.394   1.00 8.72   ? 221 THR A CG2 1 
ATOM   1621 N N   . LEU A 1 222 ? 10.849  4.493   -3.017  1.00 29.41  ? 222 LEU A N   1 
ATOM   1622 C CA  . LEU A 1 222 ? 11.445  5.448   -3.932  1.00 30.51  ? 222 LEU A CA  1 
ATOM   1623 C C   . LEU A 1 222 ? 11.223  6.865   -3.417  1.00 34.43  ? 222 LEU A C   1 
ATOM   1624 O O   . LEU A 1 222 ? 10.131  7.197   -2.951  1.00 40.89  ? 222 LEU A O   1 
ATOM   1625 C CB  . LEU A 1 222 ? 10.806  5.292   -5.315  1.00 22.60  ? 222 LEU A CB  1 
ATOM   1626 C CG  . LEU A 1 222 ? 11.263  6.266   -6.397  1.00 28.89  ? 222 LEU A CG  1 
ATOM   1627 C CD1 . LEU A 1 222 ? 11.712  5.491   -7.624  1.00 31.68  ? 222 LEU A CD1 1 
ATOM   1628 C CD2 . LEU A 1 222 ? 10.143  7.237   -6.732  1.00 29.52  ? 222 LEU A CD2 1 
ATOM   1629 N N   . VAL A 1 223 ? 12.274  7.673   -3.429  1.00 31.67  ? 223 VAL A N   1 
ATOM   1630 C CA  . VAL A 1 223 ? 12.154  9.056   -2.996  1.00 32.16  ? 223 VAL A CA  1 
ATOM   1631 C C   . VAL A 1 223 ? 12.326  9.935   -4.229  1.00 36.60  ? 223 VAL A C   1 
ATOM   1632 O O   . VAL A 1 223 ? 13.154  9.643   -5.092  1.00 35.94  ? 223 VAL A O   1 
ATOM   1633 C CB  . VAL A 1 223 ? 13.203  9.443   -1.917  1.00 32.17  ? 223 VAL A CB  1 
ATOM   1634 C CG1 . VAL A 1 223 ? 12.947  8.667   -0.630  1.00 29.63  ? 223 VAL A CG1 1 
ATOM   1635 C CG2 . VAL A 1 223 ? 14.622  9.215   -2.430  1.00 24.43  ? 223 VAL A CG2 1 
ATOM   1636 N N   . GLN A 1 224 ? 11.496  10.966  -4.342  1.00 36.84  ? 224 GLN A N   1 
ATOM   1637 C CA  . GLN A 1 224 ? 11.561  11.893  -5.464  1.00 36.35  ? 224 GLN A CA  1 
ATOM   1638 C C   . GLN A 1 224 ? 11.554  13.317  -4.927  1.00 37.70  ? 224 GLN A C   1 
ATOM   1639 O O   . GLN A 1 224 ? 10.847  13.618  -3.963  1.00 39.67  ? 224 GLN A O   1 
ATOM   1640 C CB  . GLN A 1 224 ? 10.371  11.698  -6.394  1.00 35.98  ? 224 GLN A CB  1 
ATOM   1641 C CG  . GLN A 1 224 ? 10.320  12.708  -7.524  1.00 37.01  ? 224 GLN A CG  1 
ATOM   1642 C CD  . GLN A 1 224 ? 9.067   12.579  -8.353  1.00 42.47  ? 224 GLN A CD  1 
ATOM   1643 O OE1 . GLN A 1 224 ? 7.954   12.609  -7.822  1.00 46.04  ? 224 GLN A OE1 1 
ATOM   1644 N NE2 . GLN A 1 224 ? 9.234   12.425  -9.659  1.00 41.18  ? 224 GLN A NE2 1 
ATOM   1645 N N   . ALA A 1 225 ? 12.342  14.188  -5.546  1.00 37.21  ? 225 ALA A N   1 
ATOM   1646 C CA  . ALA A 1 225 ? 12.428  15.577  -5.121  1.00 34.48  ? 225 ALA A CA  1 
ATOM   1647 C C   . ALA A 1 225 ? 11.035  16.185  -5.071  1.00 34.42  ? 225 ALA A C   1 
ATOM   1648 O O   . ALA A 1 225 ? 10.222  15.964  -5.971  1.00 37.16  ? 225 ALA A O   1 
ATOM   1649 C CB  . ALA A 1 225 ? 13.313  16.360  -6.072  1.00 34.93  ? 225 ALA A CB  1 
ATOM   1650 N N   . LEU A 1 226 ? 10.754  16.916  -4.000  1.00 31.55  ? 226 LEU A N   1 
ATOM   1651 C CA  . LEU A 1 226 ? 9.459   17.545  -3.814  1.00 33.98  ? 226 LEU A CA  1 
ATOM   1652 C C   . LEU A 1 226 ? 9.098   18.481  -4.965  1.00 36.87  ? 226 LEU A C   1 
ATOM   1653 O O   . LEU A 1 226 ? 9.918   19.287  -5.410  1.00 36.52  ? 226 LEU A O   1 
ATOM   1654 C CB  . LEU A 1 226 ? 9.437   18.290  -2.483  1.00 37.55  ? 226 LEU A CB  1 
ATOM   1655 C CG  . LEU A 1 226 ? 8.390   17.828  -1.470  1.00 41.79  ? 226 LEU A CG  1 
ATOM   1656 C CD1 . LEU A 1 226 ? 8.352   16.313  -1.394  1.00 40.37  ? 226 LEU A CD1 1 
ATOM   1657 C CD2 . LEU A 1 226 ? 8.696   18.443  -0.113  1.00 43.31  ? 226 LEU A CD2 1 
ATOM   1658 N N   . HIS A 1 227 ? 7.861   18.370  -5.436  1.00 43.10  ? 227 HIS A N   1 
ATOM   1659 C CA  . HIS A 1 227 ? 7.377   19.189  -6.539  1.00 43.20  ? 227 HIS A CA  1 
ATOM   1660 C C   . HIS A 1 227 ? 5.978   19.709  -6.216  1.00 42.44  ? 227 HIS A C   1 
ATOM   1661 O O   . HIS A 1 227 ? 4.992   18.976  -6.305  1.00 45.88  ? 227 HIS A O   1 
ATOM   1662 C CB  . HIS A 1 227 ? 7.362   18.367  -7.829  1.00 41.08  ? 227 HIS A CB  1 
ATOM   1663 C CG  . HIS A 1 227 ? 7.183   19.192  -9.059  1.00 48.94  ? 227 HIS A CG  1 
ATOM   1664 N ND1 . HIS A 1 227 ? 8.231   19.887  -9.611  1.00 53.59  ? 227 HIS A ND1 1 
ATOM   1665 C CD2 . HIS A 1 227 ? 6.047   19.469  -9.746  1.00 55.51  ? 227 HIS A CD2 1 
ATOM   1666 C CE1 . HIS A 1 227 ? 7.716   20.573  -10.612 1.00 56.93  ? 227 HIS A CE1 1 
ATOM   1667 N NE2 . HIS A 1 227 ? 6.397   20.354  -10.735 1.00 63.36  ? 227 HIS A NE2 1 
ATOM   1668 N N   . SER A 1 228 ? 5.906   20.977  -5.831  1.00 39.92  ? 228 SER A N   1 
ATOM   1669 C CA  . SER A 1 228 ? 4.645   21.612  -5.465  1.00 38.72  ? 228 SER A CA  1 
ATOM   1670 C C   . SER A 1 228 ? 3.752   21.877  -6.670  1.00 38.72  ? 228 SER A C   1 
ATOM   1671 O O   . SER A 1 228 ? 4.244   22.209  -7.745  1.00 43.51  ? 228 SER A O   1 
ATOM   1672 C CB  . SER A 1 228 ? 4.928   22.919  -4.722  1.00 35.79  ? 228 SER A CB  1 
ATOM   1673 O OG  . SER A 1 228 ? 3.734   23.552  -4.299  1.00 43.68  ? 228 SER A OG  1 
ATOM   1674 N N   . SER A 1 229 ? 2.441   21.749  -6.476  1.00 38.64  ? 229 SER A N   1 
ATOM   1675 C CA  . SER A 1 229 ? 1.464   21.982  -7.536  1.00 36.44  ? 229 SER A CA  1 
ATOM   1676 C C   . SER A 1 229 ? 0.103   22.397  -6.990  1.00 37.54  ? 229 SER A C   1 
ATOM   1677 O O   . SER A 1 229 ? -0.482  21.701  -6.157  1.00 40.51  ? 229 SER A O   1 
ATOM   1678 C CB  . SER A 1 229 ? 1.292   20.735  -8.401  1.00 36.82  ? 229 SER A CB  1 
ATOM   1679 O OG  . SER A 1 229 ? 0.217   20.907  -9.315  1.00 42.15  ? 229 SER A OG  1 
ATOM   1680 N N   . ASN A 1 230 ? -0.408  23.521  -7.487  1.00 34.31  ? 230 ASN A N   1 
ATOM   1681 C CA  . ASN A 1 230 ? -1.711  24.036  -7.073  1.00 32.51  ? 230 ASN A CA  1 
ATOM   1682 C C   . ASN A 1 230 ? -2.636  24.064  -8.293  1.00 30.53  ? 230 ASN A C   1 
ATOM   1683 O O   . ASN A 1 230 ? -3.331  25.047  -8.551  1.00 27.92  ? 230 ASN A O   1 
ATOM   1684 C CB  . ASN A 1 230 ? -1.564  25.441  -6.474  1.00 32.36  ? 230 ASN A CB  1 
ATOM   1685 C CG  . ASN A 1 230 ? -2.863  25.968  -5.888  1.00 34.56  ? 230 ASN A CG  1 
ATOM   1686 O OD1 . ASN A 1 230 ? -3.749  25.200  -5.510  1.00 37.81  ? 230 ASN A OD1 1 
ATOM   1687 N ND2 . ASN A 1 230 ? -2.981  27.284  -5.807  1.00 37.01  ? 230 ASN A ND2 1 
ATOM   1688 N N   . ALA A 1 231 ? -2.607  22.969  -9.050  1.00 29.60  ? 231 ALA A N   1 
ATOM   1689 C CA  . ALA A 1 231 ? -3.407  22.807  -10.262 1.00 27.04  ? 231 ALA A CA  1 
ATOM   1690 C C   . ALA A 1 231 ? -4.883  22.633  -9.939  1.00 24.80  ? 231 ALA A C   1 
ATOM   1691 O O   . ALA A 1 231 ? -5.240  22.364  -8.794  1.00 28.24  ? 231 ALA A O   1 
ATOM   1692 C CB  . ALA A 1 231 ? -2.907  21.602  -11.041 1.00 24.57  ? 231 ALA A CB  1 
ATOM   1693 N N   . PRO A 1 232 ? -5.766  22.848  -10.929 1.00 27.76  ? 232 PRO A N   1 
ATOM   1694 C CA  . PRO A 1 232 ? -7.211  22.696  -10.716 1.00 30.34  ? 232 PRO A CA  1 
ATOM   1695 C C   . PRO A 1 232 ? -7.488  21.249  -10.310 1.00 32.14  ? 232 PRO A C   1 
ATOM   1696 O O   . PRO A 1 232 ? -7.105  20.312  -11.021 1.00 35.89  ? 232 PRO A O   1 
ATOM   1697 C CB  . PRO A 1 232 ? -7.783  23.018  -12.093 1.00 25.77  ? 232 PRO A CB  1 
ATOM   1698 C CG  . PRO A 1 232 ? -6.835  24.024  -12.612 1.00 26.72  ? 232 PRO A CG  1 
ATOM   1699 C CD  . PRO A 1 232 ? -5.505  23.404  -12.266 1.00 28.04  ? 232 PRO A CD  1 
ATOM   1700 N N   . ILE A 1 233 ? -8.146  21.072  -9.168  1.00 30.15  ? 233 ILE A N   1 
ATOM   1701 C CA  . ILE A 1 233 ? -8.436  19.746  -8.633  1.00 24.94  ? 233 ILE A CA  1 
ATOM   1702 C C   . ILE A 1 233 ? -8.932  18.714  -9.648  1.00 26.79  ? 233 ILE A C   1 
ATOM   1703 O O   . ILE A 1 233 ? -8.473  17.569  -9.640  1.00 28.47  ? 233 ILE A O   1 
ATOM   1704 C CB  . ILE A 1 233 ? -9.373  19.826  -7.406  1.00 17.35  ? 233 ILE A CB  1 
ATOM   1705 C CG1 . ILE A 1 233 ? -9.453  18.464  -6.720  1.00 16.12  ? 233 ILE A CG1 1 
ATOM   1706 C CG2 . ILE A 1 233 ? -10.750 20.334  -7.807  1.00 18.97  ? 233 ILE A CG2 1 
ATOM   1707 C CD1 . ILE A 1 233 ? -10.256 18.478  -5.442  1.00 20.55  ? 233 ILE A CD1 1 
ATOM   1708 N N   . VAL A 1 234 ? -9.818  19.117  -10.554 1.00 28.17  ? 234 VAL A N   1 
ATOM   1709 C CA  . VAL A 1 234 ? -10.331 18.182  -11.554 1.00 30.18  ? 234 VAL A CA  1 
ATOM   1710 C C   . VAL A 1 234 ? -9.215  17.775  -12.512 1.00 31.32  ? 234 VAL A C   1 
ATOM   1711 O O   . VAL A 1 234 ? -9.084  16.601  -12.860 1.00 37.86  ? 234 VAL A O   1 
ATOM   1712 C CB  . VAL A 1 234 ? -11.512 18.771  -12.360 1.00 30.27  ? 234 VAL A CB  1 
ATOM   1713 C CG1 . VAL A 1 234 ? -12.014 17.750  -13.367 1.00 21.09  ? 234 VAL A CG1 1 
ATOM   1714 C CG2 . VAL A 1 234 ? -12.641 19.189  -11.421 1.00 25.39  ? 234 VAL A CG2 1 
ATOM   1715 N N   . ASP A 1 235 ? -8.392  18.740  -12.904 1.00 29.17  ? 235 ASP A N   1 
ATOM   1716 C CA  . ASP A 1 235 ? -7.288  18.469  -13.815 1.00 32.17  ? 235 ASP A CA  1 
ATOM   1717 C C   . ASP A 1 235 ? -6.419  17.380  -13.215 1.00 30.96  ? 235 ASP A C   1 
ATOM   1718 O O   . ASP A 1 235 ? -5.959  16.481  -13.918 1.00 33.68  ? 235 ASP A O   1 
ATOM   1719 C CB  . ASP A 1 235 ? -6.435  19.726  -14.033 1.00 39.38  ? 235 ASP A CB  1 
ATOM   1720 C CG  . ASP A 1 235 ? -7.156  20.808  -14.827 1.00 44.75  ? 235 ASP A CG  1 
ATOM   1721 O OD1 . ASP A 1 235 ? -8.401  20.755  -14.958 1.00 48.93  ? 235 ASP A OD1 1 
ATOM   1722 O OD2 . ASP A 1 235 ? -6.465  21.730  -15.317 1.00 47.47  ? 235 ASP A OD2 1 
ATOM   1723 N N   . ILE A 1 236 ? -6.227  17.449  -11.904 1.00 32.26  ? 236 ILE A N   1 
ATOM   1724 C CA  . ILE A 1 236 ? -5.407  16.469  -11.204 1.00 36.78  ? 236 ILE A CA  1 
ATOM   1725 C C   . ILE A 1 236 ? -5.951  15.051  -11.378 1.00 33.68  ? 236 ILE A C   1 
ATOM   1726 O O   . ILE A 1 236 ? -5.218  14.149  -11.776 1.00 35.22  ? 236 ILE A O   1 
ATOM   1727 C CB  . ILE A 1 236 ? -5.266  16.823  -9.693  1.00 38.34  ? 236 ILE A CB  1 
ATOM   1728 C CG1 . ILE A 1 236 ? -4.490  18.136  -9.538  1.00 36.79  ? 236 ILE A CG1 1 
ATOM   1729 C CG2 . ILE A 1 236 ? -4.553  15.706  -8.939  1.00 36.18  ? 236 ILE A CG2 1 
ATOM   1730 C CD1 . ILE A 1 236 ? -4.287  18.575  -8.112  1.00 34.29  ? 236 ILE A CD1 1 
ATOM   1731 N N   . PHE A 1 237 ? -7.244  14.866  -11.148 1.00 32.93  ? 237 PHE A N   1 
ATOM   1732 C CA  . PHE A 1 237 ? -7.839  13.543  -11.278 1.00 33.03  ? 237 PHE A CA  1 
ATOM   1733 C C   . PHE A 1 237 ? -8.093  13.068  -12.709 1.00 36.40  ? 237 PHE A C   1 
ATOM   1734 O O   . PHE A 1 237 ? -8.557  11.948  -12.917 1.00 43.86  ? 237 PHE A O   1 
ATOM   1735 C CB  . PHE A 1 237 ? -9.099  13.442  -10.419 1.00 29.63  ? 237 PHE A CB  1 
ATOM   1736 C CG  . PHE A 1 237 ? -8.818  13.486  -8.941  1.00 37.17  ? 237 PHE A CG  1 
ATOM   1737 C CD1 . PHE A 1 237 ? -8.745  14.699  -8.266  1.00 37.56  ? 237 PHE A CD1 1 
ATOM   1738 C CD2 . PHE A 1 237 ? -8.582  12.313  -8.231  1.00 36.54  ? 237 PHE A CD2 1 
ATOM   1739 C CE1 . PHE A 1 237 ? -8.440  14.745  -6.905  1.00 34.56  ? 237 PHE A CE1 1 
ATOM   1740 C CE2 . PHE A 1 237 ? -8.275  12.350  -6.870  1.00 36.57  ? 237 PHE A CE2 1 
ATOM   1741 C CZ  . PHE A 1 237 ? -8.204  13.567  -6.208  1.00 31.64  ? 237 PHE A CZ  1 
ATOM   1742 N N   . ASN A 1 238 ? -7.790  13.906  -13.694 1.00 38.68  ? 238 ASN A N   1 
ATOM   1743 C CA  . ASN A 1 238 ? -7.965  13.533  -15.099 1.00 36.00  ? 238 ASN A CA  1 
ATOM   1744 C C   . ASN A 1 238 ? -6.722  12.834  -15.632 1.00 34.82  ? 238 ASN A C   1 
ATOM   1745 O O   . ASN A 1 238 ? -6.746  12.251  -16.719 1.00 42.33  ? 238 ASN A O   1 
ATOM   1746 C CB  . ASN A 1 238 ? -8.249  14.760  -15.969 1.00 40.21  ? 238 ASN A CB  1 
ATOM   1747 C CG  . ASN A 1 238 ? -9.718  15.143  -16.002 1.00 44.31  ? 238 ASN A CG  1 
ATOM   1748 O OD1 . ASN A 1 238 ? -10.095 16.103  -16.673 1.00 47.12  ? 238 ASN A OD1 1 
ATOM   1749 N ND2 . ASN A 1 238 ? -10.556 14.400  -15.287 1.00 51.18  ? 238 ASN A ND2 1 
ATOM   1750 N N   . VAL A 1 239 ? -5.626  12.929  -14.887 1.00 30.08  ? 239 VAL A N   1 
ATOM   1751 C CA  . VAL A 1 239 ? -4.367  12.310  -15.289 1.00 34.32  ? 239 VAL A CA  1 
ATOM   1752 C C   . VAL A 1 239 ? -4.546  10.795  -15.384 1.00 33.13  ? 239 VAL A C   1 
ATOM   1753 O O   . VAL A 1 239 ? -5.171  10.180  -14.522 1.00 34.77  ? 239 VAL A O   1 
ATOM   1754 C CB  . VAL A 1 239 ? -3.228  12.657  -14.287 1.00 36.82  ? 239 VAL A CB  1 
ATOM   1755 C CG1 . VAL A 1 239 ? -1.929  11.972  -14.689 1.00 38.25  ? 239 VAL A CG1 1 
ATOM   1756 C CG2 . VAL A 1 239 ? -3.025  14.170  -14.215 1.00 34.26  ? 239 VAL A CG2 1 
ATOM   1757 N N   . ASN A 1 240 ? -4.015  10.201  -16.445 1.00 34.52  ? 240 ASN A N   1 
ATOM   1758 C CA  . ASN A 1 240 ? -4.131  8.759   -16.637 1.00 34.92  ? 240 ASN A CA  1 
ATOM   1759 C C   . ASN A 1 240 ? -2.832  8.063   -16.278 1.00 33.23  ? 240 ASN A C   1 
ATOM   1760 O O   . ASN A 1 240 ? -1.917  8.694   -15.758 1.00 35.23  ? 240 ASN A O   1 
ATOM   1761 C CB  . ASN A 1 240 ? -4.545  8.431   -18.078 1.00 38.52  ? 240 ASN A CB  1 
ATOM   1762 C CG  . ASN A 1 240 ? -3.592  8.996   -19.127 1.00 42.64  ? 240 ASN A CG  1 
ATOM   1763 O OD1 . ASN A 1 240 ? -3.917  8.997   -20.308 1.00 51.03  ? 240 ASN A OD1 1 
ATOM   1764 N ND2 . ASN A 1 240 ? -2.427  9.474   -18.708 1.00 52.97  ? 240 ASN A ND2 1 
ATOM   1765 N N   . ASN A 1 241 ? -2.729  6.775   -16.584 1.00 27.75  ? 241 ASN A N   1 
ATOM   1766 C CA  . ASN A 1 241 ? -1.521  6.023   -16.266 1.00 25.62  ? 241 ASN A CA  1 
ATOM   1767 C C   . ASN A 1 241 ? -0.528  6.012   -17.424 1.00 27.03  ? 241 ASN A C   1 
ATOM   1768 O O   . ASN A 1 241 ? 0.206   5.042   -17.599 1.00 32.55  ? 241 ASN A O   1 
ATOM   1769 C CB  . ASN A 1 241 ? -1.874  4.576   -15.903 1.00 28.40  ? 241 ASN A CB  1 
ATOM   1770 C CG  . ASN A 1 241 ? -3.006  4.474   -14.899 1.00 29.34  ? 241 ASN A CG  1 
ATOM   1771 O OD1 . ASN A 1 241 ? -3.742  3.493   -14.889 1.00 37.50  ? 241 ASN A OD1 1 
ATOM   1772 N ND2 . ASN A 1 241 ? -3.154  5.483   -14.054 1.00 31.19  ? 241 ASN A ND2 1 
ATOM   1773 N N   . TYR A 1 242 ? -0.477  7.089   -18.199 1.00 31.27  ? 242 TYR A N   1 
ATOM   1774 C CA  . TYR A 1 242 ? 0.421   7.128   -19.349 1.00 33.94  ? 242 TYR A CA  1 
ATOM   1775 C C   . TYR A 1 242 ? 1.250   8.398   -19.422 1.00 41.76  ? 242 TYR A C   1 
ATOM   1776 O O   . TYR A 1 242 ? 0.798   9.465   -19.009 1.00 37.51  ? 242 TYR A O   1 
ATOM   1777 C CB  . TYR A 1 242 ? -0.379  6.925   -20.644 1.00 30.43  ? 242 TYR A CB  1 
ATOM   1778 C CG  . TYR A 1 242 ? -1.035  5.560   -20.729 1.00 28.01  ? 242 TYR A CG  1 
ATOM   1779 C CD1 . TYR A 1 242 ? -2.266  5.312   -20.117 1.00 22.07  ? 242 TYR A CD1 1 
ATOM   1780 C CD2 . TYR A 1 242 ? -0.398  4.500   -21.370 1.00 29.60  ? 242 TYR A CD2 1 
ATOM   1781 C CE1 . TYR A 1 242 ? -2.833  4.043   -20.133 1.00 23.16  ? 242 TYR A CE1 1 
ATOM   1782 C CE2 . TYR A 1 242 ? -0.960  3.225   -21.394 1.00 21.33  ? 242 TYR A CE2 1 
ATOM   1783 C CZ  . TYR A 1 242 ? -2.173  3.005   -20.772 1.00 22.13  ? 242 TYR A CZ  1 
ATOM   1784 O OH  . TYR A 1 242 ? -2.716  1.743   -20.771 1.00 27.63  ? 242 TYR A OH  1 
ATOM   1785 N N   . ASN A 1 243 ? 2.459   8.269   -19.972 1.00 50.39  ? 243 ASN A N   1 
ATOM   1786 C CA  . ASN A 1 243 ? 3.395   9.382   -20.112 1.00 59.07  ? 243 ASN A CA  1 
ATOM   1787 C C   . ASN A 1 243 ? 3.729   9.939   -18.735 1.00 67.73  ? 243 ASN A C   1 
ATOM   1788 O O   . ASN A 1 243 ? 3.397   11.082  -18.412 1.00 68.99  ? 243 ASN A O   1 
ATOM   1789 C CB  . ASN A 1 243 ? 2.813   10.474  -21.013 1.00 59.44  ? 243 ASN A CB  1 
ATOM   1790 C CG  . ASN A 1 243 ? 2.371   9.938   -22.353 1.00 64.96  ? 243 ASN A CG  1 
ATOM   1791 O OD1 . ASN A 1 243 ? 3.155   9.330   -23.074 1.00 71.72  ? 243 ASN A OD1 1 
ATOM   1792 N ND2 . ASN A 1 243 ? 1.109   10.162  -22.692 1.00 68.10  ? 243 ASN A ND2 1 
ATOM   1793 N N   . LEU A 1 244 ? 4.367   9.110   -17.912 1.00 74.80  ? 244 LEU A N   1 
ATOM   1794 C CA  . LEU A 1 244 ? 4.733   9.517   -16.561 1.00 80.57  ? 244 LEU A CA  1 
ATOM   1795 C C   . LEU A 1 244 ? 6.197   9.284   -16.185 1.00 86.93  ? 244 LEU A C   1 
ATOM   1796 O O   . LEU A 1 244 ? 6.704   9.911   -15.249 1.00 90.45  ? 244 LEU A O   1 
ATOM   1797 C CB  . LEU A 1 244 ? 3.805   8.852   -15.535 1.00 73.41  ? 244 LEU A CB  1 
ATOM   1798 C CG  . LEU A 1 244 ? 2.321   9.228   -15.583 1.00 66.32  ? 244 LEU A CG  1 
ATOM   1799 C CD1 . LEU A 1 244 ? 1.569   8.535   -14.472 1.00 64.73  ? 244 LEU A CD1 1 
ATOM   1800 C CD2 . LEU A 1 244 ? 2.150   10.731  -15.470 1.00 63.97  ? 244 LEU A CD2 1 
ATOM   1801 N N   . TYR A 1 245 ? 6.885   8.405   -16.916 1.00 92.35  ? 245 TYR A N   1 
ATOM   1802 C CA  . TYR A 1 245 ? 8.286   8.126   -16.627 1.00 97.47  ? 245 TYR A CA  1 
ATOM   1803 C C   . TYR A 1 245 ? 9.118   8.014   -17.893 1.00 100.85 ? 245 TYR A C   1 
ATOM   1804 O O   . TYR A 1 245 ? 8.668   7.465   -18.894 1.00 100.52 ? 245 TYR A O   1 
ATOM   1805 C CB  . TYR A 1 245 ? 8.436   6.870   -15.752 1.00 99.97  ? 245 TYR A CB  1 
ATOM   1806 C CG  . TYR A 1 245 ? 7.915   5.580   -16.363 1.00 104.01 ? 245 TYR A CG  1 
ATOM   1807 C CD1 . TYR A 1 245 ? 6.561   5.251   -16.291 1.00 108.58 ? 245 TYR A CD1 1 
ATOM   1808 C CD2 . TYR A 1 245 ? 8.783   4.684   -16.986 1.00 105.74 ? 245 TYR A CD2 1 
ATOM   1809 C CE1 . TYR A 1 245 ? 6.084   4.053   -16.823 1.00 112.85 ? 245 TYR A CE1 1 
ATOM   1810 C CE2 . TYR A 1 245 ? 8.315   3.481   -17.523 1.00 110.98 ? 245 TYR A CE2 1 
ATOM   1811 C CZ  . TYR A 1 245 ? 6.965   3.171   -17.438 1.00 114.19 ? 245 TYR A CZ  1 
ATOM   1812 O OH  . TYR A 1 245 ? 6.498   1.982   -17.965 1.00 115.92 ? 245 TYR A OH  1 
HETATM 1813 O O   . HOH B 2 .   ? -5.968  -13.451 5.590   1.00 31.93  ? 260 HOH A O   1 
HETATM 1814 O O   . HOH B 2 .   ? -5.516  5.737   -12.438 1.00 34.77  ? 261 HOH A O   1 
HETATM 1815 O O   . HOH B 2 .   ? -1.196  19.068  -5.521  1.00 31.37  ? 262 HOH A O   1 
HETATM 1816 O O   . HOH B 2 .   ? -6.840  3.603   -5.189  1.00 9.17   ? 263 HOH A O   1 
HETATM 1817 O O   . HOH B 2 .   ? 9.309   -13.684 9.495   1.00 25.29  ? 264 HOH A O   1 
HETATM 1818 O O   . HOH B 2 .   ? -1.290  -2.311  18.659  1.00 43.85  ? 265 HOH A O   1 
HETATM 1819 O O   . HOH B 2 .   ? 8.163   17.721  3.090   1.00 42.67  ? 266 HOH A O   1 
HETATM 1820 O O   . HOH B 2 .   ? 2.318   18.092  -6.428  1.00 36.88  ? 267 HOH A O   1 
HETATM 1821 O O   . HOH B 2 .   ? 1.321   2.640   15.530  1.00 16.06  ? 268 HOH A O   1 
HETATM 1822 O O   . HOH B 2 .   ? -6.114  -2.436  4.092   1.00 33.10  ? 269 HOH A O   1 
HETATM 1823 O O   . HOH B 2 .   ? -8.452  9.404   -11.888 1.00 38.34  ? 270 HOH A O   1 
HETATM 1824 O O   . HOH B 2 .   ? -13.376 -10.283 8.801   1.00 36.33  ? 271 HOH A O   1 
HETATM 1825 O O   . HOH B 2 .   ? 11.077  3.763   9.190   1.00 54.09  ? 272 HOH A O   1 
HETATM 1826 O O   . HOH B 2 .   ? -11.402 -11.460 6.612   1.00 41.43  ? 273 HOH A O   1 
HETATM 1827 O O   . HOH B 2 .   ? -7.898  -2.084  9.485   1.00 44.05  ? 274 HOH A O   1 
HETATM 1828 O O   . HOH B 2 .   ? -3.344  5.527   -8.507  1.00 56.11  ? 275 HOH A O   1 
HETATM 1829 O O   . HOH B 2 .   ? 11.535  -9.523  14.141  1.00 49.47  ? 276 HOH A O   1 
HETATM 1830 O O   . HOH B 2 .   ? -3.920  -1.087  -12.813 1.00 30.90  ? 277 HOH A O   1 
HETATM 1831 O O   . HOH B 2 .   ? -15.191 6.552   0.406   1.00 48.95  ? 278 HOH A O   1 
HETATM 1832 O O   . HOH B 2 .   ? 2.280   16.329  5.698   1.00 38.10  ? 279 HOH A O   1 
HETATM 1833 O O   . HOH B 2 .   ? -4.661  1.559   -18.794 1.00 61.80  ? 280 HOH A O   1 
HETATM 1834 O O   . HOH B 2 .   ? -6.599  8.086   -13.576 1.00 38.79  ? 281 HOH A O   1 
HETATM 1835 O O   . HOH B 2 .   ? 4.048   14.964  9.921   1.00 85.70  ? 282 HOH A O   1 
HETATM 1836 O O   . HOH B 2 .   ? -9.969  -8.036  14.600  1.00 59.28  ? 283 HOH A O   1 
HETATM 1837 O O   . HOH B 2 .   ? -11.789 -8.634  -5.500  1.00 51.67  ? 284 HOH A O   1 
HETATM 1838 O O   . HOH B 2 .   ? -0.717  10.737  -17.297 1.00 30.22  ? 285 HOH A O   1 
HETATM 1839 O O   . HOH B 2 .   ? -13.154 -9.929  -3.658  1.00 40.44  ? 286 HOH A O   1 
HETATM 1840 O O   . HOH B 2 .   ? -11.875 -13.099 17.512  0.50 2.03   ? 287 HOH A O   1 
# 
